data_8EPJ
#
_entry.id   8EPJ
#
_cell.length_a   135.261
_cell.length_b   180.007
_cell.length_c   180.434
_cell.angle_alpha   90.000
_cell.angle_beta   90.000
_cell.angle_gamma   90.000
#
_symmetry.space_group_name_H-M   'I 2 2 2'
#
loop_
_entity.id
_entity.type
_entity.pdbx_description
1 polymer 'Chaetomium alpha glucosidase'
2 non-polymer (2R,3R,4R,5S)-2-(hydroxymethyl)-1-[(3-{[4-(morpholin-4-yl)-2-nitroanilino]methyl}phenyl)methyl]piperidine-3,4,5-triol
3 non-polymer GLYCEROL
4 non-polymer 2-acetamido-2-deoxy-beta-D-glucopyranose
5 non-polymer 'SULFATE ION'
6 non-polymer 2-[BIS-(2-HYDROXY-ETHYL)-AMINO]-2-HYDROXYMETHYL-PROPANE-1,3-DIOL
7 water water
#
_entity_poly.entity_id   1
_entity_poly.type   'polypeptide(L)'
_entity_poly.pdbx_seq_one_letter_code
;MGILPSPGMPALLSLVSLLSVLLMGCVAETGVEGESILHSEIGRLNNQSLLWGPYRPNIYFGTRPRIGKSLMTGLMWGKI
ESYTDFQHTVRYTCEQNEGMKGYGWDEYDPRRGGIQSIHDIQNGLDITTSFVKIPGGAHGGSWAARIKGTLNDDAPKDQK
TIVVFYVSQEGENSELEAVPSENEFGYEGDVILKGRSEALGNYKLVVTKGKGVIPQSDHDLSRLRGPGQTVVQSLTYPDE
VLWQAKPILFQQLKAGIDWLVENKYDVADPPPPWQVYLLANKPGSGNVHIVQKVFEGDFEFDILFSSESAGKEVTSKDLE
REVKQATEVFGERFARVFDLKAPFQGDNYKKFGKSMFSNLIGGIGYFYGHSLVDRSYAPEYDEENEGFWEDAAEARARHQ
EALEGPYELFTSIPSRPFFPRGFLWDEGFHLLPIADWDIDLALEIIKSWYNLMDEDGWIAREQILGAEARSKVPKEFQTQ
YPHYANPPTLFLVLDNFVERLRKNNASQPVVKDNLSLDETLSTASVDNPEVGLEYLRRLYPLLRRQFDWFRKTQAGDIKS
YDREAYSTKEAYRWRGRTVSHCLTSGLDDYPRPQPPHPGELHVDLMSWVGVMVKSLISIGSLLGATEDVEFYTKVLDAIE
HNLDDLHWSEKEGCYCDATIDEFEEHKLVCHKGYISLFPFLTGLLKPDSPKLGKLLALIGDESELWSPYGLRSLSKKDEF
YGTAENYWRSPVWININYLAIVQLYNIATQDGPYKETARDLYTRLRKNIVETVYRNWEETGFAWEQYNPETGKGQRTQHF
TGWTSLVVKIMSGHHHHHH
;
_entity_poly.pdbx_strand_id   A,B
#
# COMPACT_ATOMS: atom_id res chain seq x y z
N LEU A 38 -15.54 30.69 -8.70
CA LEU A 38 -14.60 31.05 -9.80
C LEU A 38 -13.45 30.02 -9.85
N HIS A 39 -12.95 29.56 -8.70
CA HIS A 39 -11.92 28.48 -8.59
C HIS A 39 -12.44 27.23 -9.30
N SER A 40 -13.66 26.76 -8.96
CA SER A 40 -14.41 25.68 -9.65
C SER A 40 -14.38 25.88 -11.18
N GLU A 41 -14.75 27.08 -11.63
CA GLU A 41 -14.90 27.43 -13.06
C GLU A 41 -13.54 27.27 -13.76
N ILE A 42 -12.46 27.85 -13.19
CA ILE A 42 -11.07 27.83 -13.72
C ILE A 42 -10.59 26.36 -13.77
N GLY A 43 -10.87 25.60 -12.73
CA GLY A 43 -10.72 24.13 -12.71
C GLY A 43 -11.29 23.49 -13.96
N ARG A 44 -12.61 23.61 -14.20
CA ARG A 44 -13.31 22.97 -15.34
C ARG A 44 -12.63 23.40 -16.64
N LEU A 45 -12.23 24.66 -16.74
CA LEU A 45 -11.70 25.24 -18.00
C LEU A 45 -10.27 24.72 -18.24
N ASN A 46 -9.48 24.52 -17.19
CA ASN A 46 -8.10 23.95 -17.26
C ASN A 46 -8.19 22.46 -17.66
N ASN A 47 -9.09 21.67 -17.06
CA ASN A 47 -9.35 20.26 -17.47
C ASN A 47 -9.64 20.20 -18.96
N GLN A 48 -10.60 20.99 -19.43
CA GLN A 48 -11.08 20.95 -20.84
C GLN A 48 -9.94 21.41 -21.75
N SER A 49 -9.22 22.47 -21.38
CA SER A 49 -8.06 22.98 -22.15
C SER A 49 -7.01 21.86 -22.28
N LEU A 50 -6.68 21.14 -21.21
CA LEU A 50 -5.43 20.33 -21.13
C LEU A 50 -5.73 18.84 -21.37
N LEU A 51 -6.98 18.47 -21.61
CA LEU A 51 -7.40 17.04 -21.63
C LEU A 51 -6.58 16.26 -22.66
N TRP A 52 -6.56 16.73 -23.93
CA TRP A 52 -5.90 16.04 -25.08
C TRP A 52 -4.48 16.57 -25.27
N GLY A 53 -3.56 15.66 -25.59
CA GLY A 53 -2.21 16.02 -26.07
C GLY A 53 -1.47 14.83 -26.63
N PRO A 54 -0.23 15.06 -27.13
CA PRO A 54 0.67 13.98 -27.49
C PRO A 54 1.40 13.55 -26.23
N TYR A 55 0.65 13.06 -25.26
CA TYR A 55 1.06 12.86 -23.84
C TYR A 55 1.72 11.49 -23.69
N ARG A 56 2.37 11.02 -24.75
CA ARG A 56 3.11 9.74 -24.79
C ARG A 56 4.56 10.03 -25.17
N PRO A 57 5.32 10.72 -24.31
CA PRO A 57 6.67 11.13 -24.67
C PRO A 57 7.64 9.94 -24.78
N ASN A 58 7.26 8.76 -24.26
CA ASN A 58 8.06 7.51 -24.40
C ASN A 58 8.08 7.05 -25.86
N ILE A 59 7.14 7.48 -26.72
CA ILE A 59 7.15 7.11 -28.17
C ILE A 59 7.36 8.36 -29.04
N TYR A 60 7.84 8.16 -30.26
CA TYR A 60 8.17 9.26 -31.20
C TYR A 60 6.94 10.14 -31.39
N PHE A 61 5.80 9.53 -31.68
CA PHE A 61 4.53 10.27 -31.85
C PHE A 61 3.34 9.38 -31.50
N GLY A 62 2.53 9.90 -30.57
CA GLY A 62 1.24 9.30 -30.19
C GLY A 62 0.44 10.31 -29.39
N THR A 63 -0.86 10.06 -29.25
CA THR A 63 -1.78 10.91 -28.47
C THR A 63 -2.51 10.06 -27.44
N ARG A 64 -2.87 10.68 -26.33
CA ARG A 64 -3.80 10.13 -25.32
C ARG A 64 -4.38 11.30 -24.55
N PRO A 65 -5.62 11.15 -24.04
CA PRO A 65 -6.18 12.12 -23.12
C PRO A 65 -5.77 11.85 -21.67
N ARG A 66 -5.94 12.85 -20.80
CA ARG A 66 -5.66 12.70 -19.36
C ARG A 66 -6.76 11.84 -18.72
N ILE A 67 -6.95 10.62 -19.24
CA ILE A 67 -7.95 9.62 -18.76
C ILE A 67 -7.25 8.26 -18.79
N GLY A 68 -7.33 7.50 -17.71
CA GLY A 68 -6.57 6.24 -17.55
C GLY A 68 -6.88 5.26 -18.67
N LYS A 69 -8.16 4.99 -18.90
CA LYS A 69 -8.65 3.90 -19.79
C LYS A 69 -9.48 4.52 -20.92
N SER A 70 -8.85 4.76 -22.06
CA SER A 70 -9.47 5.54 -23.16
C SER A 70 -8.72 5.30 -24.49
N LEU A 71 -8.84 6.28 -25.39
CA LEU A 71 -8.35 6.22 -26.78
C LEU A 71 -6.88 6.62 -26.79
N MET A 72 -5.99 5.77 -27.31
CA MET A 72 -4.55 6.10 -27.52
C MET A 72 -4.20 5.85 -28.99
N THR A 73 -3.31 6.68 -29.54
CA THR A 73 -2.79 6.54 -30.92
C THR A 73 -1.27 6.44 -30.83
N GLY A 74 -0.68 5.76 -31.81
CA GLY A 74 0.79 5.64 -31.94
C GLY A 74 1.20 5.54 -33.39
N LEU A 75 2.32 6.15 -33.72
CA LEU A 75 2.89 6.14 -35.08
C LEU A 75 4.03 5.13 -35.16
N MET A 76 4.07 4.30 -36.21
CA MET A 76 5.24 3.47 -36.53
C MET A 76 5.68 3.72 -37.99
N TRP A 77 6.99 3.62 -38.26
CA TRP A 77 7.52 3.63 -39.66
C TRP A 77 8.83 2.86 -39.77
N GLY A 78 9.11 2.31 -40.95
CA GLY A 78 10.43 1.74 -41.27
C GLY A 78 10.58 1.49 -42.77
N LYS A 79 11.80 1.63 -43.29
CA LYS A 79 12.09 1.18 -44.67
C LYS A 79 11.99 -0.34 -44.69
N ILE A 80 11.67 -0.88 -45.87
CA ILE A 80 11.70 -2.33 -46.15
C ILE A 80 12.47 -2.53 -47.47
N GLU A 81 13.64 -3.12 -47.39
CA GLU A 81 14.55 -3.39 -48.53
C GLU A 81 14.71 -4.89 -48.73
N SER A 82 14.35 -5.71 -47.75
CA SER A 82 14.51 -7.18 -47.81
C SER A 82 13.30 -7.85 -47.13
N TYR A 83 13.33 -9.17 -47.05
CA TYR A 83 12.27 -10.00 -46.44
C TYR A 83 12.43 -9.99 -44.92
N THR A 84 13.54 -9.47 -44.39
CA THR A 84 13.85 -9.63 -42.94
C THR A 84 14.25 -8.33 -42.25
N ASP A 85 14.26 -7.18 -42.93
CA ASP A 85 14.84 -5.93 -42.38
C ASP A 85 13.79 -5.11 -41.59
N PHE A 86 12.49 -5.25 -41.86
CA PHE A 86 11.45 -4.33 -41.31
C PHE A 86 11.45 -4.47 -39.77
N GLN A 87 11.56 -5.69 -39.27
CA GLN A 87 11.57 -5.96 -37.81
C GLN A 87 12.70 -5.15 -37.18
N HIS A 88 13.78 -4.85 -37.91
CA HIS A 88 15.00 -4.18 -37.40
C HIS A 88 14.93 -2.68 -37.65
N THR A 89 14.16 -2.20 -38.63
CA THR A 89 14.13 -0.76 -39.03
C THR A 89 12.98 -0.03 -38.33
N VAL A 90 11.92 -0.76 -37.96
CA VAL A 90 10.65 -0.10 -37.55
C VAL A 90 10.90 0.73 -36.29
N ARG A 91 10.32 1.91 -36.24
CA ARG A 91 10.48 2.87 -35.13
C ARG A 91 9.16 2.87 -34.36
N TYR A 92 9.21 2.90 -33.04
CA TYR A 92 8.03 3.16 -32.19
C TYR A 92 8.48 3.91 -30.93
N THR A 93 9.21 3.25 -30.03
CA THR A 93 9.61 3.84 -28.74
C THR A 93 10.90 4.64 -28.94
N CYS A 94 11.05 5.74 -28.20
CA CYS A 94 12.20 6.68 -28.32
C CYS A 94 13.50 5.95 -27.94
N GLU A 95 14.54 6.06 -28.78
CA GLU A 95 15.91 5.59 -28.46
C GLU A 95 16.90 6.67 -28.87
N GLN A 96 18.18 6.46 -28.61
CA GLN A 96 19.24 7.32 -29.18
C GLN A 96 20.47 6.45 -29.38
N ASN A 97 20.88 6.29 -30.63
CA ASN A 97 22.05 5.49 -31.06
C ASN A 97 22.56 6.11 -32.36
N GLU A 98 23.56 5.49 -33.00
CA GLU A 98 24.23 6.02 -34.23
C GLU A 98 23.22 6.06 -35.39
N GLY A 99 22.09 5.34 -35.31
CA GLY A 99 21.07 5.23 -36.38
C GLY A 99 20.03 6.33 -36.36
N MET A 100 20.06 7.21 -35.35
CA MET A 100 19.13 8.36 -35.21
C MET A 100 19.96 9.63 -35.05
N LYS A 101 19.93 10.55 -36.00
CA LYS A 101 20.71 11.80 -35.87
C LYS A 101 20.19 12.62 -34.69
N GLY A 102 18.87 12.79 -34.60
CA GLY A 102 18.22 13.47 -33.47
C GLY A 102 16.72 13.58 -33.69
N TYR A 103 16.03 14.18 -32.72
CA TYR A 103 14.59 14.47 -32.78
C TYR A 103 14.23 15.37 -31.59
N GLY A 104 13.04 15.96 -31.64
CA GLY A 104 12.62 16.96 -30.65
C GLY A 104 11.56 17.90 -31.22
N TRP A 105 10.94 18.65 -30.32
CA TRP A 105 9.90 19.66 -30.62
C TRP A 105 10.60 20.97 -30.97
N ASP A 106 10.28 21.54 -32.13
CA ASP A 106 10.77 22.87 -32.54
C ASP A 106 9.93 23.92 -31.82
N GLU A 107 8.65 23.61 -31.61
CA GLU A 107 7.68 24.45 -30.87
C GLU A 107 6.72 23.53 -30.16
N TYR A 108 6.29 23.88 -28.94
CA TYR A 108 5.20 23.15 -28.26
C TYR A 108 4.57 24.02 -27.18
N ASP A 109 3.25 23.89 -27.10
CA ASP A 109 2.40 24.35 -25.98
C ASP A 109 1.30 23.31 -25.82
N PRO A 110 1.15 22.67 -24.65
CA PRO A 110 0.18 21.58 -24.50
C PRO A 110 -1.29 22.01 -24.68
N ARG A 111 -1.61 23.29 -24.52
CA ARG A 111 -2.98 23.84 -24.79
C ARG A 111 -3.26 23.87 -26.30
N ARG A 112 -2.25 24.15 -27.13
CA ARG A 112 -2.39 24.47 -28.58
C ARG A 112 -1.83 23.35 -29.47
N GLY A 113 -0.70 22.76 -29.06
CA GLY A 113 -0.01 21.71 -29.84
C GLY A 113 1.39 22.14 -30.21
N GLY A 114 1.97 21.50 -31.24
CA GLY A 114 3.37 21.77 -31.60
C GLY A 114 3.75 21.11 -32.91
N ILE A 115 5.02 21.31 -33.30
CA ILE A 115 5.68 20.65 -34.46
C ILE A 115 6.95 19.97 -33.95
N GLN A 116 7.08 18.68 -34.26
CA GLN A 116 8.24 17.83 -33.92
C GLN A 116 8.98 17.46 -35.21
N SER A 117 10.32 17.50 -35.15
CA SER A 117 11.26 17.04 -36.21
C SER A 117 11.96 15.76 -35.77
N ILE A 118 11.95 14.74 -36.63
CA ILE A 118 12.68 13.47 -36.40
C ILE A 118 13.65 13.27 -37.57
N HIS A 119 14.94 13.11 -37.28
CA HIS A 119 16.01 12.91 -38.29
C HIS A 119 16.54 11.47 -38.16
N ASP A 120 16.04 10.57 -38.99
CA ASP A 120 16.28 9.11 -38.92
C ASP A 120 17.31 8.73 -40.00
N ILE A 121 18.52 8.37 -39.58
CA ILE A 121 19.64 8.01 -40.49
C ILE A 121 19.38 6.61 -41.04
N GLN A 122 19.01 5.66 -40.17
CA GLN A 122 18.79 4.25 -40.56
C GLN A 122 17.74 4.17 -41.66
N ASN A 123 16.63 4.90 -41.53
CA ASN A 123 15.46 4.82 -42.44
C ASN A 123 15.53 5.92 -43.51
N GLY A 124 16.61 6.72 -43.55
CA GLY A 124 16.84 7.74 -44.61
C GLY A 124 15.75 8.79 -44.67
N LEU A 125 15.16 9.14 -43.52
CA LEU A 125 13.91 9.94 -43.47
C LEU A 125 14.05 11.16 -42.54
N ASP A 126 13.58 12.31 -43.01
CA ASP A 126 13.28 13.50 -42.16
C ASP A 126 11.75 13.58 -42.00
N ILE A 127 11.27 13.38 -40.78
CA ILE A 127 9.82 13.33 -40.47
C ILE A 127 9.45 14.58 -39.67
N THR A 128 8.27 15.13 -39.98
CA THR A 128 7.61 16.25 -39.26
C THR A 128 6.25 15.73 -38.77
N THR A 129 5.99 15.82 -37.48
CA THR A 129 4.67 15.53 -36.86
C THR A 129 4.16 16.82 -36.26
N SER A 130 3.17 17.42 -36.92
CA SER A 130 2.48 18.66 -36.48
C SER A 130 1.21 18.22 -35.78
N PHE A 131 1.01 18.68 -34.56
CA PHE A 131 -0.18 18.35 -33.74
C PHE A 131 -0.84 19.66 -33.33
N VAL A 132 -2.17 19.72 -33.40
CA VAL A 132 -2.89 20.98 -33.09
C VAL A 132 -4.23 20.65 -32.42
N LYS A 133 -4.59 21.40 -31.39
CA LYS A 133 -5.86 21.20 -30.66
C LYS A 133 -6.89 22.23 -31.13
N ILE A 134 -8.13 21.79 -31.34
CA ILE A 134 -9.28 22.64 -31.76
C ILE A 134 -10.34 22.54 -30.68
N PRO A 135 -10.47 23.58 -29.83
CA PRO A 135 -11.44 23.59 -28.74
C PRO A 135 -12.90 23.50 -29.22
N GLY A 136 -13.76 22.81 -28.45
CA GLY A 136 -15.23 22.88 -28.61
C GLY A 136 -15.91 21.68 -28.02
N GLY A 137 -17.23 21.76 -27.83
CA GLY A 137 -18.05 20.65 -27.32
C GLY A 137 -17.80 20.46 -25.83
N ALA A 138 -18.14 19.29 -25.29
CA ALA A 138 -18.17 19.04 -23.84
C ALA A 138 -17.12 18.01 -23.41
N HIS A 139 -16.22 17.56 -24.30
CA HIS A 139 -15.39 16.33 -24.06
C HIS A 139 -13.90 16.60 -24.27
N GLY A 140 -13.47 17.85 -24.13
CA GLY A 140 -12.05 18.25 -24.20
C GLY A 140 -11.62 18.58 -25.62
N GLY A 141 -12.58 18.61 -26.55
CA GLY A 141 -12.38 19.16 -27.89
C GLY A 141 -11.83 18.15 -28.86
N SER A 142 -11.25 18.67 -29.94
CA SER A 142 -10.83 17.97 -31.17
C SER A 142 -9.33 18.21 -31.37
N TRP A 143 -8.70 17.40 -32.23
CA TRP A 143 -7.25 17.53 -32.52
C TRP A 143 -6.94 16.97 -33.90
N ALA A 144 -5.80 17.37 -34.42
CA ALA A 144 -5.33 16.98 -35.76
C ALA A 144 -3.82 16.89 -35.74
N ALA A 145 -3.30 16.01 -36.58
CA ALA A 145 -1.86 15.80 -36.77
C ALA A 145 -1.59 15.60 -38.26
N ARG A 146 -0.50 16.18 -38.74
CA ARG A 146 0.06 15.90 -40.07
C ARG A 146 1.37 15.17 -39.87
N ILE A 147 1.50 14.02 -40.51
CA ILE A 147 2.76 13.24 -40.58
C ILE A 147 3.41 13.50 -41.94
N LYS A 148 4.61 14.08 -41.99
CA LYS A 148 5.32 14.33 -43.25
C LYS A 148 6.68 13.62 -43.24
N GLY A 149 6.92 12.75 -44.22
CA GLY A 149 8.21 12.04 -44.43
C GLY A 149 8.91 12.51 -45.70
N THR A 150 10.12 13.04 -45.57
CA THR A 150 10.97 13.46 -46.72
C THR A 150 12.23 12.61 -46.70
N LEU A 151 12.50 11.81 -47.74
CA LEU A 151 13.74 11.03 -47.90
C LEU A 151 14.93 12.02 -47.87
N ASN A 152 16.01 11.67 -47.18
CA ASN A 152 17.23 12.50 -47.15
C ASN A 152 17.98 12.23 -48.46
N ASP A 153 19.07 12.97 -48.68
CA ASP A 153 19.87 12.94 -49.93
C ASP A 153 20.47 11.55 -50.12
N ASP A 154 20.82 10.86 -49.03
CA ASP A 154 21.53 9.55 -49.08
C ASP A 154 20.56 8.41 -49.44
N ALA A 155 19.26 8.60 -49.27
CA ALA A 155 18.30 7.47 -49.39
C ALA A 155 18.10 7.18 -50.87
N PRO A 156 17.88 5.91 -51.27
CA PRO A 156 17.40 5.61 -52.62
C PRO A 156 16.09 6.38 -52.85
N LYS A 157 15.97 7.05 -54.00
CA LYS A 157 14.80 7.88 -54.39
C LYS A 157 13.52 7.04 -54.39
N ASP A 158 13.62 5.73 -54.63
CA ASP A 158 12.44 4.83 -54.70
C ASP A 158 12.31 4.01 -53.42
N GLN A 159 12.94 4.42 -52.31
CA GLN A 159 12.80 3.68 -51.02
C GLN A 159 11.32 3.41 -50.72
N LYS A 160 11.01 2.19 -50.32
CA LYS A 160 9.69 1.81 -49.77
C LYS A 160 9.72 1.95 -48.23
N THR A 161 8.79 2.75 -47.71
CA THR A 161 8.59 3.00 -46.27
C THR A 161 7.20 2.50 -45.88
N ILE A 162 7.13 1.60 -44.91
CA ILE A 162 5.87 1.17 -44.24
C ILE A 162 5.56 2.17 -43.11
N VAL A 163 4.31 2.58 -43.06
CA VAL A 163 3.80 3.51 -42.02
C VAL A 163 2.55 2.87 -41.45
N VAL A 164 2.48 2.85 -40.13
CA VAL A 164 1.38 2.29 -39.34
C VAL A 164 0.91 3.38 -38.36
N PHE A 165 -0.40 3.60 -38.34
CA PHE A 165 -1.09 4.36 -37.28
C PHE A 165 -1.87 3.34 -36.47
N TYR A 166 -1.49 3.18 -35.20
CA TYR A 166 -2.03 2.18 -34.26
C TYR A 166 -3.00 2.91 -33.34
N VAL A 167 -4.26 2.48 -33.30
CA VAL A 167 -5.32 3.06 -32.43
C VAL A 167 -5.83 1.97 -31.49
N SER A 168 -5.90 2.24 -30.18
CA SER A 168 -6.40 1.30 -29.15
C SER A 168 -7.43 2.03 -28.28
N GLN A 169 -8.38 1.32 -27.68
CA GLN A 169 -9.37 1.88 -26.73
C GLN A 169 -9.64 0.89 -25.60
N GLU A 170 -9.35 1.32 -24.37
CA GLU A 170 -9.66 0.63 -23.09
C GLU A 170 -10.97 1.22 -22.53
N GLY A 171 -11.73 0.42 -21.76
CA GLY A 171 -13.05 0.78 -21.19
C GLY A 171 -14.07 -0.32 -21.43
N GLU A 172 -14.88 -0.70 -20.43
CA GLU A 172 -15.74 -1.92 -20.47
C GLU A 172 -16.95 -1.72 -21.40
N ASN A 173 -17.41 -0.47 -21.59
CA ASN A 173 -18.65 -0.10 -22.32
C ASN A 173 -18.36 1.03 -23.31
N SER A 174 -17.30 0.88 -24.11
CA SER A 174 -16.91 1.81 -25.19
C SER A 174 -16.84 1.03 -26.49
N GLU A 175 -16.87 1.72 -27.62
CA GLU A 175 -16.85 1.02 -28.92
C GLU A 175 -16.06 1.86 -29.93
N LEU A 176 -15.43 1.17 -30.89
CA LEU A 176 -14.63 1.76 -31.98
C LEU A 176 -14.75 0.83 -33.18
N GLU A 177 -15.08 1.39 -34.34
CA GLU A 177 -15.40 0.61 -35.56
C GLU A 177 -14.76 1.30 -36.77
N ALA A 178 -14.06 0.55 -37.61
CA ALA A 178 -13.61 1.02 -38.93
C ALA A 178 -14.77 0.84 -39.92
N VAL A 179 -15.22 1.92 -40.55
CA VAL A 179 -16.17 1.87 -41.70
C VAL A 179 -15.47 1.16 -42.86
N PRO A 180 -16.02 0.05 -43.38
CA PRO A 180 -15.42 -0.65 -44.52
C PRO A 180 -15.21 0.28 -45.74
N SER A 181 -14.28 -0.10 -46.62
CA SER A 181 -14.07 0.62 -47.91
C SER A 181 -15.11 0.12 -48.90
N GLU A 182 -15.38 0.88 -49.97
CA GLU A 182 -16.19 0.43 -51.13
C GLU A 182 -15.39 -0.65 -51.87
N ASN A 183 -14.06 -0.47 -51.95
CA ASN A 183 -13.11 -1.28 -52.79
C ASN A 183 -12.88 -2.68 -52.18
N GLU A 184 -12.36 -3.62 -52.97
CA GLU A 184 -12.27 -5.07 -52.62
C GLU A 184 -11.26 -5.33 -51.48
N PHE A 185 -10.06 -4.75 -51.58
CA PHE A 185 -8.81 -5.21 -50.92
C PHE A 185 -8.29 -4.17 -49.92
N GLY A 186 -8.95 -3.01 -49.79
CA GLY A 186 -8.49 -1.93 -48.91
C GLY A 186 -9.08 -0.61 -49.31
N TYR A 187 -8.34 0.48 -49.10
CA TYR A 187 -8.87 1.86 -49.15
C TYR A 187 -8.10 2.63 -50.22
N GLU A 188 -8.83 3.28 -51.12
CA GLU A 188 -8.28 4.24 -52.12
C GLU A 188 -8.23 5.63 -51.47
N GLY A 189 -9.10 5.88 -50.48
CA GLY A 189 -9.18 7.19 -49.83
C GLY A 189 -8.94 7.13 -48.33
N ASP A 190 -9.72 7.93 -47.60
CA ASP A 190 -9.62 8.16 -46.14
C ASP A 190 -10.07 6.88 -45.42
N VAL A 191 -9.53 6.59 -44.24
CA VAL A 191 -10.05 5.52 -43.33
C VAL A 191 -10.84 6.22 -42.23
N ILE A 192 -12.07 5.78 -41.96
CA ILE A 192 -12.92 6.43 -40.92
C ILE A 192 -13.17 5.43 -39.79
N LEU A 193 -12.74 5.78 -38.57
CA LEU A 193 -13.08 5.06 -37.32
C LEU A 193 -14.18 5.86 -36.61
N LYS A 194 -15.24 5.16 -36.22
CA LYS A 194 -16.40 5.72 -35.48
C LYS A 194 -16.41 5.09 -34.08
N GLY A 195 -16.45 5.93 -33.05
CA GLY A 195 -16.20 5.52 -31.66
C GLY A 195 -17.12 6.20 -30.68
N ARG A 196 -17.33 5.53 -29.54
CA ARG A 196 -18.15 6.05 -28.42
C ARG A 196 -17.55 5.57 -27.09
N SER A 197 -17.51 6.45 -26.11
CA SER A 197 -17.19 6.15 -24.69
C SER A 197 -17.86 7.17 -23.76
N GLU A 198 -18.08 6.81 -22.49
CA GLU A 198 -18.59 7.73 -21.43
C GLU A 198 -17.71 8.98 -21.44
N ALA A 199 -16.39 8.81 -21.42
CA ALA A 199 -15.40 9.90 -21.26
C ALA A 199 -15.41 10.85 -22.48
N LEU A 200 -15.37 10.31 -23.71
CA LEU A 200 -15.12 11.11 -24.93
C LEU A 200 -16.43 11.44 -25.65
N GLY A 201 -17.53 10.78 -25.30
CA GLY A 201 -18.80 10.88 -26.05
C GLY A 201 -18.65 10.16 -27.38
N ASN A 202 -19.35 10.63 -28.41
CA ASN A 202 -19.21 10.11 -29.80
C ASN A 202 -18.06 10.86 -30.48
N TYR A 203 -17.23 10.13 -31.22
CA TYR A 203 -16.13 10.77 -32.00
C TYR A 203 -15.96 10.04 -33.32
N LYS A 204 -15.28 10.69 -34.25
CA LYS A 204 -14.71 10.00 -35.43
C LYS A 204 -13.21 10.36 -35.52
N LEU A 205 -12.43 9.36 -35.94
CA LEU A 205 -10.97 9.43 -36.16
C LEU A 205 -10.72 9.07 -37.63
N VAL A 206 -10.14 9.99 -38.39
CA VAL A 206 -9.91 9.82 -39.85
C VAL A 206 -8.40 9.80 -40.10
N VAL A 207 -7.92 8.73 -40.71
CA VAL A 207 -6.58 8.70 -41.34
C VAL A 207 -6.77 8.98 -42.83
N THR A 208 -6.28 10.13 -43.28
CA THR A 208 -6.54 10.64 -44.65
C THR A 208 -5.73 9.80 -45.64
N LYS A 209 -6.12 9.86 -46.91
CA LYS A 209 -5.51 9.11 -48.04
C LYS A 209 -4.02 9.43 -48.09
N GLY A 210 -3.68 10.72 -47.97
CA GLY A 210 -2.30 11.25 -47.97
C GLY A 210 -1.83 11.54 -49.39
N LYS A 211 -0.70 12.24 -49.52
CA LYS A 211 0.07 12.42 -50.80
C LYS A 211 1.29 11.49 -50.80
N GLY A 212 1.64 10.98 -51.98
CA GLY A 212 2.88 10.22 -52.22
C GLY A 212 2.61 8.98 -53.06
N VAL A 213 3.65 8.46 -53.72
CA VAL A 213 3.53 7.24 -54.57
C VAL A 213 3.25 6.04 -53.68
N ILE A 214 2.28 5.25 -54.12
CA ILE A 214 1.90 4.00 -53.42
C ILE A 214 2.30 2.85 -54.34
N PRO A 215 3.31 2.04 -53.95
CA PRO A 215 3.87 1.03 -54.84
C PRO A 215 2.79 0.03 -55.24
N GLN A 216 2.95 -0.58 -56.41
CA GLN A 216 1.93 -1.46 -57.03
C GLN A 216 2.65 -2.75 -57.38
N SER A 217 2.02 -3.92 -57.17
CA SER A 217 2.60 -5.26 -57.45
C SER A 217 1.80 -5.93 -58.56
N ASP A 218 2.49 -6.38 -59.60
CA ASP A 218 1.89 -7.18 -60.69
C ASP A 218 1.94 -8.66 -60.29
N HIS A 219 2.43 -9.00 -59.09
CA HIS A 219 2.52 -10.41 -58.65
C HIS A 219 1.13 -11.05 -58.66
N ASP A 220 1.09 -12.36 -58.87
CA ASP A 220 -0.11 -13.23 -58.72
C ASP A 220 -0.87 -12.93 -57.41
N LEU A 221 -0.14 -12.76 -56.31
CA LEU A 221 -0.74 -12.53 -54.97
C LEU A 221 -1.69 -11.34 -55.06
N SER A 222 -1.45 -10.38 -55.96
CA SER A 222 -2.30 -9.16 -56.08
C SER A 222 -3.75 -9.55 -56.41
N ARG A 223 -4.00 -10.76 -56.92
CA ARG A 223 -5.37 -11.25 -57.20
C ARG A 223 -6.11 -11.42 -55.88
N LEU A 224 -5.39 -11.63 -54.77
CA LEU A 224 -6.01 -11.99 -53.48
C LEU A 224 -5.79 -10.89 -52.44
N ARG A 225 -4.79 -10.02 -52.60
CA ARG A 225 -4.41 -9.02 -51.57
C ARG A 225 -4.50 -7.60 -52.16
N GLY A 226 -4.78 -7.50 -53.47
CA GLY A 226 -4.79 -6.24 -54.23
C GLY A 226 -3.40 -5.82 -54.70
N PRO A 227 -3.29 -4.87 -55.64
CA PRO A 227 -1.99 -4.46 -56.16
C PRO A 227 -1.15 -3.71 -55.13
N GLY A 228 -1.77 -3.26 -54.04
CA GLY A 228 -1.11 -2.36 -53.06
C GLY A 228 -2.00 -1.16 -52.76
N GLN A 229 -2.39 -1.01 -51.49
CA GLN A 229 -3.38 -0.01 -51.02
C GLN A 229 -3.33 0.07 -49.48
N THR A 230 -3.78 1.19 -48.93
CA THR A 230 -4.06 1.37 -47.49
C THR A 230 -4.91 0.19 -47.03
N VAL A 231 -4.59 -0.40 -45.89
CA VAL A 231 -5.38 -1.51 -45.29
C VAL A 231 -5.59 -1.24 -43.80
N VAL A 232 -6.62 -1.86 -43.23
CA VAL A 232 -7.01 -1.77 -41.79
C VAL A 232 -7.29 -3.17 -41.27
N GLN A 233 -6.69 -3.53 -40.14
CA GLN A 233 -7.11 -4.73 -39.38
C GLN A 233 -7.62 -4.27 -38.02
N SER A 234 -8.82 -4.75 -37.68
CA SER A 234 -9.62 -4.42 -36.48
C SER A 234 -9.63 -5.65 -35.57
N LEU A 235 -9.08 -5.55 -34.37
CA LEU A 235 -8.80 -6.74 -33.50
C LEU A 235 -9.35 -6.47 -32.11
N THR A 236 -9.36 -7.50 -31.28
CA THR A 236 -9.61 -7.37 -29.82
CA THR A 236 -9.55 -7.31 -29.82
C THR A 236 -8.62 -8.23 -29.05
N TYR A 237 -8.02 -7.64 -28.02
CA TYR A 237 -7.23 -8.28 -26.95
C TYR A 237 -7.80 -7.75 -25.63
N PRO A 238 -7.55 -8.48 -24.53
CA PRO A 238 -7.86 -7.97 -23.19
C PRO A 238 -7.26 -6.58 -22.99
N ASP A 239 -7.98 -5.68 -22.35
CA ASP A 239 -7.66 -4.22 -22.31
C ASP A 239 -6.21 -3.99 -21.85
N GLU A 240 -5.66 -4.86 -21.01
CA GLU A 240 -4.42 -4.55 -20.28
C GLU A 240 -3.18 -4.79 -21.14
N VAL A 241 -3.32 -5.27 -22.40
CA VAL A 241 -2.15 -5.53 -23.29
C VAL A 241 -2.19 -4.64 -24.54
N LEU A 242 -3.19 -3.76 -24.66
CA LEU A 242 -3.40 -2.95 -25.89
C LEU A 242 -2.17 -2.09 -26.16
N TRP A 243 -1.37 -1.80 -25.13
CA TRP A 243 -0.22 -0.86 -25.21
C TRP A 243 0.93 -1.52 -25.99
N GLN A 244 0.92 -2.85 -26.12
CA GLN A 244 2.03 -3.61 -26.71
C GLN A 244 1.92 -3.58 -28.24
N ALA A 245 1.93 -2.37 -28.79
CA ALA A 245 1.61 -2.11 -30.20
C ALA A 245 2.54 -2.93 -31.10
N LYS A 246 3.85 -3.00 -30.78
CA LYS A 246 4.85 -3.62 -31.67
C LYS A 246 4.58 -5.12 -31.77
N PRO A 247 4.48 -5.87 -30.65
CA PRO A 247 4.19 -7.31 -30.75
C PRO A 247 2.83 -7.64 -31.38
N ILE A 248 1.81 -6.84 -31.08
CA ILE A 248 0.47 -7.01 -31.69
C ILE A 248 0.61 -6.85 -33.22
N LEU A 249 1.30 -5.82 -33.71
CA LEU A 249 1.54 -5.61 -35.16
C LEU A 249 2.26 -6.85 -35.70
N PHE A 250 3.38 -7.25 -35.10
CA PHE A 250 4.24 -8.31 -35.67
C PHE A 250 3.48 -9.64 -35.66
N GLN A 251 2.59 -9.82 -34.70
CA GLN A 251 1.80 -11.07 -34.62
C GLN A 251 0.89 -11.10 -35.85
N GLN A 252 0.30 -9.96 -36.24
CA GLN A 252 -0.52 -9.87 -37.50
C GLN A 252 0.36 -10.10 -38.76
N LEU A 253 1.49 -9.39 -38.89
CA LEU A 253 2.45 -9.58 -40.02
C LEU A 253 2.83 -11.06 -40.13
N LYS A 254 3.08 -11.75 -39.01
CA LYS A 254 3.52 -13.17 -39.04
C LYS A 254 2.39 -14.06 -39.53
N ALA A 255 1.14 -13.79 -39.14
CA ALA A 255 -0.05 -14.54 -39.62
C ALA A 255 -0.14 -14.40 -41.14
N GLY A 256 0.04 -13.18 -41.64
CA GLY A 256 0.14 -12.85 -43.07
C GLY A 256 1.16 -13.73 -43.76
N ILE A 257 2.37 -13.82 -43.22
CA ILE A 257 3.47 -14.62 -43.84
C ILE A 257 3.15 -16.11 -43.69
N ASP A 258 2.55 -16.54 -42.57
CA ASP A 258 2.14 -17.96 -42.38
C ASP A 258 1.14 -18.35 -43.48
N TRP A 259 0.19 -17.46 -43.78
CA TRP A 259 -0.82 -17.64 -44.85
C TRP A 259 -0.14 -17.80 -46.23
N LEU A 260 0.88 -17.00 -46.55
CA LEU A 260 1.60 -17.10 -47.84
C LEU A 260 2.23 -18.50 -47.96
N VAL A 261 2.92 -18.96 -46.91
CA VAL A 261 3.62 -20.28 -46.92
C VAL A 261 2.59 -21.39 -47.14
N GLU A 262 1.48 -21.34 -46.39
CA GLU A 262 0.37 -22.32 -46.46
C GLU A 262 -0.22 -22.36 -47.88
N ASN A 263 -0.25 -21.23 -48.59
CA ASN A 263 -0.99 -21.06 -49.88
C ASN A 263 -0.04 -20.96 -51.06
N LYS A 264 1.14 -21.60 -50.99
CA LYS A 264 2.03 -21.92 -52.14
C LYS A 264 2.71 -20.66 -52.71
N TYR A 265 2.73 -19.53 -52.01
CA TYR A 265 3.60 -18.37 -52.39
C TYR A 265 5.00 -18.64 -51.81
N ASP A 266 5.98 -18.90 -52.68
CA ASP A 266 7.26 -19.55 -52.29
C ASP A 266 8.45 -18.90 -53.02
N VAL A 267 9.67 -19.41 -52.78
CA VAL A 267 10.98 -18.83 -53.22
C VAL A 267 11.16 -18.97 -54.73
N ALA A 268 10.41 -19.84 -55.40
CA ALA A 268 10.34 -19.92 -56.88
C ALA A 268 9.93 -18.56 -57.48
N ASP A 269 9.04 -17.81 -56.80
CA ASP A 269 8.40 -16.56 -57.31
C ASP A 269 7.84 -15.74 -56.15
N PRO A 270 8.68 -15.13 -55.30
CA PRO A 270 8.19 -14.46 -54.09
C PRO A 270 7.54 -13.14 -54.43
N PRO A 271 6.44 -12.75 -53.76
CA PRO A 271 5.95 -11.38 -53.86
C PRO A 271 7.08 -10.45 -53.42
N PRO A 272 7.05 -9.16 -53.79
CA PRO A 272 8.01 -8.20 -53.24
C PRO A 272 7.90 -8.02 -51.72
N PRO A 273 9.00 -7.64 -51.03
CA PRO A 273 9.01 -7.57 -49.57
C PRO A 273 7.86 -6.71 -49.02
N TRP A 274 7.64 -5.53 -49.59
CA TRP A 274 6.60 -4.57 -49.13
C TRP A 274 5.21 -5.19 -49.24
N GLN A 275 4.96 -6.10 -50.17
CA GLN A 275 3.64 -6.76 -50.29
C GLN A 275 3.58 -7.96 -49.33
N VAL A 276 4.69 -8.64 -49.05
CA VAL A 276 4.71 -9.74 -48.05
C VAL A 276 4.36 -9.15 -46.68
N TYR A 277 4.78 -7.91 -46.41
CA TYR A 277 4.58 -7.22 -45.12
C TYR A 277 3.36 -6.29 -45.16
N LEU A 278 2.46 -6.42 -46.14
CA LEU A 278 1.20 -5.62 -46.20
C LEU A 278 0.04 -6.51 -45.73
N LEU A 279 -0.59 -6.11 -44.63
CA LEU A 279 -1.67 -6.88 -43.98
C LEU A 279 -2.84 -7.01 -44.94
N ALA A 280 -3.51 -8.16 -44.92
CA ALA A 280 -4.82 -8.37 -45.55
C ALA A 280 -5.80 -7.46 -44.82
N ASN A 281 -6.56 -6.67 -45.57
CA ASN A 281 -7.61 -5.75 -45.09
C ASN A 281 -8.70 -6.55 -44.40
N LYS A 282 -9.05 -6.18 -43.17
CA LYS A 282 -10.13 -6.81 -42.38
C LYS A 282 -10.64 -5.77 -41.38
N PRO A 283 -11.29 -4.69 -41.83
CA PRO A 283 -11.85 -3.70 -40.92
C PRO A 283 -13.10 -4.30 -40.25
N GLY A 284 -13.53 -3.65 -39.16
CA GLY A 284 -14.59 -4.15 -38.28
C GLY A 284 -14.63 -3.36 -37.00
N SER A 285 -15.21 -3.97 -35.97
CA SER A 285 -15.23 -3.38 -34.62
C SER A 285 -14.17 -4.09 -33.79
N GLY A 286 -13.52 -3.37 -32.88
CA GLY A 286 -12.65 -3.97 -31.83
C GLY A 286 -11.99 -2.88 -31.02
N ASN A 287 -11.14 -3.26 -30.06
CA ASN A 287 -10.41 -2.30 -29.19
C ASN A 287 -9.01 -2.02 -29.76
N VAL A 288 -8.61 -2.65 -30.88
CA VAL A 288 -7.38 -2.29 -31.63
C VAL A 288 -7.67 -2.12 -33.13
N HIS A 289 -7.14 -1.06 -33.74
CA HIS A 289 -7.26 -0.79 -35.19
C HIS A 289 -5.88 -0.45 -35.77
N ILE A 290 -5.37 -1.27 -36.68
CA ILE A 290 -4.05 -1.04 -37.36
C ILE A 290 -4.31 -0.48 -38.76
N VAL A 291 -3.86 0.74 -39.00
CA VAL A 291 -3.95 1.41 -40.32
C VAL A 291 -2.55 1.43 -40.90
N GLN A 292 -2.35 0.68 -41.99
CA GLN A 292 -1.03 0.47 -42.61
C GLN A 292 -1.06 1.12 -44.00
N LYS A 293 -0.05 1.92 -44.30
CA LYS A 293 0.21 2.45 -45.65
C LYS A 293 1.62 2.07 -46.05
N VAL A 294 1.85 1.91 -47.35
CA VAL A 294 3.20 1.82 -47.95
C VAL A 294 3.37 2.97 -48.94
N PHE A 295 4.48 3.68 -48.84
CA PHE A 295 4.85 4.78 -49.76
C PHE A 295 6.17 4.40 -50.43
N GLU A 296 6.32 4.87 -51.67
CA GLU A 296 7.57 4.87 -52.44
C GLU A 296 7.99 6.35 -52.55
N GLY A 297 9.12 6.72 -51.95
CA GLY A 297 9.56 8.13 -51.92
C GLY A 297 8.88 8.92 -50.82
N ASP A 298 8.84 10.25 -50.98
CA ASP A 298 8.28 11.25 -50.04
C ASP A 298 6.79 10.97 -49.81
N PHE A 299 6.26 11.29 -48.62
CA PHE A 299 4.85 11.00 -48.27
C PHE A 299 4.36 12.00 -47.21
N GLU A 300 3.05 12.13 -47.13
CA GLU A 300 2.38 12.82 -46.01
C GLU A 300 0.96 12.29 -45.93
N PHE A 301 0.38 12.31 -44.73
CA PHE A 301 -1.03 11.98 -44.46
C PHE A 301 -1.45 12.70 -43.17
N ASP A 302 -2.77 12.75 -42.91
CA ASP A 302 -3.31 13.52 -41.77
C ASP A 302 -4.12 12.57 -40.89
N ILE A 303 -4.20 12.89 -39.61
CA ILE A 303 -5.13 12.26 -38.64
C ILE A 303 -6.06 13.37 -38.11
N LEU A 304 -7.37 13.21 -38.29
CA LEU A 304 -8.38 14.20 -37.85
C LEU A 304 -9.27 13.55 -36.79
N PHE A 305 -9.16 14.03 -35.55
CA PHE A 305 -10.04 13.59 -34.45
C PHE A 305 -11.17 14.61 -34.25
N SER A 306 -12.41 14.19 -34.46
CA SER A 306 -13.62 15.06 -34.41
C SER A 306 -14.54 14.60 -33.27
N SER A 307 -14.57 15.38 -32.19
CA SER A 307 -15.51 15.22 -31.05
C SER A 307 -16.90 15.62 -31.54
N GLU A 308 -17.85 14.69 -31.57
CA GLU A 308 -19.20 14.92 -32.16
C GLU A 308 -19.89 16.12 -31.47
N SER A 309 -19.69 16.30 -30.15
CA SER A 309 -20.29 17.38 -29.34
C SER A 309 -19.75 18.75 -29.76
N ALA A 310 -18.68 18.82 -30.55
CA ALA A 310 -18.20 20.09 -31.15
C ALA A 310 -19.00 20.32 -32.44
N GLY A 311 -18.77 21.41 -33.15
CA GLY A 311 -19.53 21.75 -34.37
C GLY A 311 -19.22 20.81 -35.53
N LYS A 312 -18.91 21.39 -36.69
CA LYS A 312 -18.44 20.68 -37.91
C LYS A 312 -17.23 19.83 -37.51
N GLU A 313 -17.06 18.67 -38.14
CA GLU A 313 -15.88 17.79 -37.94
C GLU A 313 -14.66 18.51 -38.50
N VAL A 314 -13.46 18.16 -38.02
CA VAL A 314 -12.17 18.80 -38.40
C VAL A 314 -11.81 18.42 -39.84
N THR A 315 -11.21 19.35 -40.59
CA THR A 315 -10.74 19.17 -41.99
C THR A 315 -9.24 19.37 -42.05
N SER A 316 -8.59 18.99 -43.16
CA SER A 316 -7.14 19.19 -43.37
C SER A 316 -6.84 20.69 -43.46
N LYS A 317 -7.82 21.48 -43.93
CA LYS A 317 -7.73 22.97 -44.00
C LYS A 317 -7.69 23.50 -42.56
N ASP A 318 -8.58 23.01 -41.68
CA ASP A 318 -8.54 23.36 -40.23
C ASP A 318 -7.12 23.15 -39.70
N LEU A 319 -6.59 21.94 -39.88
CA LEU A 319 -5.23 21.54 -39.41
C LEU A 319 -4.21 22.59 -39.85
N GLU A 320 -4.13 22.89 -41.15
CA GLU A 320 -3.13 23.82 -41.74
C GLU A 320 -3.29 25.23 -41.12
N ARG A 321 -4.53 25.69 -40.92
CA ARG A 321 -4.81 27.03 -40.38
C ARG A 321 -4.37 27.10 -38.91
N GLU A 322 -4.85 26.15 -38.11
CA GLU A 322 -4.57 26.10 -36.65
C GLU A 322 -3.05 25.94 -36.42
N VAL A 323 -2.34 25.17 -37.26
CA VAL A 323 -0.87 25.01 -37.14
C VAL A 323 -0.20 26.37 -37.32
N LYS A 324 -0.61 27.12 -38.34
CA LYS A 324 -0.07 28.49 -38.62
C LYS A 324 -0.26 29.34 -37.37
N GLN A 325 -1.47 29.30 -36.80
CA GLN A 325 -1.88 30.17 -35.68
C GLN A 325 -1.03 29.86 -34.43
N ALA A 326 -1.02 28.58 -34.01
CA ALA A 326 -0.27 28.10 -32.83
C ALA A 326 1.19 28.54 -32.92
N THR A 327 1.76 28.54 -34.13
CA THR A 327 3.16 29.00 -34.38
C THR A 327 3.29 30.51 -34.11
N GLU A 328 2.32 31.33 -34.54
CA GLU A 328 2.36 32.80 -34.32
C GLU A 328 2.26 33.07 -32.82
N VAL A 329 1.38 32.35 -32.15
CA VAL A 329 1.11 32.46 -30.69
C VAL A 329 2.37 32.04 -29.92
N PHE A 330 2.98 30.92 -30.29
CA PHE A 330 4.25 30.46 -29.64
C PHE A 330 5.28 31.57 -29.77
N GLY A 331 5.50 32.09 -30.99
CA GLY A 331 6.48 33.17 -31.24
C GLY A 331 6.29 34.35 -30.30
N GLU A 332 5.05 34.86 -30.20
CA GLU A 332 4.67 36.08 -29.43
C GLU A 332 4.91 35.82 -27.93
N ARG A 333 4.41 34.70 -27.41
CA ARG A 333 4.60 34.32 -25.99
C ARG A 333 6.10 34.20 -25.69
N PHE A 334 6.87 33.59 -26.60
CA PHE A 334 8.29 33.32 -26.30
C PHE A 334 9.03 34.65 -26.10
N ALA A 335 8.81 35.65 -26.97
CA ALA A 335 9.51 36.95 -26.89
C ALA A 335 9.13 37.70 -25.60
N ARG A 336 7.90 37.50 -25.11
CA ARG A 336 7.43 38.07 -23.81
C ARG A 336 8.08 37.30 -22.65
N VAL A 337 7.78 36.00 -22.55
CA VAL A 337 8.12 35.17 -21.35
C VAL A 337 9.64 34.98 -21.25
N PHE A 338 10.33 34.75 -22.36
CA PHE A 338 11.78 34.41 -22.40
C PHE A 338 12.51 35.41 -23.29
N ASP A 339 12.49 36.68 -22.84
CA ASP A 339 13.22 37.80 -23.48
C ASP A 339 14.70 37.67 -23.12
N LEU A 340 15.52 37.16 -24.03
CA LEU A 340 16.93 36.79 -23.73
C LEU A 340 17.75 38.07 -23.61
N LYS A 341 18.55 38.19 -22.56
CA LYS A 341 19.33 39.42 -22.27
C LYS A 341 20.77 39.20 -22.73
N ALA A 342 21.48 40.30 -22.96
CA ALA A 342 22.89 40.30 -23.40
C ALA A 342 23.66 39.30 -22.56
N PRO A 343 24.67 38.62 -23.12
CA PRO A 343 24.99 38.70 -24.55
C PRO A 343 24.30 37.65 -25.43
N PHE A 344 23.07 37.26 -25.08
CA PHE A 344 22.35 36.14 -25.74
C PHE A 344 21.12 36.64 -26.52
N GLN A 345 21.16 37.88 -27.02
CA GLN A 345 20.02 38.52 -27.72
C GLN A 345 19.94 37.98 -29.16
N GLY A 346 21.05 37.53 -29.73
CA GLY A 346 21.15 37.01 -31.10
C GLY A 346 20.12 35.94 -31.44
N ASP A 347 19.80 35.82 -32.73
CA ASP A 347 18.86 34.82 -33.31
C ASP A 347 19.33 33.38 -33.03
N ASN A 348 20.64 33.16 -33.02
CA ASN A 348 21.24 31.82 -32.78
C ASN A 348 20.87 31.37 -31.36
N TYR A 349 20.93 32.27 -30.37
CA TYR A 349 20.61 31.99 -28.95
C TYR A 349 19.10 31.82 -28.80
N LYS A 350 18.32 32.51 -29.63
CA LYS A 350 16.84 32.46 -29.62
C LYS A 350 16.38 31.10 -30.12
N LYS A 351 16.93 30.65 -31.23
CA LYS A 351 16.66 29.30 -31.80
C LYS A 351 17.00 28.24 -30.75
N PHE A 352 18.11 28.41 -30.06
CA PHE A 352 18.63 27.50 -29.02
C PHE A 352 17.64 27.44 -27.86
N GLY A 353 17.23 28.62 -27.37
CA GLY A 353 16.23 28.77 -26.28
C GLY A 353 14.91 28.09 -26.61
N LYS A 354 14.39 28.27 -27.83
CA LYS A 354 13.10 27.67 -28.27
C LYS A 354 13.21 26.15 -28.28
N SER A 355 14.36 25.63 -28.71
CA SER A 355 14.63 24.17 -28.77
C SER A 355 14.70 23.62 -27.34
N MET A 356 15.51 24.24 -26.47
CA MET A 356 15.67 23.80 -25.06
C MET A 356 14.33 23.88 -24.35
N PHE A 357 13.56 24.94 -24.59
CA PHE A 357 12.25 25.12 -23.92
C PHE A 357 11.23 24.12 -24.48
N SER A 358 11.10 24.03 -25.79
CA SER A 358 10.04 23.21 -26.45
C SER A 358 10.23 21.72 -26.14
N ASN A 359 11.48 21.25 -26.01
CA ASN A 359 11.77 19.85 -25.61
C ASN A 359 11.39 19.63 -24.15
N LEU A 360 11.61 20.61 -23.26
CA LEU A 360 11.23 20.43 -21.84
C LEU A 360 9.70 20.32 -21.74
N ILE A 361 8.97 21.28 -22.28
CA ILE A 361 7.49 21.33 -22.11
C ILE A 361 6.85 20.24 -22.96
N GLY A 362 7.49 19.91 -24.09
CA GLY A 362 7.08 18.83 -25.01
C GLY A 362 7.23 17.45 -24.41
N GLY A 363 7.99 17.34 -23.31
CA GLY A 363 8.20 16.07 -22.59
C GLY A 363 7.03 15.69 -21.69
N ILE A 364 6.04 16.58 -21.53
CA ILE A 364 4.87 16.37 -20.61
C ILE A 364 4.10 15.11 -21.03
N GLY A 365 3.92 14.21 -20.09
CA GLY A 365 3.22 12.94 -20.31
C GLY A 365 2.08 12.80 -19.32
N TYR A 366 1.10 12.00 -19.69
CA TYR A 366 0.05 11.47 -18.81
C TYR A 366 0.32 9.98 -18.63
N PHE A 367 0.57 9.57 -17.38
CA PHE A 367 0.85 8.16 -16.98
C PHE A 367 -0.28 7.68 -16.07
N TYR A 368 -0.69 6.41 -16.22
CA TYR A 368 -1.77 5.76 -15.44
C TYR A 368 -1.43 4.29 -15.26
N GLY A 369 -1.53 3.79 -14.03
CA GLY A 369 -1.44 2.35 -13.72
C GLY A 369 -0.98 2.12 -12.30
N HIS A 370 -0.67 0.88 -11.96
CA HIS A 370 -0.14 0.46 -10.64
C HIS A 370 1.36 0.79 -10.55
N SER A 371 1.81 1.12 -9.32
CA SER A 371 3.18 1.40 -8.82
C SER A 371 3.61 0.17 -8.03
N LEU A 372 4.88 -0.24 -8.06
CA LEU A 372 5.42 -1.35 -7.24
C LEU A 372 6.06 -0.78 -5.96
N VAL A 373 5.56 -1.18 -4.78
CA VAL A 373 5.89 -0.52 -3.48
C VAL A 373 6.04 -1.59 -2.39
N ASP A 374 7.16 -1.56 -1.67
CA ASP A 374 7.39 -2.38 -0.46
C ASP A 374 6.66 -1.70 0.70
N ARG A 375 5.51 -2.23 1.11
CA ARG A 375 4.68 -1.65 2.20
C ARG A 375 4.91 -2.44 3.51
N SER A 376 6.00 -3.21 3.59
CA SER A 376 6.38 -4.03 4.78
C SER A 376 6.72 -3.14 5.99
N TYR A 377 7.16 -1.90 5.74
CA TYR A 377 7.85 -1.05 6.73
C TYR A 377 8.70 -1.96 7.64
N ALA A 378 9.47 -2.86 7.06
CA ALA A 378 10.41 -3.71 7.82
C ALA A 378 11.24 -2.82 8.76
N PRO A 379 11.53 -3.26 10.00
CA PRO A 379 12.29 -2.43 10.94
C PRO A 379 13.76 -2.22 10.52
N GLU A 380 14.31 -3.08 9.65
CA GLU A 380 15.69 -2.89 9.12
C GLU A 380 15.78 -1.56 8.38
N TYR A 381 14.65 -0.99 7.92
CA TYR A 381 14.58 0.23 7.09
C TYR A 381 14.75 1.46 7.98
N ASP A 382 14.70 1.27 9.29
CA ASP A 382 14.93 2.37 10.27
C ASP A 382 16.42 2.73 10.28
N GLU A 383 17.29 1.78 9.96
CA GLU A 383 18.75 2.02 9.79
C GLU A 383 19.29 2.66 11.07
N GLU A 384 19.02 2.08 12.26
CA GLU A 384 19.51 2.68 13.53
C GLU A 384 20.81 1.98 13.97
N ASN A 385 21.20 0.88 13.32
CA ASN A 385 22.44 0.13 13.61
C ASN A 385 23.59 0.54 12.68
N GLU A 386 24.83 0.32 13.12
CA GLU A 386 26.01 0.25 12.24
C GLU A 386 25.79 -0.90 11.25
N GLY A 387 26.29 -0.77 10.02
CA GLY A 387 26.14 -1.81 8.99
C GLY A 387 24.71 -1.90 8.47
N PHE A 388 23.89 -0.85 8.65
CA PHE A 388 22.42 -0.87 8.42
C PHE A 388 22.11 -1.28 6.98
N TRP A 389 23.05 -1.10 6.04
CA TRP A 389 22.81 -1.35 4.59
C TRP A 389 22.74 -2.86 4.33
N GLU A 390 23.46 -3.67 5.10
CA GLU A 390 23.35 -5.15 5.05
C GLU A 390 21.96 -5.59 5.54
N ASP A 391 21.46 -4.99 6.63
CA ASP A 391 20.13 -5.29 7.21
C ASP A 391 19.07 -4.93 6.17
N ALA A 392 19.19 -3.73 5.57
CA ALA A 392 18.21 -3.20 4.60
C ALA A 392 18.18 -4.14 3.39
N ALA A 393 19.35 -4.66 2.96
CA ALA A 393 19.48 -5.61 1.84
C ALA A 393 18.65 -6.86 2.14
N GLU A 394 18.79 -7.42 3.35
CA GLU A 394 18.06 -8.65 3.79
C GLU A 394 16.55 -8.38 3.79
N ALA A 395 16.11 -7.21 4.22
CA ALA A 395 14.67 -6.83 4.19
C ALA A 395 14.16 -6.83 2.74
N ARG A 396 14.89 -6.18 1.82
CA ARG A 396 14.54 -6.10 0.37
C ARG A 396 14.47 -7.53 -0.20
N ALA A 397 15.37 -8.43 0.21
CA ALA A 397 15.45 -9.80 -0.32
C ALA A 397 14.26 -10.65 0.15
N ARG A 398 13.41 -10.15 1.07
CA ARG A 398 12.16 -10.84 1.47
C ARG A 398 11.10 -10.66 0.37
N HIS A 399 11.29 -9.67 -0.53
CA HIS A 399 10.42 -9.32 -1.68
C HIS A 399 8.94 -9.25 -1.30
N GLN A 400 8.59 -8.37 -0.37
CA GLN A 400 7.19 -8.16 0.10
C GLN A 400 6.51 -7.08 -0.75
N GLU A 401 7.22 -6.48 -1.70
CA GLU A 401 6.60 -5.44 -2.57
C GLU A 401 5.41 -6.07 -3.31
N ALA A 402 4.37 -5.28 -3.53
CA ALA A 402 3.17 -5.67 -4.28
C ALA A 402 2.76 -4.48 -5.14
N LEU A 403 2.01 -4.74 -6.20
CA LEU A 403 1.47 -3.66 -7.06
C LEU A 403 0.39 -2.95 -6.26
N GLU A 404 0.29 -1.64 -6.38
CA GLU A 404 -0.76 -0.88 -5.69
C GLU A 404 -1.20 0.26 -6.62
N GLY A 405 -2.38 0.82 -6.37
CA GLY A 405 -2.99 1.91 -7.15
C GLY A 405 -4.37 1.48 -7.63
N PRO A 406 -4.80 1.84 -8.86
CA PRO A 406 -3.92 2.47 -9.83
C PRO A 406 -3.72 3.95 -9.47
N TYR A 407 -2.72 4.61 -10.06
CA TYR A 407 -2.46 6.04 -9.87
C TYR A 407 -2.37 6.73 -11.24
N GLU A 408 -2.45 8.05 -11.25
CA GLU A 408 -2.26 8.85 -12.48
C GLU A 408 -1.25 9.95 -12.16
N LEU A 409 -0.48 10.36 -13.17
CA LEU A 409 0.45 11.50 -13.07
C LEU A 409 0.55 12.21 -14.40
N PHE A 410 0.47 13.52 -14.33
CA PHE A 410 0.66 14.51 -15.42
C PHE A 410 1.89 15.32 -15.03
N THR A 411 2.97 15.13 -15.77
CA THR A 411 4.34 15.57 -15.36
C THR A 411 5.23 15.66 -16.60
N SER A 412 6.16 16.61 -16.56
CA SER A 412 7.30 16.64 -17.51
C SER A 412 8.29 15.53 -17.08
N ILE A 413 9.34 15.27 -17.86
CA ILE A 413 10.25 14.11 -17.67
C ILE A 413 11.68 14.56 -17.95
N PRO A 414 12.66 13.85 -17.37
CA PRO A 414 14.05 14.15 -17.65
C PRO A 414 14.48 13.84 -19.09
N SER A 415 13.96 12.78 -19.69
CA SER A 415 14.56 12.14 -20.91
C SER A 415 13.55 11.21 -21.60
N ARG A 416 13.18 11.56 -22.83
CA ARG A 416 12.26 10.71 -23.61
C ARG A 416 12.90 9.35 -23.82
N PRO A 417 14.13 9.24 -24.39
CA PRO A 417 14.68 7.92 -24.70
C PRO A 417 15.03 7.10 -23.45
N PHE A 418 15.50 7.73 -22.37
CA PHE A 418 16.13 7.03 -21.23
C PHE A 418 15.31 7.08 -19.93
N PHE A 419 14.64 8.18 -19.60
CA PHE A 419 13.96 8.32 -18.29
C PHE A 419 12.58 8.94 -18.48
N PRO A 420 11.69 8.32 -19.29
CA PRO A 420 10.39 8.93 -19.61
C PRO A 420 9.35 8.69 -18.51
N ARG A 421 9.59 9.26 -17.32
CA ARG A 421 8.63 9.14 -16.20
C ARG A 421 8.95 10.22 -15.16
N GLY A 422 8.11 10.31 -14.13
CA GLY A 422 8.19 11.35 -13.10
C GLY A 422 9.34 11.08 -12.16
N PHE A 423 10.16 12.10 -11.95
CA PHE A 423 11.22 12.16 -10.91
C PHE A 423 10.94 13.37 -10.01
N LEU A 424 10.90 13.13 -8.70
CA LEU A 424 10.34 14.10 -7.72
C LEU A 424 11.20 15.38 -7.70
N TRP A 425 12.51 15.32 -7.49
CA TRP A 425 13.33 16.56 -7.37
C TRP A 425 13.63 17.15 -8.75
N ASP A 426 13.64 16.33 -9.80
CA ASP A 426 13.78 16.84 -11.19
C ASP A 426 12.60 17.76 -11.47
N GLU A 427 11.40 17.40 -11.04
CA GLU A 427 10.20 18.15 -11.49
C GLU A 427 10.24 19.59 -10.96
N GLY A 428 10.73 19.80 -9.74
CA GLY A 428 11.00 21.14 -9.21
C GLY A 428 11.80 21.97 -10.21
N PHE A 429 12.84 21.40 -10.80
CA PHE A 429 13.66 22.13 -11.81
C PHE A 429 12.88 22.32 -13.12
N HIS A 430 12.16 21.31 -13.59
CA HIS A 430 11.43 21.35 -14.89
C HIS A 430 10.39 22.46 -14.87
N LEU A 431 9.73 22.67 -13.73
CA LEU A 431 8.57 23.57 -13.67
C LEU A 431 9.02 25.02 -13.52
N LEU A 432 10.30 25.32 -13.33
CA LEU A 432 10.67 26.74 -13.17
C LEU A 432 10.48 27.46 -14.51
N PRO A 433 10.94 26.91 -15.64
CA PRO A 433 10.66 27.55 -16.93
C PRO A 433 9.19 27.38 -17.35
N ILE A 434 8.60 26.22 -17.08
CA ILE A 434 7.19 25.94 -17.46
C ILE A 434 6.25 26.94 -16.75
N ALA A 435 6.54 27.27 -15.48
CA ALA A 435 5.71 28.15 -14.63
C ALA A 435 5.76 29.58 -15.20
N ASP A 436 6.92 30.04 -15.63
CA ASP A 436 7.08 31.31 -16.39
C ASP A 436 6.11 31.31 -17.58
N TRP A 437 6.12 30.25 -18.38
CA TRP A 437 5.34 30.12 -19.62
C TRP A 437 3.85 30.05 -19.30
N ASP A 438 3.48 29.33 -18.24
CA ASP A 438 2.07 28.91 -18.01
C ASP A 438 1.96 28.40 -16.56
N ILE A 439 1.82 29.36 -15.64
CA ILE A 439 1.78 29.10 -14.18
C ILE A 439 0.65 28.09 -13.90
N ASP A 440 -0.47 28.19 -14.61
CA ASP A 440 -1.64 27.32 -14.32
C ASP A 440 -1.27 25.86 -14.67
N LEU A 441 -0.57 25.64 -15.79
CA LEU A 441 -0.07 24.30 -16.16
C LEU A 441 0.85 23.78 -15.05
N ALA A 442 1.81 24.59 -14.60
CA ALA A 442 2.77 24.21 -13.54
C ALA A 442 2.01 23.76 -12.30
N LEU A 443 0.96 24.49 -11.92
CA LEU A 443 0.13 24.19 -10.71
C LEU A 443 -0.66 22.88 -10.90
N GLU A 444 -1.21 22.63 -12.08
CA GLU A 444 -1.82 21.32 -12.44
C GLU A 444 -0.80 20.21 -12.16
N ILE A 445 0.44 20.40 -12.59
CA ILE A 445 1.46 19.31 -12.47
C ILE A 445 1.77 19.13 -10.98
N ILE A 446 1.96 20.23 -10.26
CA ILE A 446 2.25 20.16 -8.80
C ILE A 446 1.10 19.43 -8.12
N LYS A 447 -0.13 19.86 -8.40
CA LYS A 447 -1.37 19.18 -7.92
C LYS A 447 -1.30 17.69 -8.23
N SER A 448 -1.05 17.34 -9.50
CA SER A 448 -0.99 15.92 -9.90
C SER A 448 0.03 15.21 -9.01
N TRP A 449 1.18 15.83 -8.71
CA TRP A 449 2.22 15.16 -7.91
C TRP A 449 1.74 14.99 -6.47
N TYR A 450 1.08 15.99 -5.91
CA TYR A 450 0.68 15.97 -4.49
C TYR A 450 -0.55 15.07 -4.32
N ASN A 451 -1.27 14.71 -5.39
CA ASN A 451 -2.38 13.72 -5.25
C ASN A 451 -1.81 12.32 -5.09
N LEU A 452 -0.50 12.13 -5.23
CA LEU A 452 0.11 10.79 -5.06
C LEU A 452 0.44 10.57 -3.59
N MET A 453 0.46 11.61 -2.76
CA MET A 453 0.98 11.49 -1.37
C MET A 453 0.08 10.54 -0.56
N ASP A 454 0.70 9.63 0.18
CA ASP A 454 0.01 8.63 1.03
C ASP A 454 -0.36 9.30 2.35
N GLU A 455 -0.97 8.56 3.29
CA GLU A 455 -1.52 9.12 4.57
C GLU A 455 -0.37 9.66 5.44
N ASP A 456 0.87 9.17 5.22
CA ASP A 456 2.06 9.48 6.06
C ASP A 456 2.80 10.73 5.59
N GLY A 457 2.62 11.16 4.32
CA GLY A 457 3.32 12.31 3.71
C GLY A 457 4.44 11.92 2.73
N TRP A 458 4.43 10.69 2.25
CA TRP A 458 5.42 10.14 1.28
C TRP A 458 4.86 10.21 -0.15
N ILE A 459 5.66 10.76 -1.06
CA ILE A 459 5.54 10.59 -2.55
C ILE A 459 6.77 9.81 -3.00
N ALA A 460 6.61 8.73 -3.76
CA ALA A 460 7.73 7.96 -4.35
C ALA A 460 8.56 8.90 -5.22
N ARG A 461 9.89 8.84 -5.07
CA ARG A 461 10.85 9.73 -5.80
C ARG A 461 10.79 9.43 -7.31
N GLU A 462 10.34 8.23 -7.67
CA GLU A 462 10.34 7.72 -9.06
C GLU A 462 8.97 7.10 -9.34
N GLN A 463 8.24 7.64 -10.32
CA GLN A 463 6.83 7.23 -10.59
C GLN A 463 6.79 6.39 -11.88
N ILE A 464 6.75 5.06 -11.69
CA ILE A 464 6.62 3.98 -12.71
C ILE A 464 5.18 3.46 -12.67
N LEU A 465 4.28 4.15 -13.38
CA LEU A 465 2.82 3.88 -13.40
C LEU A 465 2.44 3.08 -14.66
N GLY A 466 2.12 1.81 -14.46
CA GLY A 466 1.49 0.92 -15.44
C GLY A 466 2.53 0.03 -16.09
N ALA A 467 2.09 -1.02 -16.76
CA ALA A 467 2.97 -1.99 -17.44
C ALA A 467 3.76 -1.27 -18.53
N GLU A 468 3.16 -0.32 -19.24
CA GLU A 468 3.90 0.36 -20.34
C GLU A 468 5.14 1.02 -19.71
N ALA A 469 5.01 1.72 -18.58
CA ALA A 469 6.12 2.37 -17.88
C ALA A 469 7.11 1.33 -17.35
N ARG A 470 6.62 0.22 -16.78
CA ARG A 470 7.47 -0.83 -16.17
C ARG A 470 8.36 -1.48 -17.24
N SER A 471 7.87 -1.59 -18.48
CA SER A 471 8.60 -2.22 -19.61
C SER A 471 9.96 -1.55 -19.83
N LYS A 472 10.12 -0.26 -19.53
CA LYS A 472 11.37 0.50 -19.75
C LYS A 472 12.30 0.43 -18.54
N VAL A 473 12.02 -0.43 -17.54
CA VAL A 473 12.71 -0.43 -16.22
C VAL A 473 12.96 -1.86 -15.75
N PRO A 474 14.21 -2.25 -15.48
CA PRO A 474 14.51 -3.56 -14.92
C PRO A 474 13.77 -3.80 -13.59
N LYS A 475 13.26 -5.01 -13.37
CA LYS A 475 12.45 -5.41 -12.19
C LYS A 475 13.14 -4.94 -10.90
N GLU A 476 14.46 -5.17 -10.79
CA GLU A 476 15.30 -4.88 -9.59
C GLU A 476 15.18 -3.41 -9.16
N PHE A 477 14.81 -2.50 -10.08
CA PHE A 477 14.83 -1.04 -9.84
C PHE A 477 13.42 -0.46 -9.88
N GLN A 478 12.37 -1.28 -9.96
CA GLN A 478 10.98 -0.75 -10.01
C GLN A 478 10.48 -0.39 -8.61
N THR A 479 10.87 -1.14 -7.60
CA THR A 479 10.26 -1.09 -6.25
C THR A 479 10.59 0.23 -5.57
N GLN A 480 9.56 0.97 -5.18
CA GLN A 480 9.72 2.20 -4.38
C GLN A 480 9.63 1.87 -2.88
N TYR A 481 10.26 2.68 -2.04
CA TYR A 481 10.39 2.45 -0.58
C TYR A 481 9.85 3.69 0.14
N PRO A 482 8.91 3.52 1.08
CA PRO A 482 8.25 4.64 1.75
C PRO A 482 9.16 5.42 2.71
N HIS A 483 10.39 4.96 2.94
CA HIS A 483 11.39 5.69 3.77
C HIS A 483 12.42 6.44 2.91
N TYR A 484 12.31 6.37 1.58
CA TYR A 484 13.21 7.08 0.63
C TYR A 484 12.57 8.41 0.22
N ALA A 485 13.24 9.51 0.58
CA ALA A 485 12.86 10.89 0.27
C ALA A 485 13.54 11.31 -1.04
N ASN A 486 13.36 12.57 -1.41
CA ASN A 486 14.04 13.21 -2.54
C ASN A 486 13.94 14.71 -2.25
N PRO A 487 14.92 15.54 -2.65
CA PRO A 487 14.80 16.96 -2.40
C PRO A 487 13.41 17.51 -2.78
N PRO A 488 12.80 18.36 -1.93
CA PRO A 488 11.51 18.97 -2.20
C PRO A 488 11.59 20.25 -3.04
N THR A 489 12.21 20.14 -4.21
CA THR A 489 12.42 21.23 -5.20
C THR A 489 11.07 21.77 -5.68
N LEU A 490 9.97 21.04 -5.55
CA LEU A 490 8.65 21.57 -5.97
C LEU A 490 8.27 22.80 -5.14
N PHE A 491 8.79 22.95 -3.92
CA PHE A 491 8.59 24.16 -3.07
C PHE A 491 9.20 25.40 -3.74
N LEU A 492 10.30 25.25 -4.49
CA LEU A 492 10.95 26.41 -5.16
C LEU A 492 9.98 27.00 -6.18
N VAL A 493 9.14 26.17 -6.81
CA VAL A 493 8.15 26.64 -7.83
C VAL A 493 7.03 27.40 -7.10
N LEU A 494 6.53 26.83 -6.01
CA LEU A 494 5.48 27.45 -5.17
C LEU A 494 5.99 28.81 -4.65
N ASP A 495 7.28 28.92 -4.35
CA ASP A 495 7.90 30.19 -3.91
C ASP A 495 7.76 31.23 -5.02
N ASN A 496 7.99 30.84 -6.29
CA ASN A 496 7.91 31.75 -7.45
C ASN A 496 6.46 32.20 -7.65
N PHE A 497 5.51 31.29 -7.44
CA PHE A 497 4.04 31.52 -7.54
C PHE A 497 3.57 32.50 -6.45
N VAL A 498 3.98 32.30 -5.19
CA VAL A 498 3.66 33.18 -4.04
C VAL A 498 4.17 34.59 -4.35
N GLU A 499 5.44 34.76 -4.72
CA GLU A 499 6.01 36.09 -5.09
C GLU A 499 5.14 36.70 -6.20
N ARG A 500 4.67 35.90 -7.16
CA ARG A 500 3.85 36.40 -8.29
C ARG A 500 2.45 36.74 -7.78
N LEU A 501 1.90 35.94 -6.86
CA LEU A 501 0.52 36.12 -6.34
C LEU A 501 0.45 37.40 -5.51
N ARG A 502 1.53 37.74 -4.80
CA ARG A 502 1.74 39.03 -4.08
C ARG A 502 1.90 40.16 -5.11
N LYS A 503 3.10 40.35 -5.67
CA LYS A 503 3.44 41.39 -6.70
C LYS A 503 2.56 41.21 -7.94
N LEU A 517 -8.61 32.79 -24.73
CA LEU A 517 -8.96 32.02 -23.51
C LEU A 517 -7.71 31.28 -23.00
N ASP A 518 -6.93 30.71 -23.92
CA ASP A 518 -5.67 29.98 -23.59
C ASP A 518 -4.72 30.96 -22.87
N GLU A 519 -4.52 32.16 -23.40
CA GLU A 519 -3.67 33.22 -22.78
C GLU A 519 -4.22 33.54 -21.38
N THR A 520 -5.55 33.58 -21.26
CA THR A 520 -6.28 33.92 -20.02
C THR A 520 -6.06 32.82 -18.98
N LEU A 521 -6.37 31.57 -19.35
CA LEU A 521 -6.21 30.37 -18.50
C LEU A 521 -4.76 30.27 -17.99
N SER A 522 -3.80 30.64 -18.82
CA SER A 522 -2.36 30.46 -18.51
C SER A 522 -1.99 31.25 -17.25
N THR A 523 -2.68 32.36 -16.94
CA THR A 523 -2.33 33.21 -15.77
C THR A 523 -3.51 33.40 -14.80
N ALA A 524 -4.58 32.60 -14.93
CA ALA A 524 -5.84 32.75 -14.17
C ALA A 524 -5.61 32.62 -12.65
N SER A 525 -4.60 31.84 -12.21
CA SER A 525 -4.37 31.55 -10.77
C SER A 525 -3.57 32.69 -10.11
N VAL A 526 -2.93 33.58 -10.87
CA VAL A 526 -2.30 34.82 -10.32
C VAL A 526 -3.17 36.05 -10.67
N ASP A 527 -3.90 36.04 -11.78
CA ASP A 527 -4.74 37.19 -12.20
C ASP A 527 -5.97 37.28 -11.28
N ASN A 528 -6.47 36.14 -10.77
CA ASN A 528 -7.60 36.06 -9.82
C ASN A 528 -7.08 35.61 -8.44
N PRO A 529 -6.63 36.55 -7.58
CA PRO A 529 -5.97 36.21 -6.32
C PRO A 529 -6.81 35.27 -5.44
N GLU A 530 -8.14 35.38 -5.54
CA GLU A 530 -9.10 34.46 -4.88
C GLU A 530 -8.76 33.03 -5.29
N VAL A 531 -8.56 32.80 -6.59
CA VAL A 531 -8.35 31.45 -7.18
C VAL A 531 -6.99 30.91 -6.69
N GLY A 532 -5.96 31.74 -6.72
CA GLY A 532 -4.60 31.40 -6.25
C GLY A 532 -4.57 31.05 -4.78
N LEU A 533 -5.25 31.82 -3.93
CA LEU A 533 -5.26 31.56 -2.47
C LEU A 533 -5.94 30.21 -2.21
N GLU A 534 -7.05 29.94 -2.90
CA GLU A 534 -7.87 28.71 -2.73
C GLU A 534 -7.03 27.50 -3.14
N TYR A 535 -6.20 27.61 -4.19
CA TYR A 535 -5.27 26.53 -4.61
C TYR A 535 -4.31 26.25 -3.46
N LEU A 536 -3.69 27.30 -2.90
CA LEU A 536 -2.74 27.15 -1.76
C LEU A 536 -3.45 26.53 -0.55
N ARG A 537 -4.70 26.92 -0.29
CA ARG A 537 -5.44 26.45 0.91
C ARG A 537 -5.58 24.92 0.86
N ARG A 538 -5.89 24.33 -0.32
CA ARG A 538 -6.08 22.87 -0.46
C ARG A 538 -4.72 22.16 -0.44
N LEU A 539 -3.70 22.77 -1.04
CA LEU A 539 -2.33 22.19 -1.11
C LEU A 539 -1.66 22.27 0.28
N TYR A 540 -1.85 23.38 1.01
CA TYR A 540 -1.09 23.71 2.25
C TYR A 540 -1.00 22.49 3.19
N PRO A 541 -2.12 21.82 3.57
CA PRO A 541 -2.05 20.66 4.45
C PRO A 541 -1.13 19.53 3.96
N LEU A 542 -1.09 19.30 2.65
CA LEU A 542 -0.21 18.27 2.04
C LEU A 542 1.25 18.69 2.23
N LEU A 543 1.55 19.97 1.96
CA LEU A 543 2.91 20.56 2.08
C LEU A 543 3.34 20.38 3.54
N ARG A 544 2.44 20.66 4.49
CA ARG A 544 2.72 20.54 5.95
C ARG A 544 2.88 19.06 6.30
N ARG A 545 2.06 18.18 5.70
CA ARG A 545 2.19 16.72 5.94
C ARG A 545 3.58 16.24 5.48
N GLN A 546 4.07 16.75 4.34
CA GLN A 546 5.40 16.33 3.83
C GLN A 546 6.47 16.82 4.79
N PHE A 547 6.41 18.08 5.20
CA PHE A 547 7.35 18.69 6.17
C PHE A 547 7.47 17.74 7.38
N ASP A 548 6.33 17.35 7.95
CA ASP A 548 6.30 16.51 9.18
C ASP A 548 6.89 15.13 8.85
N TRP A 549 6.56 14.58 7.67
CA TRP A 549 7.13 13.29 7.19
C TRP A 549 8.66 13.35 7.15
N PHE A 550 9.24 14.45 6.67
CA PHE A 550 10.72 14.62 6.60
C PHE A 550 11.29 14.59 8.03
N ARG A 551 10.71 15.38 8.93
CA ARG A 551 11.17 15.48 10.35
C ARG A 551 11.01 14.13 11.04
N LYS A 552 9.97 13.37 10.73
CA LYS A 552 9.73 12.05 11.37
C LYS A 552 10.69 11.00 10.78
N THR A 553 10.83 10.93 9.46
CA THR A 553 11.43 9.74 8.81
C THR A 553 12.90 10.00 8.53
N GLN A 554 13.31 11.25 8.28
CA GLN A 554 14.73 11.60 7.91
C GLN A 554 15.44 12.31 9.08
N ALA A 555 15.12 11.97 10.32
CA ALA A 555 15.68 12.56 11.56
C ALA A 555 17.14 12.15 11.78
N GLY A 556 17.98 13.11 12.14
CA GLY A 556 19.36 12.83 12.60
C GLY A 556 19.40 12.69 14.10
N ASP A 557 20.43 12.04 14.62
CA ASP A 557 20.58 11.81 16.07
C ASP A 557 21.56 12.87 16.61
N ILE A 558 21.04 13.88 17.33
CA ILE A 558 21.85 14.74 18.25
C ILE A 558 22.02 14.03 19.60
N LYS A 559 20.91 13.68 20.27
CA LYS A 559 20.83 13.43 21.74
C LYS A 559 21.77 12.27 22.16
N SER A 560 21.90 11.22 21.37
CA SER A 560 22.50 9.94 21.84
C SER A 560 24.04 9.96 21.72
N TYR A 561 24.65 11.13 21.46
CA TYR A 561 26.11 11.32 21.26
C TYR A 561 26.56 12.60 21.98
N ASP A 562 27.86 12.89 22.01
CA ASP A 562 28.42 14.14 22.62
C ASP A 562 28.25 15.31 21.64
N ARG A 563 27.02 15.73 21.39
CA ARG A 563 26.67 16.70 20.31
C ARG A 563 26.11 17.96 20.97
N GLU A 564 26.88 19.05 20.92
CA GLU A 564 26.46 20.39 21.40
C GLU A 564 25.85 21.12 20.23
N ALA A 565 24.70 21.79 20.43
CA ALA A 565 24.06 22.64 19.41
C ALA A 565 22.95 23.46 20.04
N TYR A 566 22.72 24.65 19.50
CA TYR A 566 21.62 25.58 19.84
C TYR A 566 20.26 24.89 19.91
N SER A 567 20.07 23.79 19.16
CA SER A 567 18.78 23.04 19.14
C SER A 567 19.06 21.55 19.26
N THR A 568 18.18 20.81 19.95
CA THR A 568 18.28 19.35 20.16
C THR A 568 17.41 18.66 19.10
N LYS A 569 16.62 19.43 18.35
CA LYS A 569 15.57 18.93 17.41
C LYS A 569 16.15 18.86 15.98
N GLU A 570 16.82 19.91 15.51
CA GLU A 570 17.10 20.16 14.07
C GLU A 570 18.40 19.50 13.65
N ALA A 571 18.31 18.31 13.05
CA ALA A 571 19.43 17.51 12.50
C ALA A 571 18.83 16.43 11.59
N TYR A 572 19.47 16.13 10.45
CA TYR A 572 18.81 15.28 9.42
C TYR A 572 19.81 14.34 8.76
N ARG A 573 19.33 13.14 8.44
CA ARG A 573 20.06 12.09 7.70
C ARG A 573 19.15 11.46 6.62
N TRP A 574 19.50 11.64 5.34
CA TRP A 574 18.99 10.84 4.19
C TRP A 574 18.96 9.36 4.56
N ARG A 575 17.79 8.75 4.58
CA ARG A 575 17.68 7.26 4.63
C ARG A 575 18.05 6.74 3.24
N GLY A 576 18.58 5.50 3.19
CA GLY A 576 18.67 4.69 1.96
C GLY A 576 20.08 4.68 1.40
N ARG A 577 21.05 5.09 2.20
CA ARG A 577 22.41 5.22 1.66
C ARG A 577 23.12 3.87 1.79
N THR A 578 23.96 3.58 0.81
CA THR A 578 24.77 2.34 0.67
C THR A 578 26.21 2.81 0.78
N VAL A 579 27.17 1.89 0.67
CA VAL A 579 28.58 2.16 0.99
C VAL A 579 29.09 3.26 0.06
N SER A 580 28.73 3.22 -1.22
CA SER A 580 29.29 4.14 -2.26
C SER A 580 28.27 5.17 -2.75
N HIS A 581 27.03 5.18 -2.22
CA HIS A 581 25.93 5.99 -2.82
C HIS A 581 25.07 6.69 -1.76
N CYS A 582 24.37 7.73 -2.18
CA CYS A 582 23.19 8.29 -1.51
C CYS A 582 22.17 8.74 -2.57
N LEU A 583 21.42 7.80 -3.16
CA LEU A 583 20.54 8.03 -4.33
C LEU A 583 19.43 9.00 -3.95
N THR A 584 18.92 8.88 -2.72
CA THR A 584 17.76 9.68 -2.28
C THR A 584 18.15 11.17 -2.32
N SER A 585 19.43 11.52 -2.10
CA SER A 585 19.86 12.96 -2.06
C SER A 585 19.73 13.56 -3.47
N GLY A 586 19.72 12.71 -4.51
CA GLY A 586 19.75 13.15 -5.92
C GLY A 586 21.17 13.27 -6.46
N LEU A 587 22.18 13.33 -5.58
CA LEU A 587 23.63 13.39 -5.93
C LEU A 587 24.27 12.02 -5.68
N ASP A 588 23.94 11.08 -6.56
CA ASP A 588 24.05 9.62 -6.38
C ASP A 588 25.35 9.26 -5.67
N ASP A 589 26.50 9.64 -6.24
CA ASP A 589 27.81 9.12 -5.77
C ASP A 589 28.67 10.26 -5.24
N TYR A 590 28.10 11.41 -4.87
CA TYR A 590 28.89 12.44 -4.16
C TYR A 590 29.46 11.77 -2.92
N PRO A 591 30.75 11.97 -2.60
CA PRO A 591 31.36 11.27 -1.46
C PRO A 591 30.72 11.77 -0.17
N ARG A 592 30.39 10.82 0.70
CA ARG A 592 29.69 11.06 2.00
C ARG A 592 30.59 10.44 3.07
N PRO A 593 30.31 10.61 4.38
CA PRO A 593 31.10 9.94 5.42
C PRO A 593 31.24 8.43 5.21
N GLN A 594 32.45 7.90 5.44
CA GLN A 594 32.82 6.48 5.26
C GLN A 594 33.29 5.89 6.59
N PRO A 595 32.63 4.84 7.12
CA PRO A 595 31.52 4.17 6.45
C PRO A 595 30.21 4.92 6.68
N PRO A 596 29.10 4.53 6.01
CA PRO A 596 27.80 5.09 6.33
C PRO A 596 27.52 4.72 7.80
N HIS A 597 26.77 5.56 8.51
CA HIS A 597 26.65 5.45 9.98
C HIS A 597 25.33 6.09 10.42
N PRO A 598 24.64 5.51 11.42
CA PRO A 598 23.39 6.09 11.93
C PRO A 598 23.57 7.47 12.56
N GLY A 599 24.81 7.84 12.90
CA GLY A 599 25.15 9.17 13.45
C GLY A 599 25.40 10.21 12.36
N GLU A 600 25.47 9.81 11.08
CA GLU A 600 25.68 10.75 9.95
C GLU A 600 24.66 11.87 10.04
N LEU A 601 25.06 13.07 9.62
CA LEU A 601 24.17 14.22 9.41
C LEU A 601 24.52 14.79 8.03
N HIS A 602 23.52 15.17 7.25
CA HIS A 602 23.73 15.62 5.86
C HIS A 602 23.30 17.07 5.79
N VAL A 603 24.22 17.97 5.43
CA VAL A 603 23.95 19.45 5.45
C VAL A 603 22.98 19.80 4.32
N ASP A 604 23.02 19.07 3.19
CA ASP A 604 22.07 19.34 2.09
C ASP A 604 20.64 19.07 2.56
N LEU A 605 20.39 17.95 3.24
CA LEU A 605 19.05 17.61 3.76
C LEU A 605 18.56 18.71 4.71
N MET A 606 19.39 19.20 5.64
CA MET A 606 18.99 20.30 6.58
C MET A 606 18.62 21.55 5.79
N SER A 607 19.41 21.89 4.77
CA SER A 607 19.11 23.06 3.89
C SER A 607 17.75 22.85 3.21
N TRP A 608 17.44 21.65 2.71
CA TRP A 608 16.14 21.41 2.05
C TRP A 608 15.00 21.64 3.05
N VAL A 609 15.13 21.16 4.29
CA VAL A 609 14.09 21.40 5.33
C VAL A 609 13.98 22.92 5.53
N GLY A 610 15.10 23.62 5.49
CA GLY A 610 15.15 25.10 5.57
C GLY A 610 14.29 25.74 4.51
N VAL A 611 14.44 25.24 3.26
CA VAL A 611 13.66 25.71 2.07
C VAL A 611 12.18 25.50 2.37
N MET A 612 11.81 24.30 2.81
CA MET A 612 10.40 23.94 3.14
C MET A 612 9.83 24.92 4.19
N VAL A 613 10.56 25.18 5.28
CA VAL A 613 10.00 26.04 6.37
C VAL A 613 9.76 27.45 5.83
N LYS A 614 10.70 27.99 5.07
CA LYS A 614 10.56 29.35 4.50
C LYS A 614 9.32 29.42 3.63
N SER A 615 8.98 28.37 2.90
CA SER A 615 7.78 28.31 2.01
C SER A 615 6.52 28.21 2.86
N LEU A 616 6.53 27.36 3.88
CA LEU A 616 5.37 27.22 4.80
C LEU A 616 5.13 28.53 5.58
N ILE A 617 6.17 29.22 6.03
CA ILE A 617 6.00 30.57 6.66
C ILE A 617 5.19 31.46 5.69
N SER A 618 5.58 31.53 4.41
CA SER A 618 4.98 32.40 3.36
C SER A 618 3.51 32.06 3.12
N ILE A 619 3.21 30.78 2.96
CA ILE A 619 1.87 30.27 2.53
C ILE A 619 0.93 30.26 3.74
N GLY A 620 1.43 29.80 4.89
CA GLY A 620 0.76 29.92 6.20
C GLY A 620 0.32 31.35 6.48
N SER A 621 1.21 32.33 6.28
CA SER A 621 0.93 33.78 6.47
C SER A 621 -0.27 34.19 5.60
N LEU A 622 -0.20 33.93 4.28
CA LEU A 622 -1.25 34.26 3.28
C LEU A 622 -2.60 33.66 3.70
N LEU A 623 -2.57 32.57 4.46
CA LEU A 623 -3.76 31.79 4.87
C LEU A 623 -4.10 32.14 6.32
N GLY A 624 -3.28 32.99 6.96
CA GLY A 624 -3.37 33.33 8.39
C GLY A 624 -3.41 32.11 9.31
N ALA A 625 -2.53 31.13 9.11
CA ALA A 625 -2.34 29.98 10.04
C ALA A 625 -1.30 30.36 11.08
N THR A 626 -1.68 31.28 11.98
CA THR A 626 -0.81 31.99 12.94
C THR A 626 -0.10 30.98 13.87
N GLU A 627 -0.85 30.04 14.47
CA GLU A 627 -0.28 28.92 15.27
C GLU A 627 0.85 28.28 14.45
N ASP A 628 0.58 27.93 13.17
CA ASP A 628 1.53 27.20 12.27
C ASP A 628 2.76 28.09 12.02
N VAL A 629 2.56 29.35 11.63
CA VAL A 629 3.67 30.30 11.27
C VAL A 629 4.62 30.50 12.47
N GLU A 630 4.10 30.48 13.69
CA GLU A 630 4.91 30.60 14.93
C GLU A 630 5.80 29.36 15.07
N PHE A 631 5.27 28.16 14.85
CA PHE A 631 6.06 26.90 14.93
C PHE A 631 7.18 26.94 13.88
N TYR A 632 6.84 27.26 12.64
CA TYR A 632 7.80 27.29 11.50
C TYR A 632 8.96 28.24 11.87
N THR A 633 8.65 29.41 12.44
CA THR A 633 9.63 30.50 12.72
C THR A 633 10.69 29.98 13.71
N LYS A 634 10.28 29.23 14.73
CA LYS A 634 11.20 28.64 15.74
C LYS A 634 12.09 27.62 15.04
N VAL A 635 11.50 26.77 14.19
CA VAL A 635 12.26 25.76 13.41
C VAL A 635 13.31 26.46 12.54
N LEU A 636 12.94 27.54 11.85
CA LEU A 636 13.86 28.23 10.91
C LEU A 636 15.06 28.80 11.68
N ASP A 637 14.79 29.45 12.82
CA ASP A 637 15.83 30.02 13.71
C ASP A 637 16.74 28.87 14.17
N ALA A 638 16.16 27.71 14.53
CA ALA A 638 16.90 26.52 14.99
C ALA A 638 17.80 25.96 13.88
N ILE A 639 17.30 25.92 12.63
CA ILE A 639 18.10 25.38 11.49
C ILE A 639 19.25 26.37 11.22
N GLU A 640 18.98 27.68 11.27
CA GLU A 640 20.01 28.70 11.00
C GLU A 640 21.19 28.49 11.96
N HIS A 641 20.91 28.22 13.24
CA HIS A 641 21.95 28.04 14.28
C HIS A 641 22.62 26.67 14.11
N ASN A 642 21.85 25.61 13.92
CA ASN A 642 22.40 24.22 13.90
C ASN A 642 23.18 23.96 12.60
N LEU A 643 22.85 24.64 11.50
CA LEU A 643 23.71 24.59 10.28
C LEU A 643 25.14 24.89 10.71
N ASP A 644 25.32 25.96 11.50
CA ASP A 644 26.65 26.41 12.00
C ASP A 644 27.18 25.38 13.01
N ASP A 645 26.47 25.13 14.11
CA ASP A 645 26.99 24.31 15.23
C ASP A 645 27.38 22.92 14.74
N LEU A 646 26.68 22.35 13.75
CA LEU A 646 26.84 20.90 13.39
C LEU A 646 27.59 20.72 12.06
N HIS A 647 27.55 21.71 11.15
CA HIS A 647 28.00 21.49 9.75
C HIS A 647 29.09 22.50 9.29
N TRP A 648 29.39 23.57 10.04
CA TRP A 648 30.40 24.59 9.61
C TRP A 648 31.81 24.15 10.03
N SER A 649 32.74 24.14 9.06
CA SER A 649 34.20 23.95 9.29
C SER A 649 34.95 25.28 9.13
N GLU A 650 35.41 25.85 10.25
CA GLU A 650 36.34 27.02 10.24
C GLU A 650 37.64 26.60 9.55
N LYS A 651 38.16 25.40 9.84
CA LYS A 651 39.42 24.87 9.25
C LYS A 651 39.33 24.86 7.72
N GLU A 652 38.18 24.45 7.13
CA GLU A 652 38.07 24.28 5.65
C GLU A 652 37.47 25.53 5.00
N GLY A 653 36.68 26.33 5.70
CA GLY A 653 35.98 27.50 5.12
C GLY A 653 34.75 27.11 4.31
N CYS A 654 34.00 26.09 4.74
CA CYS A 654 32.80 25.58 4.04
C CYS A 654 31.96 24.70 4.97
N TYR A 655 30.72 24.42 4.56
CA TYR A 655 29.82 23.47 5.26
C TYR A 655 30.19 22.05 4.87
N CYS A 656 29.92 21.09 5.76
CA CYS A 656 30.32 19.67 5.62
C CYS A 656 29.24 18.77 6.22
N ASP A 657 29.09 17.57 5.69
CA ASP A 657 28.37 16.48 6.39
C ASP A 657 29.15 16.12 7.66
N ALA A 658 28.49 15.45 8.61
CA ALA A 658 29.08 14.96 9.87
C ALA A 658 28.81 13.46 10.02
N THR A 659 29.64 12.79 10.81
CA THR A 659 29.40 11.42 11.32
C THR A 659 29.67 11.40 12.82
N ILE A 660 29.81 10.18 13.35
CA ILE A 660 30.56 9.98 14.61
C ILE A 660 31.69 8.97 14.36
N ASP A 661 32.86 9.31 14.93
CA ASP A 661 34.18 8.63 14.94
C ASP A 661 34.07 7.15 15.32
N GLU A 662 35.21 6.46 15.18
CA GLU A 662 35.57 5.18 15.88
C GLU A 662 35.36 5.34 17.41
N PHE A 663 35.60 6.53 17.98
CA PHE A 663 35.57 6.84 19.43
C PHE A 663 34.27 7.57 19.79
N GLU A 664 33.24 7.45 18.96
CA GLU A 664 31.86 7.94 19.23
C GLU A 664 31.82 9.47 19.40
N GLU A 665 32.74 10.24 18.81
CA GLU A 665 32.69 11.74 18.82
C GLU A 665 32.25 12.26 17.42
N HIS A 666 31.61 13.43 17.41
CA HIS A 666 31.19 14.16 16.18
C HIS A 666 32.44 14.53 15.36
N LYS A 667 32.51 14.10 14.09
CA LYS A 667 33.59 14.47 13.13
C LYS A 667 32.90 15.09 11.91
N LEU A 668 33.33 16.28 11.49
CA LEU A 668 32.98 16.88 10.19
C LEU A 668 33.72 16.11 9.10
N VAL A 669 33.11 15.90 7.93
CA VAL A 669 33.78 15.21 6.79
C VAL A 669 33.63 16.09 5.56
N CYS A 670 34.71 16.76 5.18
CA CYS A 670 34.66 17.86 4.18
C CYS A 670 35.13 17.33 2.83
N HIS A 671 34.24 17.35 1.86
CA HIS A 671 34.52 17.08 0.44
C HIS A 671 34.02 18.31 -0.29
N LYS A 672 34.96 19.20 -0.65
CA LYS A 672 34.62 20.53 -1.21
C LYS A 672 33.95 20.31 -2.57
N GLY A 673 32.73 20.82 -2.72
CA GLY A 673 31.91 20.65 -3.93
C GLY A 673 30.50 21.15 -3.68
N TYR A 674 29.52 20.70 -4.47
CA TYR A 674 28.14 21.22 -4.39
C TYR A 674 27.63 21.12 -2.94
N ILE A 675 27.82 19.99 -2.27
CA ILE A 675 27.23 19.78 -0.91
C ILE A 675 27.68 20.93 0.00
N SER A 676 28.95 21.33 -0.11
CA SER A 676 29.61 22.34 0.74
C SER A 676 28.91 23.71 0.62
N LEU A 677 28.20 23.94 -0.48
CA LEU A 677 27.62 25.27 -0.78
C LEU A 677 26.15 25.29 -0.38
N PHE A 678 25.61 24.19 0.15
CA PHE A 678 24.13 24.00 0.11
C PHE A 678 23.38 25.13 0.80
N PRO A 679 23.74 25.56 2.04
CA PRO A 679 23.02 26.66 2.70
C PRO A 679 22.93 27.93 1.83
N PHE A 680 24.02 28.27 1.14
CA PHE A 680 24.06 29.34 0.10
C PHE A 680 23.11 29.01 -1.05
N LEU A 681 23.20 27.81 -1.66
CA LEU A 681 22.41 27.42 -2.87
C LEU A 681 20.90 27.50 -2.59
N THR A 682 20.47 27.20 -1.36
CA THR A 682 19.04 27.17 -0.93
C THR A 682 18.61 28.50 -0.32
N GLY A 683 19.50 29.50 -0.26
CA GLY A 683 19.17 30.89 0.12
C GLY A 683 18.85 31.04 1.60
N LEU A 684 19.62 30.38 2.48
CA LEU A 684 19.44 30.39 3.95
C LEU A 684 20.41 31.37 4.63
N LEU A 685 21.36 31.97 3.89
CA LEU A 685 22.48 32.77 4.45
C LEU A 685 22.18 34.25 4.27
N LYS A 686 22.47 35.08 5.28
CA LYS A 686 22.35 36.55 5.18
C LYS A 686 23.40 37.04 4.19
N PRO A 687 23.08 38.05 3.36
CA PRO A 687 24.03 38.56 2.35
C PRO A 687 25.32 39.19 2.89
N ASP A 688 25.38 39.43 4.19
CA ASP A 688 26.52 40.08 4.90
C ASP A 688 27.27 39.00 5.68
N SER A 689 26.87 37.73 5.55
CA SER A 689 27.46 36.62 6.35
C SER A 689 28.91 36.41 5.95
N PRO A 690 29.85 36.41 6.92
CA PRO A 690 31.24 36.06 6.62
C PRO A 690 31.37 34.65 6.02
N LYS A 691 30.47 33.74 6.41
CA LYS A 691 30.45 32.34 5.89
C LYS A 691 30.14 32.40 4.39
N LEU A 692 29.12 33.16 3.99
CA LEU A 692 28.78 33.38 2.56
C LEU A 692 30.03 33.83 1.81
N GLY A 693 30.74 34.85 2.31
CA GLY A 693 31.95 35.40 1.67
C GLY A 693 32.99 34.32 1.44
N LYS A 694 33.19 33.45 2.43
CA LYS A 694 34.12 32.31 2.31
C LYS A 694 33.64 31.34 1.21
N LEU A 695 32.33 31.11 1.08
CA LEU A 695 31.72 30.24 0.04
C LEU A 695 31.93 30.87 -1.34
N LEU A 696 31.76 32.20 -1.47
CA LEU A 696 32.05 32.93 -2.75
C LEU A 696 33.53 32.76 -3.15
N ALA A 697 34.46 32.69 -2.18
CA ALA A 697 35.89 32.43 -2.43
C ALA A 697 36.10 31.00 -2.95
N LEU A 698 35.38 30.01 -2.40
CA LEU A 698 35.44 28.60 -2.88
C LEU A 698 34.83 28.51 -4.29
N ILE A 699 33.65 29.09 -4.50
CA ILE A 699 32.94 29.08 -5.82
C ILE A 699 33.86 29.65 -6.91
N GLY A 700 34.59 30.74 -6.62
CA GLY A 700 35.38 31.49 -7.62
C GLY A 700 36.76 30.88 -7.86
N ASP A 701 37.21 30.00 -6.96
CA ASP A 701 38.58 29.42 -6.96
C ASP A 701 38.69 28.37 -8.06
N GLU A 702 39.49 28.68 -9.08
CA GLU A 702 39.68 27.86 -10.30
C GLU A 702 40.29 26.53 -9.91
N SER A 703 41.09 26.51 -8.85
CA SER A 703 41.84 25.31 -8.40
C SER A 703 40.92 24.37 -7.61
N GLU A 704 39.71 24.83 -7.24
CA GLU A 704 38.66 24.01 -6.56
C GLU A 704 37.47 23.77 -7.51
N LEU A 705 36.44 24.61 -7.52
CA LEU A 705 35.16 24.32 -8.25
C LEU A 705 35.03 25.07 -9.59
N TRP A 706 35.81 26.12 -9.83
CA TRP A 706 35.50 27.06 -10.96
C TRP A 706 36.23 26.59 -12.22
N SER A 707 35.48 26.05 -13.18
CA SER A 707 36.01 25.61 -14.50
C SER A 707 35.57 26.64 -15.50
N PRO A 708 36.18 26.68 -16.70
CA PRO A 708 35.69 27.56 -17.76
C PRO A 708 34.24 27.27 -18.18
N TYR A 709 33.72 26.12 -17.78
CA TYR A 709 32.46 25.58 -18.34
C TYR A 709 31.37 25.60 -17.27
N GLY A 710 31.70 26.03 -16.04
CA GLY A 710 30.77 26.06 -14.90
C GLY A 710 31.39 25.50 -13.64
N LEU A 711 30.60 25.38 -12.56
CA LEU A 711 31.08 24.80 -11.29
C LEU A 711 31.09 23.28 -11.40
N ARG A 712 32.26 22.70 -11.13
CA ARG A 712 32.50 21.24 -10.90
C ARG A 712 31.70 20.77 -9.69
N SER A 713 31.07 19.61 -9.82
CA SER A 713 30.29 18.94 -8.75
C SER A 713 31.21 18.70 -7.56
N LEU A 714 32.49 18.39 -7.79
CA LEU A 714 33.49 18.14 -6.72
C LEU A 714 34.80 18.89 -7.02
N SER A 715 35.45 19.43 -5.99
CA SER A 715 36.75 20.15 -6.14
C SER A 715 37.82 19.24 -6.74
N LYS A 716 38.65 19.81 -7.62
CA LYS A 716 39.81 19.10 -8.20
C LYS A 716 40.75 18.66 -7.07
N LYS A 717 40.70 19.32 -5.92
CA LYS A 717 41.61 19.02 -4.77
C LYS A 717 41.08 17.81 -4.00
N ASP A 718 39.81 17.44 -4.15
CA ASP A 718 39.23 16.36 -3.32
C ASP A 718 39.81 15.03 -3.78
N GLU A 719 40.10 14.15 -2.83
CA GLU A 719 40.70 12.82 -3.10
C GLU A 719 39.76 11.96 -3.93
N PHE A 720 38.46 12.29 -4.02
CA PHE A 720 37.51 11.44 -4.79
C PHE A 720 37.26 12.07 -6.18
N TYR A 721 38.00 13.13 -6.54
CA TYR A 721 37.88 13.79 -7.86
C TYR A 721 38.12 12.74 -8.96
N GLY A 722 37.18 12.66 -9.90
CA GLY A 722 37.23 11.75 -11.05
C GLY A 722 37.43 10.29 -10.64
N THR A 723 36.81 9.82 -9.58
CA THR A 723 36.94 8.39 -9.19
C THR A 723 35.63 7.64 -9.43
N ALA A 724 35.73 6.32 -9.48
CA ALA A 724 34.61 5.36 -9.56
C ALA A 724 33.82 5.67 -10.82
N GLU A 725 32.51 5.89 -10.71
CA GLU A 725 31.63 6.20 -11.86
C GLU A 725 31.75 7.68 -12.21
N ASN A 726 32.31 8.50 -11.33
CA ASN A 726 32.56 9.93 -11.63
C ASN A 726 31.27 10.60 -12.12
N TYR A 727 30.13 10.38 -11.46
CA TYR A 727 28.81 10.92 -11.85
C TYR A 727 28.61 12.35 -11.32
N TRP A 728 28.84 12.51 -10.02
CA TRP A 728 28.73 13.78 -9.28
C TRP A 728 30.07 14.05 -8.58
N ARG A 729 31.17 13.56 -9.15
CA ARG A 729 32.53 13.71 -8.57
C ARG A 729 33.48 14.49 -9.50
N SER A 730 32.93 15.40 -10.31
CA SER A 730 33.71 16.38 -11.14
C SER A 730 32.80 17.05 -12.14
N PRO A 731 31.87 16.35 -12.83
CA PRO A 731 31.16 16.96 -13.93
C PRO A 731 30.33 18.18 -13.51
N VAL A 732 29.99 19.00 -14.51
CA VAL A 732 29.20 20.25 -14.36
C VAL A 732 27.73 19.90 -14.61
N TRP A 733 26.89 20.09 -13.59
CA TRP A 733 25.44 19.79 -13.63
C TRP A 733 24.66 21.12 -13.67
N ILE A 734 23.75 21.25 -14.63
CA ILE A 734 23.07 22.54 -14.90
C ILE A 734 22.14 22.88 -13.73
N ASN A 735 21.58 21.89 -13.02
CA ASN A 735 20.57 22.19 -11.97
C ASN A 735 21.24 22.91 -10.80
N ILE A 736 22.37 22.42 -10.29
CA ILE A 736 23.06 23.06 -9.13
C ILE A 736 23.68 24.38 -9.56
N ASN A 737 24.16 24.47 -10.80
CA ASN A 737 24.75 25.72 -11.35
C ASN A 737 23.65 26.80 -11.40
N TYR A 738 22.43 26.41 -11.79
CA TYR A 738 21.24 27.31 -11.85
C TYR A 738 20.95 27.91 -10.46
N LEU A 739 20.88 27.06 -9.44
CA LEU A 739 20.68 27.50 -8.04
C LEU A 739 21.76 28.52 -7.68
N ALA A 740 23.04 28.24 -7.98
CA ALA A 740 24.18 29.13 -7.65
C ALA A 740 24.05 30.45 -8.41
N ILE A 741 23.61 30.43 -9.67
CA ILE A 741 23.45 31.65 -10.52
C ILE A 741 22.34 32.52 -9.93
N VAL A 742 21.22 31.91 -9.53
CA VAL A 742 20.06 32.63 -8.91
C VAL A 742 20.52 33.27 -7.59
N GLN A 743 21.35 32.59 -6.81
CA GLN A 743 21.75 33.12 -5.47
C GLN A 743 22.82 34.19 -5.66
N LEU A 744 23.75 34.02 -6.59
CA LEU A 744 24.75 35.08 -6.90
C LEU A 744 23.99 36.34 -7.34
N TYR A 745 22.96 36.19 -8.15
CA TYR A 745 22.15 37.35 -8.63
C TYR A 745 21.47 38.03 -7.43
N ASN A 746 20.90 37.24 -6.52
CA ASN A 746 20.27 37.74 -5.28
C ASN A 746 21.24 38.72 -4.59
N ILE A 747 22.47 38.29 -4.39
CA ILE A 747 23.51 39.07 -3.66
C ILE A 747 23.97 40.26 -4.51
N ALA A 748 24.03 40.12 -5.84
CA ALA A 748 24.50 41.19 -6.76
C ALA A 748 23.50 42.37 -6.80
N THR A 749 22.27 42.20 -6.33
CA THR A 749 21.16 43.18 -6.49
C THR A 749 20.67 43.61 -5.10
N GLN A 750 21.63 43.82 -4.18
CA GLN A 750 21.41 44.27 -2.78
C GLN A 750 22.67 45.03 -2.33
N ASP A 751 22.51 46.09 -1.53
CA ASP A 751 23.66 46.64 -0.75
C ASP A 751 24.17 45.47 0.11
N GLY A 752 25.49 45.29 0.19
CA GLY A 752 26.14 44.38 1.16
C GLY A 752 27.65 44.28 0.86
N PRO A 753 28.46 43.69 1.75
CA PRO A 753 29.91 43.61 1.52
C PRO A 753 30.40 42.74 0.34
N TYR A 754 29.52 41.94 -0.28
CA TYR A 754 29.89 40.99 -1.37
C TYR A 754 29.14 41.29 -2.67
N LYS A 755 28.34 42.34 -2.71
CA LYS A 755 27.56 42.74 -3.92
C LYS A 755 28.42 42.63 -5.19
N GLU A 756 29.66 43.16 -5.18
CA GLU A 756 30.50 43.29 -6.39
C GLU A 756 31.16 41.93 -6.71
N THR A 757 31.60 41.18 -5.69
CA THR A 757 32.13 39.80 -5.88
C THR A 757 31.06 38.95 -6.56
N ALA A 758 29.82 39.05 -6.06
CA ALA A 758 28.65 38.29 -6.54
C ALA A 758 28.31 38.70 -7.98
N ARG A 759 28.36 39.99 -8.30
CA ARG A 759 27.96 40.51 -9.63
C ARG A 759 28.92 39.95 -10.68
N ASP A 760 30.23 39.98 -10.38
CA ASP A 760 31.30 39.50 -11.29
C ASP A 760 31.08 37.99 -11.52
N LEU A 761 30.97 37.21 -10.44
CA LEU A 761 30.78 35.74 -10.47
C LEU A 761 29.46 35.40 -11.18
N TYR A 762 28.37 36.14 -10.90
CA TYR A 762 27.07 35.96 -11.60
C TYR A 762 27.26 36.10 -13.11
N THR A 763 27.89 37.20 -13.53
CA THR A 763 28.04 37.56 -14.97
C THR A 763 28.75 36.41 -15.70
N ARG A 764 29.84 35.93 -15.14
CA ARG A 764 30.75 34.96 -15.78
C ARG A 764 30.09 33.57 -15.72
N LEU A 765 29.50 33.20 -14.57
CA LEU A 765 28.92 31.85 -14.38
C LEU A 765 27.76 31.70 -15.35
N ARG A 766 26.84 32.66 -15.39
CA ARG A 766 25.73 32.72 -16.39
C ARG A 766 26.27 32.49 -17.81
N LYS A 767 27.34 33.19 -18.15
CA LYS A 767 27.93 33.12 -19.51
C LYS A 767 28.55 31.73 -19.74
N ASN A 768 29.33 31.23 -18.80
CA ASN A 768 30.01 29.91 -18.94
C ASN A 768 28.97 28.80 -19.12
N ILE A 769 27.94 28.75 -18.27
CA ILE A 769 26.90 27.68 -18.30
C ILE A 769 26.14 27.75 -19.63
N VAL A 770 25.64 28.92 -20.03
CA VAL A 770 24.82 29.06 -21.26
C VAL A 770 25.68 28.64 -22.47
N GLU A 771 26.92 29.12 -22.57
CA GLU A 771 27.75 28.92 -23.78
C GLU A 771 28.18 27.45 -23.85
N THR A 772 28.45 26.82 -22.71
CA THR A 772 28.81 25.38 -22.66
C THR A 772 27.64 24.58 -23.23
N VAL A 773 26.42 24.84 -22.75
CA VAL A 773 25.23 24.07 -23.22
C VAL A 773 24.96 24.44 -24.67
N TYR A 774 25.04 25.73 -25.01
CA TYR A 774 24.88 26.23 -26.41
C TYR A 774 25.89 25.59 -27.39
N ARG A 775 27.19 25.63 -27.10
CA ARG A 775 28.22 25.05 -28.01
C ARG A 775 27.86 23.59 -28.30
N ASN A 776 27.49 22.84 -27.25
CA ASN A 776 27.20 21.40 -27.34
C ASN A 776 25.94 21.21 -28.18
N TRP A 777 24.90 22.01 -27.96
CA TRP A 777 23.66 21.91 -28.78
C TRP A 777 24.00 22.18 -30.25
N GLU A 778 24.85 23.19 -30.50
CA GLU A 778 25.26 23.59 -31.87
C GLU A 778 25.97 22.42 -32.54
N GLU A 779 26.94 21.78 -31.88
CA GLU A 779 27.75 20.68 -32.48
C GLU A 779 26.93 19.38 -32.58
N THR A 780 26.04 19.05 -31.62
CA THR A 780 25.43 17.69 -31.49
C THR A 780 23.90 17.65 -31.71
N GLY A 781 23.18 18.78 -31.60
CA GLY A 781 21.71 18.80 -31.56
C GLY A 781 21.14 18.38 -30.22
N PHE A 782 21.94 18.12 -29.18
CA PHE A 782 21.44 17.55 -27.90
C PHE A 782 21.64 18.51 -26.73
N ALA A 783 20.67 18.52 -25.82
CA ALA A 783 20.89 18.78 -24.38
C ALA A 783 21.50 17.52 -23.78
N TRP A 784 22.57 17.67 -23.00
CA TRP A 784 23.24 16.56 -22.28
C TRP A 784 22.95 16.66 -20.77
N GLU A 785 23.04 15.53 -20.09
CA GLU A 785 22.82 15.34 -18.64
C GLU A 785 23.85 16.12 -17.82
N GLN A 786 25.10 16.15 -18.26
CA GLN A 786 26.19 16.85 -17.54
C GLN A 786 27.27 17.25 -18.55
N TYR A 787 28.25 18.05 -18.12
CA TYR A 787 29.30 18.60 -19.01
C TYR A 787 30.66 18.42 -18.36
N ASN A 788 31.63 18.09 -19.21
CA ASN A 788 33.02 17.76 -18.79
C ASN A 788 33.72 19.06 -18.47
N PRO A 789 34.23 19.22 -17.22
CA PRO A 789 34.88 20.47 -16.81
C PRO A 789 36.28 20.69 -17.42
N GLU A 790 36.92 19.65 -17.97
CA GLU A 790 38.23 19.73 -18.66
C GLU A 790 38.04 20.14 -20.13
N THR A 791 37.03 19.60 -20.83
CA THR A 791 36.86 19.72 -22.30
C THR A 791 35.63 20.55 -22.67
N GLY A 792 34.64 20.66 -21.79
CA GLY A 792 33.37 21.32 -22.12
C GLY A 792 32.39 20.40 -22.82
N LYS A 793 32.73 19.14 -23.07
CA LYS A 793 31.85 18.25 -23.88
C LYS A 793 30.70 17.77 -23.03
N GLY A 794 29.51 17.70 -23.64
CA GLY A 794 28.36 16.97 -23.08
C GLY A 794 28.69 15.49 -22.98
N GLN A 795 28.27 14.84 -21.91
CA GLN A 795 28.59 13.41 -21.66
C GLN A 795 27.44 12.80 -20.84
N ARG A 796 27.48 11.49 -20.64
CA ARG A 796 26.33 10.68 -20.20
C ARG A 796 25.21 10.88 -21.22
N THR A 797 23.98 11.03 -20.77
CA THR A 797 22.74 10.77 -21.55
C THR A 797 22.37 12.01 -22.40
N GLN A 798 21.94 11.78 -23.65
CA GLN A 798 21.44 12.85 -24.56
C GLN A 798 19.95 13.07 -24.31
N HIS A 799 19.38 14.09 -24.96
CA HIS A 799 17.95 14.50 -24.82
C HIS A 799 17.58 14.75 -23.35
N PHE A 800 18.46 15.35 -22.55
CA PHE A 800 18.17 15.61 -21.11
C PHE A 800 17.48 16.97 -20.95
N THR A 801 16.19 17.00 -21.26
CA THR A 801 15.28 18.16 -21.14
C THR A 801 14.05 17.74 -20.33
N GLY A 802 14.18 17.53 -19.01
CA GLY A 802 15.44 17.53 -18.28
C GLY A 802 15.84 18.93 -17.82
N TRP A 803 16.50 19.02 -16.67
CA TRP A 803 16.81 20.31 -16.03
C TRP A 803 17.89 21.09 -16.79
N THR A 804 18.50 20.50 -17.81
CA THR A 804 19.51 21.24 -18.63
C THR A 804 18.81 22.41 -19.30
N SER A 805 17.50 22.29 -19.53
CA SER A 805 16.65 23.33 -20.17
C SER A 805 16.50 24.56 -19.25
N LEU A 806 16.91 24.50 -17.98
CA LEU A 806 16.97 25.70 -17.09
C LEU A 806 17.73 26.83 -17.80
N VAL A 807 18.54 26.47 -18.79
CA VAL A 807 19.38 27.45 -19.54
CA VAL A 807 19.38 27.43 -19.57
C VAL A 807 18.50 28.54 -20.18
N VAL A 808 17.26 28.24 -20.59
CA VAL A 808 16.34 29.27 -21.16
CA VAL A 808 16.35 29.28 -21.17
C VAL A 808 16.11 30.36 -20.11
N LYS A 809 15.97 29.96 -18.85
CA LYS A 809 15.68 30.89 -17.74
C LYS A 809 16.93 31.69 -17.40
N ILE A 810 18.10 31.04 -17.39
CA ILE A 810 19.40 31.74 -17.10
C ILE A 810 19.60 32.87 -18.11
N MET A 811 19.24 32.66 -19.38
CA MET A 811 19.43 33.61 -20.52
C MET A 811 18.51 34.82 -20.32
N SER A 812 17.26 34.59 -19.92
CA SER A 812 16.22 35.65 -19.77
C SER A 812 16.44 36.45 -18.46
N GLY A 813 17.16 35.88 -17.50
CA GLY A 813 17.67 36.55 -16.28
C GLY A 813 16.57 37.15 -15.41
N HIS A 814 16.88 38.30 -14.76
CA HIS A 814 15.94 39.14 -13.96
C HIS A 814 15.08 38.26 -13.04
N HIS A 815 15.71 37.49 -12.16
CA HIS A 815 15.09 36.43 -11.32
C HIS A 815 14.28 37.07 -10.16
N GLU B 35 6.18 -34.41 31.58
CA GLU B 35 7.37 -35.12 32.18
C GLU B 35 6.92 -36.51 32.66
N SER B 36 5.69 -36.62 33.20
CA SER B 36 5.02 -37.91 33.48
C SER B 36 4.60 -38.55 32.15
N ILE B 37 4.70 -39.87 32.05
CA ILE B 37 4.24 -40.70 30.90
C ILE B 37 2.82 -40.31 30.52
N LEU B 38 1.91 -40.19 31.48
CA LEU B 38 0.47 -40.00 31.18
C LEU B 38 0.25 -38.61 30.61
N HIS B 39 0.80 -37.59 31.24
CA HIS B 39 0.69 -36.20 30.75
C HIS B 39 1.20 -36.13 29.30
N SER B 40 2.38 -36.70 29.00
CA SER B 40 2.94 -36.70 27.63
C SER B 40 1.94 -37.34 26.69
N GLU B 41 1.34 -38.46 27.11
CA GLU B 41 0.49 -39.29 26.21
C GLU B 41 -0.79 -38.50 25.90
N ILE B 42 -1.39 -37.91 26.92
CA ILE B 42 -2.60 -37.06 26.73
C ILE B 42 -2.22 -35.89 25.78
N GLY B 43 -1.06 -35.27 25.99
CA GLY B 43 -0.55 -34.20 25.09
C GLY B 43 -0.48 -34.67 23.64
N ARG B 44 0.12 -35.83 23.41
CA ARG B 44 0.29 -36.45 22.06
C ARG B 44 -1.07 -36.64 21.42
N LEU B 45 -2.05 -37.15 22.19
CA LEU B 45 -3.39 -37.51 21.67
C LEU B 45 -4.15 -36.22 21.34
N ASN B 46 -4.01 -35.19 22.17
CA ASN B 46 -4.63 -33.86 21.90
C ASN B 46 -4.02 -33.20 20.66
N ASN B 47 -2.70 -33.27 20.52
CA ASN B 47 -1.91 -32.73 19.38
C ASN B 47 -2.40 -33.42 18.10
N GLN B 48 -2.51 -34.75 18.10
CA GLN B 48 -2.93 -35.52 16.90
C GLN B 48 -4.40 -35.20 16.59
N SER B 49 -5.24 -35.03 17.61
CA SER B 49 -6.68 -34.66 17.43
C SER B 49 -6.81 -33.24 16.87
N LEU B 50 -5.97 -32.30 17.29
CA LEU B 50 -6.20 -30.86 16.97
C LEU B 50 -5.37 -30.41 15.75
N LEU B 51 -4.52 -31.27 15.19
CA LEU B 51 -3.46 -30.87 14.21
C LEU B 51 -4.07 -30.13 13.04
N TRP B 52 -5.07 -30.70 12.38
CA TRP B 52 -5.74 -30.15 11.18
C TRP B 52 -6.98 -29.30 11.55
N GLY B 53 -7.21 -28.26 10.77
CA GLY B 53 -8.40 -27.41 10.90
C GLY B 53 -8.45 -26.39 9.79
N PRO B 54 -9.59 -25.67 9.68
CA PRO B 54 -9.67 -24.49 8.81
C PRO B 54 -9.07 -23.33 9.61
N TYR B 55 -7.81 -23.51 10.03
CA TYR B 55 -7.14 -22.66 11.04
C TYR B 55 -6.57 -21.39 10.35
N ARG B 56 -7.30 -20.86 9.38
CA ARG B 56 -6.95 -19.64 8.60
C ARG B 56 -8.16 -18.72 8.62
N PRO B 57 -8.55 -18.22 9.83
CA PRO B 57 -9.78 -17.44 9.97
C PRO B 57 -9.80 -16.11 9.19
N ASN B 58 -8.63 -15.60 8.79
CA ASN B 58 -8.50 -14.32 8.05
C ASN B 58 -9.06 -14.44 6.62
N ILE B 59 -9.19 -15.65 6.10
CA ILE B 59 -9.74 -15.90 4.73
C ILE B 59 -11.08 -16.63 4.83
N TYR B 60 -11.87 -16.59 3.76
CA TYR B 60 -13.22 -17.21 3.71
C TYR B 60 -13.11 -18.71 3.98
N PHE B 61 -12.22 -19.38 3.27
CA PHE B 61 -11.99 -20.84 3.49
C PHE B 61 -10.57 -21.25 3.08
N GLY B 62 -9.86 -21.86 4.02
CA GLY B 62 -8.61 -22.59 3.77
C GLY B 62 -8.20 -23.36 4.99
N THR B 63 -7.24 -24.25 4.84
CA THR B 63 -6.80 -25.20 5.88
C THR B 63 -5.31 -25.03 6.10
N ARG B 64 -4.87 -25.34 7.30
CA ARG B 64 -3.44 -25.58 7.62
C ARG B 64 -3.38 -26.42 8.87
N PRO B 65 -2.31 -27.21 9.06
CA PRO B 65 -2.06 -27.85 10.34
C PRO B 65 -1.42 -26.89 11.33
N ARG B 66 -1.34 -27.30 12.59
CA ARG B 66 -0.62 -26.58 13.69
C ARG B 66 0.89 -26.77 13.50
N ILE B 67 1.44 -26.41 12.33
CA ILE B 67 2.90 -26.53 12.00
C ILE B 67 3.32 -25.26 11.24
N GLY B 68 4.36 -24.59 11.71
CA GLY B 68 4.77 -23.28 11.15
C GLY B 68 4.92 -23.35 9.64
N LYS B 69 5.72 -24.29 9.18
CA LYS B 69 6.09 -24.41 7.75
C LYS B 69 5.57 -25.74 7.25
N SER B 70 4.45 -25.73 6.56
CA SER B 70 3.81 -26.98 6.11
C SER B 70 2.86 -26.64 4.98
N LEU B 71 1.85 -27.49 4.82
CA LEU B 71 0.85 -27.46 3.73
C LEU B 71 -0.29 -26.52 4.14
N MET B 72 -0.61 -25.54 3.32
CA MET B 72 -1.76 -24.63 3.51
C MET B 72 -2.64 -24.62 2.26
N THR B 73 -3.91 -24.26 2.40
CA THR B 73 -4.88 -24.26 1.29
C THR B 73 -5.73 -22.99 1.41
N GLY B 74 -6.24 -22.52 0.28
CA GLY B 74 -7.13 -21.36 0.20
C GLY B 74 -8.07 -21.46 -0.97
N LEU B 75 -9.32 -21.05 -0.76
CA LEU B 75 -10.39 -20.99 -1.78
C LEU B 75 -10.49 -19.55 -2.28
N MET B 76 -10.61 -19.36 -3.58
CA MET B 76 -10.95 -18.06 -4.19
C MET B 76 -12.10 -18.28 -5.16
N TRP B 77 -12.94 -17.27 -5.35
CA TRP B 77 -14.02 -17.29 -6.36
C TRP B 77 -14.39 -15.87 -6.76
N GLY B 78 -15.00 -15.74 -7.93
CA GLY B 78 -15.53 -14.47 -8.45
C GLY B 78 -16.20 -14.71 -9.77
N LYS B 79 -17.27 -13.95 -10.04
CA LYS B 79 -17.94 -13.95 -11.37
C LYS B 79 -16.99 -13.22 -12.33
N ILE B 80 -17.11 -13.52 -13.63
CA ILE B 80 -16.34 -12.85 -14.71
C ILE B 80 -17.29 -12.53 -15.87
N GLU B 81 -17.42 -11.25 -16.19
CA GLU B 81 -18.26 -10.71 -17.28
C GLU B 81 -17.41 -9.93 -18.29
N SER B 82 -16.15 -9.62 -17.98
CA SER B 82 -15.33 -8.64 -18.75
C SER B 82 -13.84 -8.98 -18.63
N TYR B 83 -12.98 -8.28 -19.37
CA TYR B 83 -11.53 -8.56 -19.42
C TYR B 83 -10.85 -7.94 -18.19
N THR B 84 -11.58 -7.13 -17.43
CA THR B 84 -11.01 -6.29 -16.33
C THR B 84 -11.80 -6.41 -15.01
N ASP B 85 -12.86 -7.23 -14.92
CA ASP B 85 -13.79 -7.18 -13.75
C ASP B 85 -13.35 -8.19 -12.67
N PHE B 86 -12.73 -9.31 -13.04
CA PHE B 86 -12.38 -10.39 -12.08
C PHE B 86 -11.52 -9.85 -10.93
N GLN B 87 -10.64 -8.87 -11.17
CA GLN B 87 -9.79 -8.25 -10.12
C GLN B 87 -10.68 -7.62 -9.03
N HIS B 88 -11.85 -7.10 -9.39
CA HIS B 88 -12.77 -6.40 -8.46
C HIS B 88 -13.77 -7.38 -7.81
N THR B 89 -13.95 -8.59 -8.32
CA THR B 89 -15.04 -9.51 -7.88
C THR B 89 -14.46 -10.66 -7.06
N VAL B 90 -13.21 -11.01 -7.30
CA VAL B 90 -12.57 -12.19 -6.66
C VAL B 90 -12.60 -12.03 -5.13
N ARG B 91 -12.88 -13.15 -4.45
CA ARG B 91 -12.97 -13.29 -2.99
C ARG B 91 -11.79 -14.11 -2.49
N TYR B 92 -11.15 -13.66 -1.42
CA TYR B 92 -10.09 -14.43 -0.74
C TYR B 92 -10.11 -14.10 0.76
N THR B 93 -9.68 -12.90 1.14
CA THR B 93 -9.55 -12.48 2.57
C THR B 93 -10.91 -11.97 3.04
N CYS B 94 -11.29 -12.28 4.28
CA CYS B 94 -12.60 -11.84 4.85
C CYS B 94 -12.68 -10.31 4.88
N GLU B 95 -13.83 -9.78 4.48
CA GLU B 95 -14.18 -8.34 4.56
C GLU B 95 -15.61 -8.30 5.07
N GLN B 96 -16.16 -7.11 5.31
CA GLN B 96 -17.63 -6.95 5.43
C GLN B 96 -17.97 -5.57 4.89
N ASN B 97 -18.77 -5.54 3.82
CA ASN B 97 -19.24 -4.32 3.09
C ASN B 97 -20.61 -4.64 2.47
N GLU B 98 -21.24 -3.68 1.78
CA GLU B 98 -22.58 -3.84 1.15
C GLU B 98 -22.58 -5.06 0.22
N GLY B 99 -21.42 -5.44 -0.34
CA GLY B 99 -21.28 -6.53 -1.31
C GLY B 99 -21.36 -7.90 -0.69
N MET B 100 -21.23 -7.99 0.64
CA MET B 100 -21.27 -9.29 1.36
C MET B 100 -22.43 -9.24 2.36
N LYS B 101 -23.44 -10.11 2.20
CA LYS B 101 -24.64 -10.11 3.07
C LYS B 101 -24.20 -10.56 4.46
N GLY B 102 -23.57 -11.74 4.53
CA GLY B 102 -22.91 -12.28 5.73
C GLY B 102 -22.20 -13.58 5.47
N TYR B 103 -21.57 -14.13 6.50
CA TYR B 103 -20.91 -15.45 6.45
C TYR B 103 -20.60 -15.89 7.87
N GLY B 104 -20.31 -17.17 8.05
CA GLY B 104 -19.92 -17.76 9.35
C GLY B 104 -20.20 -19.25 9.42
N TRP B 105 -19.84 -19.85 10.53
CA TRP B 105 -20.04 -21.30 10.80
C TRP B 105 -21.45 -21.52 11.36
N ASP B 106 -22.19 -22.45 10.76
CA ASP B 106 -23.54 -22.87 11.22
C ASP B 106 -23.35 -23.81 12.40
N GLU B 107 -22.38 -24.70 12.28
CA GLU B 107 -21.97 -25.66 13.32
C GLU B 107 -20.45 -25.77 13.17
N TYR B 108 -19.73 -26.01 14.26
CA TYR B 108 -18.28 -26.29 14.18
C TYR B 108 -17.75 -26.82 15.50
N ASP B 109 -16.84 -27.77 15.38
CA ASP B 109 -16.06 -28.37 16.48
C ASP B 109 -14.67 -28.67 15.93
N PRO B 110 -13.59 -28.08 16.48
CA PRO B 110 -12.26 -28.24 15.89
C PRO B 110 -11.79 -29.69 15.79
N ARG B 111 -12.34 -30.59 16.60
CA ARG B 111 -11.96 -32.03 16.56
C ARG B 111 -12.66 -32.73 15.41
N ARG B 112 -13.80 -32.22 14.93
CA ARG B 112 -14.71 -32.98 14.03
C ARG B 112 -14.90 -32.23 12.72
N GLY B 113 -15.03 -30.89 12.79
CA GLY B 113 -15.24 -30.03 11.62
C GLY B 113 -16.56 -29.29 11.73
N GLY B 114 -17.09 -28.82 10.61
CA GLY B 114 -18.32 -28.02 10.62
C GLY B 114 -18.70 -27.54 9.25
N ILE B 115 -19.63 -26.61 9.20
CA ILE B 115 -20.25 -26.15 7.94
C ILE B 115 -20.33 -24.64 8.01
N GLN B 116 -19.85 -23.98 6.96
CA GLN B 116 -19.85 -22.51 6.83
C GLN B 116 -20.80 -22.17 5.70
N SER B 117 -21.52 -21.07 5.88
CA SER B 117 -22.39 -20.47 4.86
C SER B 117 -21.83 -19.08 4.55
N ILE B 118 -21.67 -18.77 3.26
CA ILE B 118 -21.19 -17.46 2.76
C ILE B 118 -22.25 -16.90 1.82
N HIS B 119 -22.79 -15.73 2.12
CA HIS B 119 -23.85 -15.07 1.32
C HIS B 119 -23.22 -13.85 0.62
N ASP B 120 -22.79 -14.07 -0.62
CA ASP B 120 -22.04 -13.08 -1.45
C ASP B 120 -23.02 -12.39 -2.40
N ILE B 121 -23.22 -11.09 -2.20
CA ILE B 121 -24.16 -10.27 -3.02
C ILE B 121 -23.49 -10.01 -4.37
N GLN B 122 -22.27 -9.47 -4.34
CA GLN B 122 -21.56 -9.01 -5.56
C GLN B 122 -21.50 -10.15 -6.59
N ASN B 123 -21.29 -11.39 -6.19
CA ASN B 123 -21.06 -12.56 -7.09
C ASN B 123 -22.34 -13.43 -7.19
N GLY B 124 -23.46 -12.91 -6.68
CA GLY B 124 -24.79 -13.55 -6.66
C GLY B 124 -24.74 -15.01 -6.26
N LEU B 125 -23.94 -15.36 -5.25
CA LEU B 125 -23.63 -16.77 -4.89
C LEU B 125 -23.93 -17.00 -3.40
N ASP B 126 -24.61 -18.09 -3.07
CA ASP B 126 -24.70 -18.64 -1.69
C ASP B 126 -23.79 -19.86 -1.68
N ILE B 127 -22.75 -19.82 -0.86
CA ILE B 127 -21.71 -20.86 -0.85
C ILE B 127 -21.77 -21.57 0.50
N THR B 128 -21.45 -22.84 0.46
CA THR B 128 -21.39 -23.78 1.59
C THR B 128 -20.02 -24.44 1.55
N THR B 129 -19.26 -24.35 2.65
CA THR B 129 -17.97 -25.05 2.77
C THR B 129 -18.08 -25.93 4.01
N SER B 130 -18.25 -27.21 3.77
CA SER B 130 -18.36 -28.23 4.82
C SER B 130 -16.97 -28.85 4.98
N PHE B 131 -16.52 -29.03 6.21
CA PHE B 131 -15.16 -29.52 6.53
C PHE B 131 -15.31 -30.64 7.56
N VAL B 132 -14.57 -31.74 7.40
CA VAL B 132 -14.58 -32.90 8.33
C VAL B 132 -13.17 -33.45 8.42
N LYS B 133 -12.87 -34.00 9.58
CA LYS B 133 -11.62 -34.66 9.93
C LYS B 133 -11.91 -36.14 10.20
N ILE B 134 -10.97 -37.00 9.86
CA ILE B 134 -11.12 -38.47 9.86
C ILE B 134 -9.84 -38.96 10.51
N PRO B 135 -9.93 -39.36 11.79
CA PRO B 135 -8.74 -39.79 12.53
C PRO B 135 -8.10 -41.02 11.88
N GLY B 136 -6.80 -41.25 12.14
CA GLY B 136 -6.07 -42.39 11.58
C GLY B 136 -4.65 -42.04 11.15
N GLY B 137 -3.73 -42.98 11.35
CA GLY B 137 -2.30 -42.81 11.04
C GLY B 137 -1.62 -42.06 12.15
N ALA B 138 -0.38 -41.63 11.92
CA ALA B 138 0.53 -41.07 12.95
C ALA B 138 0.71 -39.55 12.75
N HIS B 139 -0.01 -38.93 11.82
CA HIS B 139 0.29 -37.58 11.25
C HIS B 139 -0.91 -36.65 11.37
N GLY B 140 -1.84 -36.91 12.29
CA GLY B 140 -3.00 -36.01 12.54
C GLY B 140 -4.17 -36.33 11.63
N GLY B 141 -4.08 -37.45 10.91
CA GLY B 141 -5.23 -38.04 10.22
C GLY B 141 -5.52 -37.31 8.93
N SER B 142 -6.75 -37.44 8.44
CA SER B 142 -7.20 -37.02 7.10
C SER B 142 -8.30 -35.99 7.25
N TRP B 143 -8.75 -35.42 6.14
CA TRP B 143 -9.82 -34.40 6.13
C TRP B 143 -10.38 -34.25 4.73
N ALA B 144 -11.52 -33.59 4.62
CA ALA B 144 -12.25 -33.43 3.35
C ALA B 144 -13.13 -32.21 3.48
N ALA B 145 -13.42 -31.55 2.36
CA ALA B 145 -14.33 -30.40 2.30
C ALA B 145 -15.20 -30.55 1.06
N ARG B 146 -16.42 -30.05 1.13
CA ARG B 146 -17.29 -29.86 -0.04
C ARG B 146 -17.49 -28.36 -0.20
N ILE B 147 -17.22 -27.85 -1.40
CA ILE B 147 -17.56 -26.46 -1.80
C ILE B 147 -18.76 -26.55 -2.73
N LYS B 148 -19.85 -25.90 -2.36
CA LYS B 148 -21.12 -25.90 -3.10
C LYS B 148 -21.50 -24.44 -3.33
N GLY B 149 -21.61 -24.03 -4.59
CA GLY B 149 -22.12 -22.70 -4.98
C GLY B 149 -23.50 -22.83 -5.62
N THR B 150 -24.46 -22.03 -5.15
CA THR B 150 -25.83 -21.91 -5.68
C THR B 150 -26.07 -20.44 -6.02
N LEU B 151 -26.33 -20.13 -7.30
CA LEU B 151 -26.68 -18.75 -7.72
C LEU B 151 -27.97 -18.37 -6.99
N ASN B 152 -28.06 -17.15 -6.48
CA ASN B 152 -29.32 -16.60 -5.91
C ASN B 152 -30.24 -16.26 -7.07
N ASP B 153 -31.48 -15.83 -6.74
CA ASP B 153 -32.58 -15.56 -7.70
C ASP B 153 -32.26 -14.32 -8.53
N ASP B 154 -31.39 -13.42 -8.06
CA ASP B 154 -31.06 -12.16 -8.79
C ASP B 154 -29.98 -12.40 -9.84
N ALA B 155 -29.26 -13.53 -9.80
CA ALA B 155 -28.04 -13.73 -10.61
C ALA B 155 -28.41 -14.23 -11.99
N PRO B 156 -27.77 -13.71 -13.06
CA PRO B 156 -27.89 -14.30 -14.39
C PRO B 156 -27.76 -15.82 -14.32
N LYS B 157 -28.74 -16.58 -14.85
CA LYS B 157 -28.83 -18.06 -14.67
C LYS B 157 -27.57 -18.72 -15.26
N ASP B 158 -26.94 -18.07 -16.25
CA ASP B 158 -25.75 -18.55 -17.02
C ASP B 158 -24.47 -17.82 -16.58
N GLN B 159 -24.46 -17.20 -15.39
CA GLN B 159 -23.25 -16.54 -14.82
C GLN B 159 -22.06 -17.50 -14.89
N LYS B 160 -20.93 -16.97 -15.32
CA LYS B 160 -19.63 -17.69 -15.29
C LYS B 160 -18.93 -17.35 -13.97
N THR B 161 -18.61 -18.35 -13.16
CA THR B 161 -17.87 -18.19 -11.88
C THR B 161 -16.53 -18.92 -12.01
N ILE B 162 -15.45 -18.22 -11.74
CA ILE B 162 -14.09 -18.82 -11.59
C ILE B 162 -13.94 -19.25 -10.13
N VAL B 163 -13.48 -20.48 -9.92
CA VAL B 163 -13.14 -21.02 -8.59
C VAL B 163 -11.70 -21.52 -8.66
N VAL B 164 -10.89 -21.11 -7.68
CA VAL B 164 -9.46 -21.50 -7.54
C VAL B 164 -9.30 -22.16 -6.18
N PHE B 165 -8.63 -23.30 -6.14
CA PHE B 165 -8.11 -23.91 -4.90
C PHE B 165 -6.59 -23.81 -4.98
N TYR B 166 -6.02 -22.98 -4.12
CA TYR B 166 -4.58 -22.67 -4.04
C TYR B 166 -3.96 -23.59 -2.99
N VAL B 167 -2.88 -24.29 -3.32
CA VAL B 167 -2.16 -25.17 -2.35
C VAL B 167 -0.71 -24.72 -2.28
N SER B 168 -0.19 -24.50 -1.08
CA SER B 168 1.21 -24.08 -0.87
C SER B 168 1.86 -25.04 0.14
N GLN B 169 3.17 -25.21 0.04
CA GLN B 169 3.95 -25.99 1.01
C GLN B 169 5.30 -25.33 1.25
N GLU B 170 5.59 -25.11 2.52
CA GLU B 170 6.84 -24.50 3.00
C GLU B 170 7.53 -25.59 3.82
N GLY B 171 8.85 -25.59 3.86
CA GLY B 171 9.62 -26.55 4.68
C GLY B 171 10.76 -27.16 3.89
N GLU B 172 11.87 -27.47 4.57
CA GLU B 172 12.99 -28.24 3.98
C GLU B 172 12.51 -29.70 3.79
N ASN B 173 13.09 -30.39 2.80
CA ASN B 173 12.97 -31.86 2.65
C ASN B 173 11.47 -32.20 2.67
N SER B 174 10.77 -31.74 1.63
CA SER B 174 9.30 -31.88 1.46
C SER B 174 8.93 -31.67 -0.02
N GLU B 175 8.07 -32.52 -0.57
CA GLU B 175 7.76 -32.59 -2.02
C GLU B 175 6.26 -32.40 -2.21
N LEU B 176 5.86 -31.88 -3.36
CA LEU B 176 4.44 -31.82 -3.75
C LEU B 176 4.38 -31.79 -5.28
N GLU B 177 3.60 -32.70 -5.83
CA GLU B 177 3.57 -32.91 -7.31
C GLU B 177 2.14 -33.17 -7.77
N ALA B 178 1.66 -32.37 -8.72
CA ALA B 178 0.41 -32.62 -9.47
C ALA B 178 0.61 -33.79 -10.45
N VAL B 179 -0.18 -34.85 -10.34
CA VAL B 179 -0.14 -35.99 -11.31
C VAL B 179 -0.69 -35.47 -12.63
N PRO B 180 0.09 -35.59 -13.75
CA PRO B 180 -0.35 -35.01 -15.01
C PRO B 180 -1.70 -35.59 -15.43
N SER B 181 -2.51 -34.81 -16.16
CA SER B 181 -3.78 -35.29 -16.77
C SER B 181 -3.45 -36.21 -17.95
N GLU B 182 -4.45 -36.93 -18.48
CA GLU B 182 -4.31 -37.86 -19.64
C GLU B 182 -4.83 -37.14 -20.87
N ASN B 183 -5.18 -35.84 -20.77
CA ASN B 183 -5.82 -35.01 -21.83
C ASN B 183 -4.90 -33.82 -22.18
N GLU B 184 -5.09 -33.22 -23.37
CA GLU B 184 -4.11 -32.26 -23.97
C GLU B 184 -3.97 -31.03 -23.06
N PHE B 185 -5.09 -30.35 -22.78
CA PHE B 185 -5.12 -28.95 -22.28
C PHE B 185 -5.54 -28.87 -20.79
N GLY B 186 -5.79 -30.00 -20.13
CA GLY B 186 -6.27 -30.01 -18.73
C GLY B 186 -6.98 -31.30 -18.38
N TYR B 187 -7.92 -31.23 -17.45
CA TYR B 187 -8.46 -32.39 -16.70
C TYR B 187 -9.95 -32.49 -16.98
N GLU B 188 -10.38 -33.70 -17.37
CA GLU B 188 -11.81 -34.12 -17.46
C GLU B 188 -12.25 -34.61 -16.09
N GLY B 189 -11.31 -35.17 -15.31
CA GLY B 189 -11.64 -35.79 -14.01
C GLY B 189 -11.02 -35.06 -12.82
N ASP B 190 -10.56 -35.85 -11.86
CA ASP B 190 -10.00 -35.41 -10.55
C ASP B 190 -8.57 -34.93 -10.78
N VAL B 191 -8.16 -33.92 -10.03
CA VAL B 191 -6.73 -33.53 -9.92
C VAL B 191 -6.18 -34.21 -8.68
N ILE B 192 -5.04 -34.89 -8.83
CA ILE B 192 -4.34 -35.58 -7.72
C ILE B 192 -3.02 -34.84 -7.51
N LEU B 193 -2.84 -34.26 -6.32
CA LEU B 193 -1.52 -33.82 -5.83
C LEU B 193 -1.03 -34.92 -4.90
N LYS B 194 0.23 -35.33 -5.05
CA LYS B 194 0.94 -36.26 -4.16
C LYS B 194 2.09 -35.50 -3.52
N GLY B 195 2.19 -35.58 -2.20
CA GLY B 195 3.19 -34.84 -1.42
C GLY B 195 3.75 -35.68 -0.31
N ARG B 196 4.81 -35.16 0.31
CA ARG B 196 5.51 -35.80 1.44
C ARG B 196 6.18 -34.70 2.28
N SER B 197 6.18 -34.83 3.60
CA SER B 197 7.03 -34.03 4.53
C SER B 197 7.35 -34.86 5.77
N GLU B 198 8.37 -34.46 6.54
CA GLU B 198 8.73 -35.07 7.84
C GLU B 198 7.50 -35.02 8.74
N ALA B 199 6.85 -33.86 8.80
CA ALA B 199 5.65 -33.62 9.65
C ALA B 199 4.48 -34.49 9.17
N LEU B 200 4.08 -34.41 7.91
CA LEU B 200 2.82 -35.06 7.41
C LEU B 200 3.07 -36.47 6.87
N GLY B 201 4.32 -36.90 6.68
CA GLY B 201 4.64 -38.14 5.96
C GLY B 201 4.16 -38.05 4.52
N ASN B 202 3.76 -39.17 3.91
CA ASN B 202 3.18 -39.15 2.55
C ASN B 202 1.71 -38.81 2.67
N TYR B 203 1.17 -38.14 1.66
CA TYR B 203 -0.25 -37.76 1.62
C TYR B 203 -0.66 -37.57 0.17
N LYS B 204 -1.96 -37.53 -0.02
CA LYS B 204 -2.59 -37.32 -1.34
C LYS B 204 -3.61 -36.20 -1.10
N LEU B 205 -3.66 -35.21 -1.98
CA LEU B 205 -4.69 -34.15 -1.93
C LEU B 205 -5.43 -34.18 -3.26
N VAL B 206 -6.72 -34.49 -3.25
CA VAL B 206 -7.52 -34.66 -4.49
C VAL B 206 -8.51 -33.51 -4.58
N VAL B 207 -8.57 -32.83 -5.73
CA VAL B 207 -9.65 -31.88 -6.07
C VAL B 207 -10.52 -32.55 -7.14
N THR B 208 -11.72 -32.96 -6.75
CA THR B 208 -12.58 -33.86 -7.57
C THR B 208 -13.12 -33.08 -8.78
N LYS B 209 -13.60 -33.82 -9.78
CA LYS B 209 -14.18 -33.27 -11.03
C LYS B 209 -15.30 -32.29 -10.69
N GLY B 210 -16.20 -32.70 -9.80
CA GLY B 210 -17.34 -31.90 -9.32
C GLY B 210 -18.54 -32.02 -10.24
N LYS B 211 -19.58 -31.24 -9.95
CA LYS B 211 -20.87 -31.20 -10.67
C LYS B 211 -21.11 -29.74 -11.08
N GLY B 212 -21.63 -29.55 -12.28
CA GLY B 212 -21.99 -28.23 -12.82
C GLY B 212 -21.55 -28.10 -14.28
N VAL B 213 -22.21 -27.22 -15.01
CA VAL B 213 -21.92 -26.99 -16.44
C VAL B 213 -20.58 -26.24 -16.55
N ILE B 214 -19.65 -26.85 -17.28
CA ILE B 214 -18.34 -26.27 -17.70
C ILE B 214 -18.53 -25.62 -19.06
N PRO B 215 -18.46 -24.28 -19.17
CA PRO B 215 -18.71 -23.60 -20.44
C PRO B 215 -17.61 -23.98 -21.44
N GLN B 216 -17.96 -24.00 -22.72
CA GLN B 216 -17.11 -24.42 -23.85
C GLN B 216 -16.98 -23.21 -24.79
N SER B 217 -15.77 -22.97 -25.29
CA SER B 217 -15.49 -21.92 -26.29
C SER B 217 -15.17 -22.58 -27.62
N ASP B 218 -15.72 -22.04 -28.70
CA ASP B 218 -15.37 -22.41 -30.10
C ASP B 218 -14.54 -21.26 -30.71
N HIS B 219 -13.98 -20.36 -29.89
CA HIS B 219 -13.04 -19.32 -30.36
C HIS B 219 -11.75 -20.03 -30.79
N ASP B 220 -11.01 -19.43 -31.71
CA ASP B 220 -9.78 -20.02 -32.29
C ASP B 220 -8.71 -20.20 -31.20
N LEU B 221 -8.81 -19.46 -30.09
CA LEU B 221 -7.91 -19.60 -28.91
C LEU B 221 -8.00 -21.03 -28.35
N SER B 222 -9.12 -21.71 -28.60
CA SER B 222 -9.37 -23.10 -28.14
C SER B 222 -8.36 -24.07 -28.76
N ARG B 223 -7.73 -23.71 -29.89
CA ARG B 223 -6.67 -24.54 -30.52
C ARG B 223 -5.47 -24.65 -29.57
N LEU B 224 -5.18 -23.55 -28.86
CA LEU B 224 -3.98 -23.40 -28.00
C LEU B 224 -4.33 -23.71 -26.53
N ARG B 225 -5.50 -23.29 -26.04
CA ARG B 225 -5.84 -23.34 -24.59
C ARG B 225 -7.00 -24.31 -24.31
N GLY B 226 -7.43 -25.08 -25.32
CA GLY B 226 -8.54 -26.05 -25.21
C GLY B 226 -9.87 -25.32 -25.14
N PRO B 227 -11.01 -26.04 -25.28
CA PRO B 227 -12.32 -25.39 -25.33
C PRO B 227 -12.86 -25.00 -23.94
N GLY B 228 -12.15 -25.38 -22.87
CA GLY B 228 -12.57 -25.08 -21.48
C GLY B 228 -12.58 -26.34 -20.64
N GLN B 229 -11.74 -26.36 -19.61
CA GLN B 229 -11.52 -27.54 -18.76
C GLN B 229 -10.87 -27.11 -17.43
N THR B 230 -10.88 -27.99 -16.43
CA THR B 230 -10.04 -27.86 -15.20
C THR B 230 -8.55 -27.80 -15.59
N VAL B 231 -7.82 -26.88 -14.97
CA VAL B 231 -6.35 -26.71 -15.19
C VAL B 231 -5.64 -26.65 -13.85
N VAL B 232 -4.36 -27.04 -13.85
CA VAL B 232 -3.41 -26.97 -12.71
C VAL B 232 -2.12 -26.31 -13.21
N GLN B 233 -1.67 -25.25 -12.56
CA GLN B 233 -0.26 -24.75 -12.68
C GLN B 233 0.50 -25.11 -11.40
N SER B 234 1.58 -25.87 -11.53
CA SER B 234 2.56 -26.16 -10.46
C SER B 234 3.72 -25.18 -10.61
N LEU B 235 4.03 -24.44 -9.55
CA LEU B 235 4.95 -23.28 -9.60
C LEU B 235 5.91 -23.37 -8.41
N THR B 236 7.03 -22.66 -8.48
CA THR B 236 8.02 -22.51 -7.39
C THR B 236 8.19 -21.02 -7.13
N TYR B 237 7.93 -20.60 -5.89
CA TYR B 237 8.03 -19.20 -5.42
C TYR B 237 8.84 -19.19 -4.13
N PRO B 238 9.38 -18.04 -3.72
CA PRO B 238 10.10 -17.96 -2.44
C PRO B 238 9.14 -18.23 -1.27
N ASP B 239 9.66 -18.91 -0.24
CA ASP B 239 8.92 -19.16 1.02
C ASP B 239 8.20 -17.90 1.49
N GLU B 240 8.85 -16.73 1.40
CA GLU B 240 8.39 -15.48 2.05
C GLU B 240 7.09 -14.99 1.41
N VAL B 241 6.75 -15.47 0.21
CA VAL B 241 5.55 -14.94 -0.52
C VAL B 241 4.48 -16.02 -0.68
N LEU B 242 4.66 -17.24 -0.14
CA LEU B 242 3.68 -18.32 -0.37
C LEU B 242 2.28 -17.87 0.09
N TRP B 243 2.21 -16.96 1.05
CA TRP B 243 0.92 -16.55 1.67
C TRP B 243 0.19 -15.57 0.73
N GLN B 244 0.91 -14.93 -0.20
CA GLN B 244 0.39 -13.86 -1.09
C GLN B 244 -0.35 -14.52 -2.25
N ALA B 245 -1.37 -15.31 -1.92
CA ALA B 245 -2.10 -16.18 -2.86
C ALA B 245 -2.75 -15.37 -3.98
N LYS B 246 -3.42 -14.25 -3.65
CA LYS B 246 -4.19 -13.49 -4.66
C LYS B 246 -3.17 -12.86 -5.61
N PRO B 247 -2.14 -12.16 -5.11
CA PRO B 247 -1.10 -11.60 -5.99
C PRO B 247 -0.43 -12.66 -6.87
N ILE B 248 -0.22 -13.86 -6.34
CA ILE B 248 0.38 -14.96 -7.14
C ILE B 248 -0.58 -15.35 -8.27
N LEU B 249 -1.85 -15.61 -7.95
CA LEU B 249 -2.88 -15.90 -8.98
C LEU B 249 -2.85 -14.81 -10.06
N PHE B 250 -2.91 -13.54 -9.66
CA PHE B 250 -3.03 -12.41 -10.63
C PHE B 250 -1.73 -12.28 -11.43
N GLN B 251 -0.58 -12.62 -10.85
CA GLN B 251 0.69 -12.73 -11.62
C GLN B 251 0.53 -13.80 -12.71
N GLN B 252 -0.06 -14.95 -12.39
CA GLN B 252 -0.21 -16.06 -13.38
C GLN B 252 -1.25 -15.65 -14.44
N LEU B 253 -2.36 -15.01 -14.06
CA LEU B 253 -3.39 -14.58 -15.03
C LEU B 253 -2.84 -13.50 -15.96
N LYS B 254 -1.97 -12.62 -15.46
CA LYS B 254 -1.34 -11.54 -16.24
C LYS B 254 -0.36 -12.18 -17.21
N ALA B 255 0.48 -13.09 -16.76
CA ALA B 255 1.42 -13.82 -17.66
C ALA B 255 0.62 -14.50 -18.78
N GLY B 256 -0.53 -15.09 -18.47
CA GLY B 256 -1.38 -15.82 -19.43
C GLY B 256 -1.95 -14.89 -20.47
N ILE B 257 -2.18 -13.63 -20.08
CA ILE B 257 -2.80 -12.63 -20.99
C ILE B 257 -1.69 -12.05 -21.87
N ASP B 258 -0.48 -11.84 -21.34
CA ASP B 258 0.67 -11.30 -22.11
C ASP B 258 1.05 -12.27 -23.23
N TRP B 259 0.98 -13.57 -22.95
CA TRP B 259 1.25 -14.71 -23.86
C TRP B 259 0.44 -14.59 -25.15
N LEU B 260 -0.75 -14.00 -25.08
CA LEU B 260 -1.71 -13.90 -26.21
C LEU B 260 -1.06 -13.11 -27.37
N VAL B 261 -0.27 -12.07 -27.07
CA VAL B 261 0.32 -11.18 -28.12
C VAL B 261 1.54 -11.86 -28.77
N GLU B 262 1.99 -12.99 -28.25
CA GLU B 262 3.23 -13.69 -28.67
C GLU B 262 2.87 -15.01 -29.36
N ASN B 263 1.58 -15.27 -29.61
CA ASN B 263 1.11 -16.62 -30.01
C ASN B 263 0.01 -16.48 -31.07
N LYS B 264 -0.04 -17.48 -31.94
CA LYS B 264 -0.75 -17.46 -33.24
C LYS B 264 -2.19 -17.92 -33.01
N TYR B 265 -3.14 -17.00 -32.99
CA TYR B 265 -4.57 -17.37 -33.02
C TYR B 265 -5.32 -16.17 -33.60
N ASP B 266 -6.54 -16.34 -34.07
CA ASP B 266 -7.31 -15.27 -34.76
C ASP B 266 -7.92 -14.35 -33.70
N VAL B 267 -7.68 -13.05 -33.82
CA VAL B 267 -8.02 -12.01 -32.81
C VAL B 267 -9.05 -11.05 -33.41
N ALA B 268 -9.75 -11.46 -34.47
CA ALA B 268 -10.78 -10.64 -35.14
C ALA B 268 -12.01 -10.57 -34.23
N ASP B 269 -12.33 -11.68 -33.56
CA ASP B 269 -13.54 -11.84 -32.70
C ASP B 269 -13.13 -11.80 -31.23
N PRO B 270 -13.86 -11.05 -30.36
CA PRO B 270 -13.61 -11.09 -28.92
C PRO B 270 -13.68 -12.50 -28.36
N PRO B 271 -12.65 -13.00 -27.62
CA PRO B 271 -12.76 -14.30 -26.98
C PRO B 271 -13.63 -14.16 -25.73
N PRO B 272 -14.21 -15.27 -25.20
CA PRO B 272 -14.90 -15.24 -23.89
C PRO B 272 -14.01 -14.79 -22.74
N PRO B 273 -14.40 -13.75 -21.95
CA PRO B 273 -13.62 -13.33 -20.80
C PRO B 273 -13.11 -14.50 -19.94
N TRP B 274 -13.97 -15.50 -19.66
CA TRP B 274 -13.58 -16.63 -18.78
C TRP B 274 -12.44 -17.42 -19.43
N GLN B 275 -12.40 -17.49 -20.76
CA GLN B 275 -11.33 -18.24 -21.46
C GLN B 275 -10.00 -17.46 -21.36
N VAL B 276 -10.06 -16.15 -21.49
CA VAL B 276 -8.86 -15.25 -21.39
C VAL B 276 -8.25 -15.38 -19.97
N TYR B 277 -9.09 -15.61 -18.96
CA TYR B 277 -8.73 -15.69 -17.52
C TYR B 277 -8.62 -17.16 -17.06
N LEU B 278 -8.64 -18.10 -18.01
CA LEU B 278 -8.42 -19.53 -17.69
C LEU B 278 -6.93 -19.84 -17.89
N LEU B 279 -6.23 -20.23 -16.82
CA LEU B 279 -4.77 -20.41 -16.89
C LEU B 279 -4.45 -21.55 -17.86
N ALA B 280 -3.25 -21.54 -18.44
CA ALA B 280 -2.65 -22.66 -19.21
C ALA B 280 -2.28 -23.78 -18.24
N ASN B 281 -2.59 -25.02 -18.63
CA ASN B 281 -2.34 -26.23 -17.79
C ASN B 281 -0.83 -26.49 -17.73
N LYS B 282 -0.24 -26.57 -16.53
CA LYS B 282 1.22 -26.79 -16.33
C LYS B 282 1.50 -27.63 -15.08
N PRO B 283 0.93 -28.85 -14.98
CA PRO B 283 1.13 -29.66 -13.78
C PRO B 283 2.58 -30.15 -13.65
N GLY B 284 3.04 -30.32 -12.41
CA GLY B 284 4.37 -30.86 -12.09
C GLY B 284 4.73 -30.69 -10.62
N SER B 285 6.03 -30.62 -10.35
CA SER B 285 6.55 -30.41 -8.99
C SER B 285 6.55 -28.90 -8.72
N GLY B 286 6.42 -28.50 -7.44
CA GLY B 286 6.30 -27.09 -7.02
C GLY B 286 5.89 -26.96 -5.55
N ASN B 287 6.02 -25.75 -4.98
CA ASN B 287 5.59 -25.46 -3.59
C ASN B 287 4.29 -24.64 -3.67
N VAL B 288 3.82 -24.36 -4.88
CA VAL B 288 2.50 -23.70 -5.12
C VAL B 288 1.81 -24.47 -6.24
N HIS B 289 0.55 -24.83 -6.02
CA HIS B 289 -0.30 -25.44 -7.06
C HIS B 289 -1.62 -24.69 -7.11
N ILE B 290 -1.97 -24.17 -8.29
CA ILE B 290 -3.26 -23.47 -8.56
C ILE B 290 -4.16 -24.39 -9.40
N VAL B 291 -5.23 -24.89 -8.78
CA VAL B 291 -6.29 -25.68 -9.46
C VAL B 291 -7.44 -24.73 -9.76
N GLN B 292 -7.80 -24.57 -11.03
CA GLN B 292 -8.79 -23.56 -11.48
C GLN B 292 -9.93 -24.28 -12.20
N LYS B 293 -11.17 -23.90 -11.91
CA LYS B 293 -12.37 -24.38 -12.64
C LYS B 293 -13.18 -23.17 -13.01
N VAL B 294 -13.90 -23.28 -14.12
CA VAL B 294 -14.90 -22.27 -14.53
C VAL B 294 -16.22 -23.02 -14.60
N PHE B 295 -17.25 -22.51 -13.93
CA PHE B 295 -18.60 -23.12 -13.93
C PHE B 295 -19.56 -22.09 -14.48
N GLU B 296 -20.56 -22.57 -15.24
CA GLU B 296 -21.79 -21.84 -15.63
C GLU B 296 -22.91 -22.32 -14.72
N GLY B 297 -23.61 -21.39 -14.07
CA GLY B 297 -24.61 -21.70 -13.04
C GLY B 297 -23.98 -22.36 -11.82
N ASP B 298 -24.74 -23.24 -11.15
CA ASP B 298 -24.43 -23.86 -9.83
C ASP B 298 -23.32 -24.89 -9.99
N PHE B 299 -22.52 -25.09 -8.95
CA PHE B 299 -21.34 -25.97 -8.96
C PHE B 299 -21.16 -26.59 -7.58
N GLU B 300 -20.43 -27.68 -7.55
CA GLU B 300 -19.83 -28.18 -6.30
C GLU B 300 -18.63 -29.03 -6.67
N PHE B 301 -17.68 -29.14 -5.77
CA PHE B 301 -16.57 -30.10 -5.86
C PHE B 301 -16.05 -30.36 -4.44
N ASP B 302 -15.30 -31.44 -4.31
CA ASP B 302 -14.73 -31.88 -3.03
C ASP B 302 -13.20 -31.76 -3.08
N ILE B 303 -12.61 -31.62 -1.90
CA ILE B 303 -11.16 -31.73 -1.67
C ILE B 303 -11.01 -32.87 -0.68
N LEU B 304 -10.21 -33.87 -1.02
CA LEU B 304 -10.01 -35.07 -0.20
C LEU B 304 -8.52 -35.16 0.09
N PHE B 305 -8.16 -34.97 1.36
CA PHE B 305 -6.80 -35.12 1.90
C PHE B 305 -6.71 -36.44 2.63
N SER B 306 -5.97 -37.40 2.07
CA SER B 306 -5.72 -38.74 2.65
C SER B 306 -4.28 -38.83 3.13
N SER B 307 -4.11 -39.01 4.45
CA SER B 307 -2.82 -39.27 5.13
C SER B 307 -2.46 -40.72 4.85
N GLU B 308 -1.29 -40.98 4.27
CA GLU B 308 -0.96 -42.35 3.80
C GLU B 308 -1.05 -43.32 4.98
N SER B 309 -0.65 -42.89 6.18
CA SER B 309 -0.48 -43.74 7.37
C SER B 309 -1.85 -44.18 7.93
N ALA B 310 -2.97 -43.60 7.48
CA ALA B 310 -4.33 -44.06 7.89
C ALA B 310 -4.66 -45.44 7.29
N GLY B 311 -3.93 -45.84 6.23
CA GLY B 311 -4.13 -47.11 5.49
C GLY B 311 -5.54 -47.18 4.94
N LYS B 312 -6.09 -46.04 4.51
CA LYS B 312 -7.49 -45.87 4.03
C LYS B 312 -7.63 -44.49 3.38
N GLU B 313 -7.76 -44.45 2.06
CA GLU B 313 -7.97 -43.19 1.30
C GLU B 313 -9.39 -42.70 1.54
N VAL B 314 -9.54 -41.38 1.68
CA VAL B 314 -10.84 -40.68 1.94
C VAL B 314 -11.58 -40.51 0.62
N THR B 315 -12.89 -40.79 0.58
CA THR B 315 -13.77 -40.72 -0.62
C THR B 315 -14.85 -39.67 -0.38
N SER B 316 -15.55 -39.28 -1.44
CA SER B 316 -16.72 -38.37 -1.36
C SER B 316 -17.84 -38.97 -0.52
N LYS B 317 -17.95 -40.31 -0.44
CA LYS B 317 -19.01 -41.01 0.34
C LYS B 317 -18.65 -40.88 1.83
N ASP B 318 -17.39 -41.15 2.17
CA ASP B 318 -16.76 -40.86 3.49
C ASP B 318 -17.11 -39.44 3.95
N LEU B 319 -16.77 -38.44 3.14
CA LEU B 319 -17.05 -37.02 3.41
C LEU B 319 -18.54 -36.87 3.78
N GLU B 320 -19.45 -37.33 2.93
CA GLU B 320 -20.92 -37.09 3.07
C GLU B 320 -21.43 -37.75 4.36
N ARG B 321 -20.94 -38.96 4.68
CA ARG B 321 -21.35 -39.73 5.88
C ARG B 321 -20.81 -39.04 7.15
N GLU B 322 -19.58 -38.53 7.11
CA GLU B 322 -18.90 -37.91 8.29
C GLU B 322 -19.48 -36.51 8.54
N VAL B 323 -19.93 -35.80 7.51
CA VAL B 323 -20.64 -34.50 7.66
C VAL B 323 -21.93 -34.74 8.48
N LYS B 324 -22.78 -35.71 8.06
CA LYS B 324 -24.07 -36.04 8.72
C LYS B 324 -23.83 -36.43 10.20
N GLN B 325 -22.87 -37.32 10.48
CA GLN B 325 -22.49 -37.81 11.83
C GLN B 325 -22.05 -36.61 12.68
N ALA B 326 -21.10 -35.80 12.20
CA ALA B 326 -20.60 -34.58 12.88
C ALA B 326 -21.77 -33.67 13.28
N THR B 327 -22.74 -33.42 12.39
CA THR B 327 -23.92 -32.54 12.68
C THR B 327 -24.74 -33.14 13.83
N GLU B 328 -25.06 -34.43 13.77
CA GLU B 328 -25.82 -35.13 14.84
C GLU B 328 -25.07 -34.92 16.16
N VAL B 329 -23.78 -35.23 16.22
CA VAL B 329 -22.99 -35.21 17.49
C VAL B 329 -22.87 -33.78 18.04
N PHE B 330 -22.91 -32.76 17.18
CA PHE B 330 -22.83 -31.34 17.61
C PHE B 330 -24.14 -30.93 18.28
N GLY B 331 -25.29 -31.25 17.68
CA GLY B 331 -26.64 -31.08 18.28
C GLY B 331 -26.74 -31.68 19.69
N GLU B 332 -26.31 -32.94 19.87
CA GLU B 332 -26.33 -33.64 21.17
C GLU B 332 -25.49 -32.82 22.16
N ARG B 333 -24.25 -32.47 21.81
CA ARG B 333 -23.27 -31.84 22.75
C ARG B 333 -23.79 -30.44 23.14
N PHE B 334 -24.34 -29.69 22.19
CA PHE B 334 -24.87 -28.33 22.44
C PHE B 334 -26.03 -28.42 23.46
N ALA B 335 -26.91 -29.42 23.32
CA ALA B 335 -28.09 -29.59 24.21
C ALA B 335 -27.65 -29.88 25.65
N ARG B 336 -26.54 -30.61 25.83
CA ARG B 336 -25.97 -30.97 27.15
C ARG B 336 -25.12 -29.80 27.67
N VAL B 337 -24.36 -29.12 26.82
CA VAL B 337 -23.35 -28.11 27.26
C VAL B 337 -24.03 -26.74 27.45
N PHE B 338 -24.81 -26.29 26.49
CA PHE B 338 -25.52 -25.00 26.60
C PHE B 338 -27.02 -25.28 26.70
N ASP B 339 -27.45 -25.91 27.80
CA ASP B 339 -28.89 -26.15 28.16
C ASP B 339 -29.55 -24.79 28.42
N LEU B 340 -30.09 -24.16 27.37
CA LEU B 340 -30.70 -22.81 27.45
C LEU B 340 -31.86 -22.84 28.46
N LYS B 341 -31.94 -21.81 29.32
CA LYS B 341 -32.90 -21.70 30.45
C LYS B 341 -33.90 -20.59 30.11
N ALA B 342 -35.12 -20.69 30.68
CA ALA B 342 -36.21 -19.70 30.54
C ALA B 342 -35.63 -18.30 30.67
N PRO B 343 -36.12 -17.32 29.90
CA PRO B 343 -37.17 -17.52 28.90
C PRO B 343 -36.66 -17.77 27.47
N PHE B 344 -35.55 -18.49 27.32
CA PHE B 344 -34.79 -18.61 26.04
C PHE B 344 -34.74 -20.08 25.63
N GLN B 345 -35.78 -20.85 25.96
CA GLN B 345 -35.85 -22.31 25.68
C GLN B 345 -36.34 -22.55 24.25
N GLY B 346 -36.80 -21.50 23.56
CA GLY B 346 -37.31 -21.56 22.18
C GLY B 346 -36.29 -22.02 21.14
N ASP B 347 -36.78 -22.56 20.03
CA ASP B 347 -35.98 -22.91 18.82
C ASP B 347 -35.26 -21.68 18.30
N ASN B 348 -35.91 -20.52 18.24
CA ASN B 348 -35.32 -19.25 17.73
C ASN B 348 -34.05 -18.90 18.54
N TYR B 349 -34.03 -19.15 19.86
CA TYR B 349 -32.89 -18.86 20.77
C TYR B 349 -31.82 -19.98 20.67
N LYS B 350 -32.23 -21.24 20.56
CA LYS B 350 -31.28 -22.34 20.28
C LYS B 350 -30.49 -22.05 18.99
N LYS B 351 -31.18 -21.61 17.92
CA LYS B 351 -30.54 -21.34 16.59
C LYS B 351 -29.52 -20.19 16.76
N PHE B 352 -29.94 -19.13 17.46
CA PHE B 352 -29.14 -17.94 17.79
C PHE B 352 -27.87 -18.36 18.52
N GLY B 353 -28.02 -19.19 19.54
CA GLY B 353 -26.92 -19.67 20.40
C GLY B 353 -25.95 -20.53 19.62
N LYS B 354 -26.44 -21.37 18.72
CA LYS B 354 -25.55 -22.29 17.97
C LYS B 354 -24.70 -21.44 17.01
N SER B 355 -25.28 -20.39 16.47
CA SER B 355 -24.57 -19.46 15.57
C SER B 355 -23.48 -18.71 16.35
N MET B 356 -23.83 -18.07 17.47
CA MET B 356 -22.91 -17.25 18.29
C MET B 356 -21.76 -18.13 18.77
N PHE B 357 -22.02 -19.38 19.14
CA PHE B 357 -20.98 -20.28 19.66
C PHE B 357 -20.15 -20.84 18.51
N SER B 358 -20.79 -21.23 17.43
CA SER B 358 -20.09 -21.82 16.25
C SER B 358 -19.13 -20.77 15.65
N ASN B 359 -19.55 -19.52 15.53
CA ASN B 359 -18.66 -18.45 15.02
C ASN B 359 -17.48 -18.28 15.99
N LEU B 360 -17.72 -18.33 17.31
CA LEU B 360 -16.64 -18.13 18.32
C LEU B 360 -15.58 -19.23 18.14
N ILE B 361 -15.97 -20.49 18.19
CA ILE B 361 -14.98 -21.60 18.24
C ILE B 361 -14.45 -21.80 16.81
N GLY B 362 -15.21 -21.35 15.82
CA GLY B 362 -14.79 -21.38 14.40
C GLY B 362 -13.75 -20.31 14.04
N GLY B 363 -13.56 -19.31 14.90
CA GLY B 363 -12.50 -18.29 14.74
C GLY B 363 -11.12 -18.83 15.07
N ILE B 364 -11.00 -20.01 15.66
CA ILE B 364 -9.66 -20.49 16.09
C ILE B 364 -8.70 -20.46 14.89
N GLY B 365 -7.54 -19.86 15.09
CA GLY B 365 -6.45 -19.74 14.11
C GLY B 365 -5.19 -20.36 14.63
N TYR B 366 -4.34 -20.86 13.73
CA TYR B 366 -2.93 -21.17 14.04
C TYR B 366 -2.07 -20.13 13.34
N PHE B 367 -1.21 -19.46 14.10
CA PHE B 367 -0.35 -18.36 13.65
C PHE B 367 1.12 -18.69 13.93
N TYR B 368 1.99 -18.37 12.96
CA TYR B 368 3.44 -18.66 13.00
C TYR B 368 4.24 -17.55 12.32
N GLY B 369 5.31 -17.11 12.99
CA GLY B 369 6.20 -16.06 12.46
C GLY B 369 6.80 -15.24 13.57
N HIS B 370 7.50 -14.20 13.15
CA HIS B 370 8.26 -13.28 14.01
C HIS B 370 7.30 -12.22 14.53
N SER B 371 7.58 -11.74 15.73
CA SER B 371 6.88 -10.60 16.36
C SER B 371 7.83 -9.40 16.27
N LEU B 372 7.29 -8.18 16.21
CA LEU B 372 8.04 -6.90 16.29
C LEU B 372 8.03 -6.37 17.73
N VAL B 373 9.20 -6.34 18.38
CA VAL B 373 9.30 -5.90 19.81
C VAL B 373 10.44 -4.89 19.99
N ASP B 374 10.18 -3.86 20.78
CA ASP B 374 11.20 -2.92 21.34
C ASP B 374 11.78 -3.52 22.61
N ARG B 375 12.99 -4.09 22.50
CA ARG B 375 13.78 -4.64 23.61
C ARG B 375 14.78 -3.61 24.14
N SER B 376 14.60 -2.30 23.91
CA SER B 376 15.53 -1.27 24.45
C SER B 376 15.44 -1.20 25.99
N TYR B 377 14.25 -1.39 26.57
CA TYR B 377 13.99 -1.13 28.02
C TYR B 377 14.50 0.27 28.35
N ALA B 378 14.16 1.24 27.53
CA ALA B 378 14.68 2.62 27.67
C ALA B 378 14.14 3.23 28.95
N PRO B 379 14.95 4.04 29.67
CA PRO B 379 14.52 4.70 30.90
C PRO B 379 13.25 5.56 30.75
N GLU B 380 12.96 6.04 29.54
CA GLU B 380 11.72 6.81 29.29
C GLU B 380 10.52 5.91 29.63
N TYR B 381 10.64 4.61 29.40
CA TYR B 381 9.52 3.64 29.48
C TYR B 381 9.15 3.38 30.95
N ASP B 382 10.04 3.74 31.89
CA ASP B 382 9.75 3.70 33.36
C ASP B 382 8.61 4.67 33.71
N GLU B 383 8.37 5.70 32.90
CA GLU B 383 7.26 6.67 33.12
C GLU B 383 7.35 7.31 34.52
N GLU B 384 8.53 7.79 34.92
CA GLU B 384 8.75 8.42 36.25
C GLU B 384 8.32 9.88 36.24
N ASN B 385 8.38 10.57 35.10
CA ASN B 385 8.24 12.05 35.05
C ASN B 385 6.81 12.43 34.70
N GLU B 386 6.37 13.60 35.15
CA GLU B 386 5.25 14.33 34.48
C GLU B 386 5.58 14.43 32.99
N GLY B 387 4.56 14.40 32.14
CA GLY B 387 4.71 14.38 30.66
C GLY B 387 5.44 13.16 30.13
N PHE B 388 5.34 11.99 30.80
CA PHE B 388 6.05 10.74 30.41
C PHE B 388 5.65 10.29 28.99
N TRP B 389 4.47 10.64 28.51
CA TRP B 389 4.01 10.26 27.15
C TRP B 389 4.92 10.87 26.09
N GLU B 390 5.43 12.09 26.32
CA GLU B 390 6.42 12.79 25.44
C GLU B 390 7.80 12.10 25.53
N ASP B 391 8.25 11.69 26.72
CA ASP B 391 9.52 10.93 26.89
C ASP B 391 9.43 9.57 26.16
N ALA B 392 8.25 8.96 26.15
CA ALA B 392 8.00 7.65 25.50
C ALA B 392 8.12 7.83 23.98
N ALA B 393 7.52 8.89 23.44
CA ALA B 393 7.56 9.25 21.99
C ALA B 393 9.02 9.46 21.57
N GLU B 394 9.81 10.12 22.40
CA GLU B 394 11.28 10.25 22.18
C GLU B 394 11.91 8.86 22.06
N ALA B 395 11.68 7.98 23.03
CA ALA B 395 12.23 6.60 23.01
C ALA B 395 11.83 5.89 21.72
N ARG B 396 10.56 5.93 21.33
CA ARG B 396 10.07 5.23 20.11
C ARG B 396 10.73 5.83 18.86
N ALA B 397 11.05 7.13 18.83
CA ALA B 397 11.71 7.79 17.68
C ALA B 397 13.13 7.24 17.47
N ARG B 398 13.70 6.54 18.45
CA ARG B 398 15.05 5.90 18.33
C ARG B 398 14.94 4.55 17.61
N HIS B 399 13.72 4.07 17.33
CA HIS B 399 13.43 2.85 16.50
C HIS B 399 14.36 1.69 16.84
N GLN B 400 14.43 1.30 18.11
CA GLN B 400 15.20 0.12 18.55
C GLN B 400 14.44 -1.19 18.26
N GLU B 401 13.19 -1.15 17.81
CA GLU B 401 12.38 -2.40 17.62
C GLU B 401 13.00 -3.31 16.57
N ALA B 402 12.80 -4.63 16.72
CA ALA B 402 13.37 -5.67 15.84
C ALA B 402 12.41 -6.88 15.83
N LEU B 403 12.38 -7.60 14.72
CA LEU B 403 11.66 -8.89 14.53
C LEU B 403 12.33 -9.92 15.42
N GLU B 404 11.55 -10.68 16.18
CA GLU B 404 12.07 -11.77 17.04
C GLU B 404 11.08 -12.94 17.00
N GLY B 405 11.56 -14.11 17.39
CA GLY B 405 10.87 -15.39 17.15
C GLY B 405 11.73 -16.31 16.31
N PRO B 406 11.14 -17.22 15.53
CA PRO B 406 9.68 -17.22 15.29
C PRO B 406 8.87 -17.75 16.47
N TYR B 407 7.62 -17.35 16.56
CA TYR B 407 6.67 -17.82 17.60
C TYR B 407 5.49 -18.52 16.93
N GLU B 408 4.75 -19.31 17.70
CA GLU B 408 3.47 -19.90 17.25
C GLU B 408 2.38 -19.53 18.26
N LEU B 409 1.15 -19.39 17.78
CA LEU B 409 -0.01 -19.18 18.68
C LEU B 409 -1.23 -19.89 18.09
N PHE B 410 -1.87 -20.70 18.94
CA PHE B 410 -3.17 -21.36 18.68
C PHE B 410 -4.20 -20.64 19.54
N THR B 411 -5.13 -19.88 18.94
CA THR B 411 -6.03 -18.96 19.71
C THR B 411 -7.32 -18.69 18.95
N SER B 412 -8.42 -18.41 19.65
CA SER B 412 -9.61 -17.78 19.02
C SER B 412 -9.26 -16.30 18.82
N ILE B 413 -10.13 -15.57 18.12
CA ILE B 413 -9.85 -14.20 17.64
C ILE B 413 -11.13 -13.41 17.84
N PRO B 414 -11.02 -12.08 18.00
CA PRO B 414 -12.22 -11.24 18.07
C PRO B 414 -13.04 -11.18 16.77
N SER B 415 -12.39 -11.18 15.61
CA SER B 415 -13.04 -10.81 14.32
C SER B 415 -12.21 -11.24 13.12
N ARG B 416 -12.81 -12.10 12.30
CA ARG B 416 -12.23 -12.59 11.03
C ARG B 416 -11.90 -11.42 10.10
N PRO B 417 -12.84 -10.54 9.72
CA PRO B 417 -12.53 -9.49 8.76
C PRO B 417 -11.61 -8.39 9.34
N PHE B 418 -11.68 -8.11 10.63
CA PHE B 418 -11.05 -6.87 11.18
C PHE B 418 -9.88 -7.15 12.12
N PHE B 419 -10.00 -8.12 13.04
CA PHE B 419 -9.00 -8.36 14.10
C PHE B 419 -8.65 -9.85 14.11
N PRO B 420 -8.18 -10.44 12.98
CA PRO B 420 -7.88 -11.87 12.89
C PRO B 420 -6.54 -12.23 13.53
N ARG B 421 -6.41 -12.02 14.84
CA ARG B 421 -5.20 -12.37 15.61
C ARG B 421 -5.50 -12.46 17.12
N GLY B 422 -4.52 -12.91 17.91
CA GLY B 422 -4.68 -13.05 19.36
C GLY B 422 -4.63 -11.69 20.07
N PHE B 423 -5.65 -11.41 20.88
CA PHE B 423 -5.69 -10.31 21.89
C PHE B 423 -5.78 -10.92 23.29
N LEU B 424 -4.88 -10.49 24.19
CA LEU B 424 -4.58 -11.20 25.45
C LEU B 424 -5.83 -11.21 26.35
N TRP B 425 -6.45 -10.07 26.63
CA TRP B 425 -7.62 -10.04 27.56
C TRP B 425 -8.89 -10.53 26.85
N ASP B 426 -8.98 -10.40 25.52
CA ASP B 426 -10.11 -10.96 24.73
C ASP B 426 -10.17 -12.47 24.98
N GLU B 427 -9.01 -13.12 25.01
CA GLU B 427 -8.96 -14.60 24.97
C GLU B 427 -9.59 -15.13 26.27
N GLY B 428 -9.37 -14.47 27.40
CA GLY B 428 -9.97 -14.88 28.68
C GLY B 428 -11.48 -14.97 28.56
N PHE B 429 -12.12 -14.04 27.83
CA PHE B 429 -13.58 -14.04 27.55
C PHE B 429 -13.94 -15.13 26.53
N HIS B 430 -13.19 -15.24 25.44
CA HIS B 430 -13.40 -16.25 24.36
C HIS B 430 -13.53 -17.66 24.96
N LEU B 431 -12.67 -18.00 25.91
CA LEU B 431 -12.44 -19.41 26.35
C LEU B 431 -13.44 -19.80 27.44
N LEU B 432 -14.27 -18.89 27.93
CA LEU B 432 -15.25 -19.27 28.97
C LEU B 432 -16.29 -20.18 28.32
N PRO B 433 -16.89 -19.82 27.17
CA PRO B 433 -17.78 -20.74 26.44
C PRO B 433 -17.02 -21.94 25.86
N ILE B 434 -15.81 -21.72 25.36
CA ILE B 434 -15.01 -22.79 24.71
C ILE B 434 -14.67 -23.84 25.76
N ALA B 435 -14.33 -23.44 27.00
CA ALA B 435 -13.95 -24.36 28.09
C ALA B 435 -15.16 -25.23 28.48
N ASP B 436 -16.39 -24.68 28.48
CA ASP B 436 -17.63 -25.46 28.73
C ASP B 436 -17.74 -26.57 27.68
N TRP B 437 -17.48 -26.23 26.43
CA TRP B 437 -17.55 -27.17 25.29
C TRP B 437 -16.46 -28.21 25.39
N ASP B 438 -15.22 -27.80 25.68
CA ASP B 438 -14.01 -28.64 25.45
C ASP B 438 -12.89 -28.09 26.33
N ILE B 439 -12.82 -28.56 27.57
CA ILE B 439 -11.85 -28.01 28.56
C ILE B 439 -10.44 -28.23 28.01
N ASP B 440 -10.18 -29.40 27.41
CA ASP B 440 -8.81 -29.76 26.93
C ASP B 440 -8.41 -28.84 25.76
N LEU B 441 -9.35 -28.37 24.93
CA LEU B 441 -9.09 -27.38 23.87
C LEU B 441 -8.72 -26.03 24.52
N ALA B 442 -9.50 -25.59 25.50
CA ALA B 442 -9.24 -24.35 26.27
C ALA B 442 -7.85 -24.41 26.89
N LEU B 443 -7.49 -25.55 27.45
CA LEU B 443 -6.18 -25.69 28.14
C LEU B 443 -5.03 -25.62 27.14
N GLU B 444 -5.19 -26.16 25.92
CA GLU B 444 -4.20 -26.04 24.83
C GLU B 444 -4.02 -24.56 24.45
N ILE B 445 -5.10 -23.80 24.31
CA ILE B 445 -5.03 -22.36 23.92
C ILE B 445 -4.30 -21.60 25.02
N ILE B 446 -4.57 -21.89 26.30
CA ILE B 446 -3.92 -21.19 27.44
C ILE B 446 -2.44 -21.53 27.39
N LYS B 447 -2.11 -22.76 27.05
CA LYS B 447 -0.70 -23.20 27.09
C LYS B 447 0.05 -22.51 25.95
N SER B 448 -0.58 -22.38 24.78
CA SER B 448 -0.01 -21.72 23.58
C SER B 448 0.31 -20.26 23.93
N TRP B 449 -0.61 -19.60 24.62
CA TRP B 449 -0.42 -18.21 25.11
C TRP B 449 0.73 -18.11 26.10
N TYR B 450 0.74 -18.94 27.14
CA TYR B 450 1.69 -18.78 28.26
C TYR B 450 3.09 -19.20 27.76
N ASN B 451 3.13 -19.94 26.66
CA ASN B 451 4.38 -20.29 25.95
C ASN B 451 5.02 -19.05 25.32
N LEU B 452 4.27 -17.97 25.13
CA LEU B 452 4.78 -16.72 24.51
C LEU B 452 5.43 -15.85 25.61
N MET B 453 5.25 -16.19 26.89
CA MET B 453 5.72 -15.37 28.02
C MET B 453 7.24 -15.33 28.00
N ASP B 454 7.83 -14.16 28.22
CA ASP B 454 9.32 -14.04 28.24
C ASP B 454 9.80 -14.31 29.66
N GLU B 455 11.10 -14.17 29.88
CA GLU B 455 11.82 -14.53 31.12
C GLU B 455 11.37 -13.62 32.27
N ASP B 456 10.83 -12.43 31.98
CA ASP B 456 10.37 -11.44 32.99
C ASP B 456 8.89 -11.63 33.40
N GLY B 457 8.11 -12.34 32.58
CA GLY B 457 6.65 -12.50 32.80
C GLY B 457 5.79 -11.68 31.85
N TRP B 458 6.35 -11.21 30.74
CA TRP B 458 5.60 -10.40 29.75
C TRP B 458 5.10 -11.28 28.61
N ILE B 459 3.82 -11.12 28.30
CA ILE B 459 3.15 -11.60 27.06
C ILE B 459 2.62 -10.35 26.39
N ALA B 460 2.96 -10.16 25.14
CA ALA B 460 2.48 -8.99 24.38
C ALA B 460 0.97 -9.11 24.23
N ARG B 461 0.26 -7.98 24.38
CA ARG B 461 -1.22 -7.90 24.47
C ARG B 461 -1.82 -8.18 23.09
N GLU B 462 -1.04 -7.95 22.03
CA GLU B 462 -1.48 -8.17 20.63
C GLU B 462 -0.41 -9.00 19.95
N GLN B 463 -0.79 -10.18 19.45
CA GLN B 463 0.15 -11.20 18.89
C GLN B 463 0.00 -11.17 17.37
N ILE B 464 0.92 -10.47 16.71
CA ILE B 464 0.97 -10.30 15.22
C ILE B 464 2.11 -11.20 14.74
N LEU B 465 1.84 -12.48 14.48
CA LEU B 465 2.89 -13.48 14.15
C LEU B 465 2.97 -13.73 12.64
N GLY B 466 4.03 -13.23 12.01
CA GLY B 466 4.33 -13.47 10.58
C GLY B 466 3.83 -12.38 9.66
N ALA B 467 4.30 -12.42 8.43
CA ALA B 467 4.09 -11.34 7.43
C ALA B 467 2.61 -11.34 7.02
N GLU B 468 2.00 -12.52 6.89
CA GLU B 468 0.54 -12.62 6.59
C GLU B 468 -0.25 -11.81 7.62
N ALA B 469 0.05 -12.01 8.90
CA ALA B 469 -0.61 -11.33 10.05
C ALA B 469 -0.33 -9.83 9.96
N ARG B 470 0.91 -9.48 9.68
CA ARG B 470 1.43 -8.09 9.67
C ARG B 470 0.80 -7.26 8.54
N SER B 471 0.35 -7.89 7.46
CA SER B 471 -0.18 -7.18 6.27
C SER B 471 -1.54 -6.55 6.61
N LYS B 472 -2.15 -6.97 7.71
CA LYS B 472 -3.51 -6.51 8.09
C LYS B 472 -3.38 -5.33 9.05
N VAL B 473 -2.17 -4.98 9.47
CA VAL B 473 -1.92 -4.12 10.66
C VAL B 473 -1.05 -2.93 10.27
N PRO B 474 -1.57 -1.69 10.41
CA PRO B 474 -0.78 -0.49 10.13
C PRO B 474 0.48 -0.51 10.99
N LYS B 475 1.59 -0.05 10.42
CA LYS B 475 2.93 -0.16 11.02
C LYS B 475 2.94 0.42 12.43
N GLU B 476 2.27 1.57 12.66
CA GLU B 476 2.29 2.28 13.96
C GLU B 476 1.76 1.37 15.08
N PHE B 477 0.94 0.36 14.79
CA PHE B 477 0.37 -0.57 15.80
C PHE B 477 1.10 -1.92 15.82
N GLN B 478 2.20 -2.10 15.11
CA GLN B 478 2.87 -3.43 15.03
C GLN B 478 3.76 -3.66 16.25
N THR B 479 4.54 -2.65 16.65
CA THR B 479 5.60 -2.79 17.69
C THR B 479 4.94 -3.08 19.05
N GLN B 480 5.40 -4.09 19.77
CA GLN B 480 4.90 -4.43 21.13
C GLN B 480 5.95 -3.99 22.18
N TYR B 481 5.50 -3.54 23.35
CA TYR B 481 6.37 -2.92 24.39
C TYR B 481 6.33 -3.79 25.63
N PRO B 482 7.49 -4.33 26.08
CA PRO B 482 7.56 -5.20 27.24
C PRO B 482 7.12 -4.58 28.58
N HIS B 483 6.71 -3.31 28.58
CA HIS B 483 6.14 -2.65 29.78
C HIS B 483 4.61 -2.51 29.65
N TYR B 484 4.02 -2.97 28.55
CA TYR B 484 2.56 -2.81 28.27
C TYR B 484 1.79 -4.06 28.71
N ALA B 485 0.97 -3.93 29.73
CA ALA B 485 0.15 -5.02 30.28
C ALA B 485 -1.18 -5.11 29.52
N ASN B 486 -2.00 -6.11 29.85
CA ASN B 486 -3.42 -6.25 29.42
C ASN B 486 -4.12 -6.99 30.56
N PRO B 487 -5.44 -6.84 30.80
CA PRO B 487 -6.08 -7.59 31.88
C PRO B 487 -5.84 -9.09 31.76
N PRO B 488 -5.50 -9.73 32.87
CA PRO B 488 -5.22 -11.16 32.91
C PRO B 488 -6.49 -12.00 33.09
N THR B 489 -7.40 -11.88 32.13
CA THR B 489 -8.70 -12.59 32.11
C THR B 489 -8.48 -14.09 31.88
N LEU B 490 -7.31 -14.51 31.41
CA LEU B 490 -7.07 -15.96 31.26
C LEU B 490 -7.16 -16.65 32.64
N PHE B 491 -6.92 -15.90 33.73
CA PHE B 491 -7.08 -16.41 35.12
C PHE B 491 -8.55 -16.79 35.40
N LEU B 492 -9.54 -16.10 34.81
CA LEU B 492 -10.98 -16.45 34.97
C LEU B 492 -11.25 -17.87 34.45
N VAL B 493 -10.69 -18.20 33.28
CA VAL B 493 -10.85 -19.56 32.69
C VAL B 493 -10.18 -20.59 33.61
N LEU B 494 -9.02 -20.27 34.16
CA LEU B 494 -8.36 -21.20 35.10
C LEU B 494 -9.25 -21.39 36.33
N ASP B 495 -10.00 -20.35 36.75
CA ASP B 495 -10.83 -20.39 37.99
C ASP B 495 -11.93 -21.44 37.78
N ASN B 496 -12.61 -21.39 36.63
CA ASN B 496 -13.65 -22.35 36.18
C ASN B 496 -13.05 -23.74 36.06
N PHE B 497 -11.79 -23.86 35.63
CA PHE B 497 -11.11 -25.17 35.52
C PHE B 497 -10.88 -25.77 36.91
N VAL B 498 -10.36 -24.98 37.85
CA VAL B 498 -10.07 -25.41 39.26
C VAL B 498 -11.36 -25.90 39.93
N GLU B 499 -12.47 -25.18 39.74
CA GLU B 499 -13.83 -25.55 40.24
C GLU B 499 -14.21 -26.94 39.72
N ARG B 500 -14.01 -27.18 38.43
CA ARG B 500 -14.30 -28.49 37.79
C ARG B 500 -13.42 -29.60 38.38
N LEU B 501 -12.13 -29.36 38.57
CA LEU B 501 -11.20 -30.34 39.21
C LEU B 501 -11.69 -30.66 40.62
N ARG B 502 -12.15 -29.67 41.41
CA ARG B 502 -12.72 -29.86 42.76
C ARG B 502 -13.97 -30.77 42.65
N LYS B 503 -15.01 -30.36 41.91
CA LYS B 503 -16.35 -31.03 41.85
C LYS B 503 -16.24 -32.52 41.46
N THR B 520 -13.68 -39.34 25.73
CA THR B 520 -13.43 -38.23 24.77
C THR B 520 -12.18 -37.44 25.20
N LEU B 521 -11.37 -37.01 24.24
CA LEU B 521 -10.17 -36.20 24.52
C LEU B 521 -10.58 -34.84 25.13
N SER B 522 -11.80 -34.40 24.86
CA SER B 522 -12.37 -33.10 25.31
C SER B 522 -12.29 -32.93 26.83
N THR B 523 -12.42 -34.02 27.63
CA THR B 523 -12.50 -33.86 29.11
C THR B 523 -11.48 -34.75 29.83
N ALA B 524 -10.44 -35.23 29.14
CA ALA B 524 -9.44 -36.18 29.67
C ALA B 524 -8.75 -35.57 30.90
N SER B 525 -8.60 -34.25 30.90
CA SER B 525 -7.87 -33.48 31.94
C SER B 525 -8.70 -33.36 33.22
N VAL B 526 -10.02 -33.58 33.16
CA VAL B 526 -10.87 -33.55 34.39
C VAL B 526 -11.31 -34.98 34.73
N ASP B 527 -11.55 -35.85 33.75
CA ASP B 527 -12.01 -37.25 34.00
C ASP B 527 -10.97 -37.98 34.84
N ASN B 528 -9.68 -37.73 34.60
CA ASN B 528 -8.60 -38.11 35.53
C ASN B 528 -8.01 -36.82 36.09
N PRO B 529 -8.41 -36.40 37.31
CA PRO B 529 -8.01 -35.10 37.87
C PRO B 529 -6.51 -34.97 38.11
N GLU B 530 -5.78 -36.08 38.20
CA GLU B 530 -4.30 -36.09 38.28
C GLU B 530 -3.72 -35.47 37.00
N VAL B 531 -4.33 -35.69 35.83
CA VAL B 531 -3.90 -35.07 34.52
C VAL B 531 -4.03 -33.55 34.64
N GLY B 532 -5.20 -33.07 35.06
CA GLY B 532 -5.48 -31.63 35.29
C GLY B 532 -4.53 -31.06 36.33
N LEU B 533 -4.31 -31.76 37.44
CA LEU B 533 -3.43 -31.27 38.51
C LEU B 533 -2.02 -31.07 37.95
N GLU B 534 -1.55 -31.98 37.10
CA GLU B 534 -0.18 -31.89 36.54
C GLU B 534 -0.11 -30.70 35.57
N TYR B 535 -1.14 -30.50 34.75
CA TYR B 535 -1.26 -29.32 33.87
C TYR B 535 -0.98 -28.07 34.72
N LEU B 536 -1.69 -27.95 35.86
CA LEU B 536 -1.59 -26.75 36.73
C LEU B 536 -0.19 -26.67 37.33
N ARG B 537 0.42 -27.80 37.65
CA ARG B 537 1.76 -27.84 38.28
C ARG B 537 2.78 -27.23 37.32
N ARG B 538 2.63 -27.49 36.02
CA ARG B 538 3.59 -27.04 34.99
C ARG B 538 3.34 -25.56 34.69
N LEU B 539 2.08 -25.10 34.77
CA LEU B 539 1.67 -23.73 34.40
C LEU B 539 1.89 -22.74 35.57
N TYR B 540 1.82 -23.21 36.81
CA TYR B 540 1.77 -22.35 38.03
C TYR B 540 2.99 -21.42 38.10
N PRO B 541 4.25 -21.89 37.85
CA PRO B 541 5.41 -20.99 37.86
C PRO B 541 5.27 -19.80 36.89
N LEU B 542 4.64 -20.01 35.74
CA LEU B 542 4.41 -18.93 34.73
C LEU B 542 3.36 -17.96 35.25
N LEU B 543 2.30 -18.46 35.88
CA LEU B 543 1.26 -17.61 36.51
C LEU B 543 1.91 -16.72 37.58
N ARG B 544 2.76 -17.31 38.42
CA ARG B 544 3.48 -16.61 39.54
C ARG B 544 4.45 -15.61 38.88
N ARG B 545 5.08 -15.98 37.77
CA ARG B 545 5.99 -15.05 37.08
C ARG B 545 5.18 -13.84 36.60
N GLN B 546 4.00 -14.04 36.01
CA GLN B 546 3.19 -12.93 35.46
C GLN B 546 2.66 -12.06 36.61
N PHE B 547 2.35 -12.66 37.75
CA PHE B 547 1.90 -11.93 38.97
C PHE B 547 3.00 -10.95 39.42
N ASP B 548 4.22 -11.49 39.57
CA ASP B 548 5.42 -10.72 39.99
C ASP B 548 5.68 -9.63 38.95
N TRP B 549 5.55 -9.95 37.68
CA TRP B 549 5.73 -8.96 36.58
C TRP B 549 4.72 -7.82 36.74
N PHE B 550 3.46 -8.09 37.06
CA PHE B 550 2.46 -7.02 37.25
C PHE B 550 2.92 -6.10 38.39
N ARG B 551 3.37 -6.68 39.50
CA ARG B 551 3.61 -5.91 40.75
C ARG B 551 4.86 -5.03 40.56
N LYS B 552 5.83 -5.50 39.81
CA LYS B 552 7.08 -4.77 39.48
C LYS B 552 6.79 -3.69 38.43
N THR B 553 6.26 -4.04 37.25
CA THR B 553 6.21 -3.13 36.07
C THR B 553 4.98 -2.23 36.10
N GLN B 554 3.90 -2.59 36.81
CA GLN B 554 2.69 -1.71 36.83
C GLN B 554 2.49 -1.12 38.22
N ALA B 555 3.54 -0.99 39.03
CA ALA B 555 3.45 -0.45 40.42
C ALA B 555 2.98 1.01 40.40
N GLY B 556 2.10 1.34 41.34
CA GLY B 556 1.69 2.71 41.67
C GLY B 556 2.61 3.25 42.75
N ASP B 557 2.55 4.54 43.02
CA ASP B 557 3.46 5.22 43.99
C ASP B 557 2.61 5.77 45.13
N ILE B 558 2.77 5.17 46.32
CA ILE B 558 2.20 5.61 47.63
C ILE B 558 3.26 6.43 48.40
N LYS B 559 4.51 5.92 48.50
CA LYS B 559 5.65 6.44 49.32
C LYS B 559 6.02 7.87 48.93
N SER B 560 6.27 8.15 47.66
CA SER B 560 6.88 9.43 47.23
C SER B 560 5.90 10.60 47.41
N TYR B 561 4.64 10.34 47.73
CA TYR B 561 3.60 11.40 47.85
C TYR B 561 2.97 11.42 49.25
N ASP B 562 2.03 12.35 49.43
CA ASP B 562 1.22 12.54 50.66
C ASP B 562 -0.01 11.62 50.63
N ARG B 563 0.20 10.31 50.89
CA ARG B 563 -0.81 9.24 50.72
C ARG B 563 -0.78 8.30 51.93
N GLU B 564 -1.93 8.07 52.54
CA GLU B 564 -2.09 7.18 53.73
C GLU B 564 -2.85 5.95 53.26
N ALA B 565 -2.35 4.76 53.58
CA ALA B 565 -3.02 3.48 53.23
C ALA B 565 -2.58 2.37 54.17
N TYR B 566 -3.50 1.45 54.46
CA TYR B 566 -3.25 0.18 55.18
C TYR B 566 -1.90 -0.41 54.77
N SER B 567 -1.64 -0.49 53.45
CA SER B 567 -0.41 -1.08 52.87
C SER B 567 0.28 0.01 52.07
N THR B 568 1.60 0.06 52.12
CA THR B 568 2.43 1.01 51.34
C THR B 568 2.85 0.39 50.01
N LYS B 569 2.67 -0.93 49.86
CA LYS B 569 3.06 -1.72 48.67
C LYS B 569 1.91 -1.79 47.64
N GLU B 570 0.65 -1.99 48.05
CA GLU B 570 -0.44 -2.39 47.11
C GLU B 570 -1.04 -1.14 46.45
N ALA B 571 -0.58 -0.84 45.23
CA ALA B 571 -1.00 0.32 44.42
C ALA B 571 -0.50 0.10 43.00
N TYR B 572 -1.28 0.46 41.99
CA TYR B 572 -1.03 0.02 40.61
C TYR B 572 -1.45 1.09 39.62
N ARG B 573 -0.64 1.22 38.56
CA ARG B 573 -0.81 2.21 37.48
C ARG B 573 -0.48 1.53 36.14
N TRP B 574 -1.44 1.47 35.21
CA TRP B 574 -1.22 0.98 33.83
C TRP B 574 -0.10 1.80 33.19
N ARG B 575 1.03 1.20 32.83
CA ARG B 575 1.99 1.88 31.95
C ARG B 575 1.31 2.04 30.59
N GLY B 576 1.71 3.05 29.81
CA GLY B 576 1.40 3.13 28.38
C GLY B 576 0.24 4.07 28.10
N ARG B 577 -0.17 4.94 29.02
CA ARG B 577 -1.22 5.90 28.61
C ARG B 577 -0.65 7.10 27.84
N THR B 578 -1.55 7.72 27.09
CA THR B 578 -1.37 8.98 26.35
C THR B 578 -2.50 9.86 26.83
N VAL B 579 -2.56 11.08 26.33
CA VAL B 579 -3.40 12.17 26.92
C VAL B 579 -4.88 11.75 26.93
N SER B 580 -5.37 11.02 25.94
CA SER B 580 -6.82 10.74 25.77
C SER B 580 -7.18 9.23 25.82
N HIS B 581 -6.25 8.37 26.26
CA HIS B 581 -6.38 6.91 26.08
C HIS B 581 -5.62 6.17 27.19
N CYS B 582 -6.07 4.93 27.45
CA CYS B 582 -5.34 3.89 28.19
C CYS B 582 -5.59 2.54 27.50
N LEU B 583 -4.82 2.25 26.45
CA LEU B 583 -5.03 1.08 25.55
C LEU B 583 -4.72 -0.22 26.28
N THR B 584 -3.71 -0.24 27.14
CA THR B 584 -3.34 -1.47 27.87
C THR B 584 -4.49 -1.92 28.81
N SER B 585 -5.34 -1.01 29.30
CA SER B 585 -6.43 -1.38 30.25
C SER B 585 -7.53 -2.16 29.50
N GLY B 586 -7.56 -2.04 28.16
CA GLY B 586 -8.59 -2.64 27.29
C GLY B 586 -9.81 -1.75 27.14
N LEU B 587 -9.95 -0.70 27.95
CA LEU B 587 -11.07 0.27 27.80
C LEU B 587 -10.49 1.57 27.21
N ASP B 588 -10.23 1.53 25.88
CA ASP B 588 -9.31 2.44 25.14
C ASP B 588 -9.47 3.90 25.56
N ASP B 589 -10.69 4.46 25.51
CA ASP B 589 -10.95 5.93 25.66
C ASP B 589 -11.78 6.21 26.92
N TYR B 590 -11.89 5.26 27.85
CA TYR B 590 -12.59 5.53 29.13
C TYR B 590 -11.88 6.69 29.82
N PRO B 591 -12.62 7.71 30.27
CA PRO B 591 -12.02 8.90 30.88
C PRO B 591 -11.14 8.53 32.10
N ARG B 592 -9.88 8.92 32.03
CA ARG B 592 -8.87 8.73 33.10
C ARG B 592 -8.51 10.11 33.63
N PRO B 593 -7.71 10.22 34.73
CA PRO B 593 -7.20 11.51 35.19
C PRO B 593 -6.52 12.29 34.06
N GLN B 594 -6.75 13.61 34.02
CA GLN B 594 -6.11 14.59 33.09
C GLN B 594 -5.30 15.58 33.95
N PRO B 595 -4.01 15.81 33.66
CA PRO B 595 -3.28 15.06 32.64
C PRO B 595 -2.98 13.67 33.16
N PRO B 596 -2.52 12.73 32.29
CA PRO B 596 -1.84 11.53 32.76
C PRO B 596 -0.76 11.99 33.74
N HIS B 597 -0.39 11.15 34.71
CA HIS B 597 0.55 11.54 35.80
C HIS B 597 1.13 10.28 36.41
N PRO B 598 2.44 10.28 36.74
CA PRO B 598 3.09 9.11 37.35
C PRO B 598 2.51 8.76 38.74
N GLY B 599 1.72 9.66 39.32
CA GLY B 599 1.04 9.47 40.61
C GLY B 599 -0.36 8.95 40.42
N GLU B 600 -0.75 8.65 39.18
CA GLU B 600 -2.03 7.96 38.87
C GLU B 600 -2.08 6.62 39.62
N LEU B 601 -3.28 6.23 40.05
CA LEU B 601 -3.63 4.86 40.49
C LEU B 601 -4.92 4.47 39.80
N HIS B 602 -4.93 3.27 39.21
CA HIS B 602 -6.05 2.75 38.40
C HIS B 602 -6.72 1.64 39.19
N VAL B 603 -8.01 1.81 39.50
CA VAL B 603 -8.78 0.87 40.38
C VAL B 603 -9.06 -0.44 39.63
N ASP B 604 -9.21 -0.40 38.30
CA ASP B 604 -9.45 -1.64 37.50
C ASP B 604 -8.18 -2.50 37.57
N LEU B 605 -7.00 -1.90 37.50
CA LEU B 605 -5.73 -2.65 37.50
C LEU B 605 -5.55 -3.32 38.86
N MET B 606 -5.77 -2.59 39.95
CA MET B 606 -5.67 -3.19 41.31
C MET B 606 -6.68 -4.33 41.41
N SER B 607 -7.91 -4.16 40.92
CA SER B 607 -8.95 -5.23 40.94
C SER B 607 -8.41 -6.47 40.22
N TRP B 608 -7.76 -6.30 39.04
CA TRP B 608 -7.22 -7.43 38.21
C TRP B 608 -6.12 -8.11 39.01
N VAL B 609 -5.29 -7.35 39.74
CA VAL B 609 -4.23 -8.00 40.56
C VAL B 609 -4.90 -8.82 41.66
N GLY B 610 -6.03 -8.33 42.20
CA GLY B 610 -6.89 -9.11 43.12
C GLY B 610 -7.35 -10.42 42.52
N VAL B 611 -7.83 -10.41 41.28
CA VAL B 611 -8.26 -11.64 40.56
C VAL B 611 -7.09 -12.62 40.52
N MET B 612 -5.91 -12.15 40.18
CA MET B 612 -4.75 -13.07 39.99
C MET B 612 -4.44 -13.70 41.34
N VAL B 613 -4.38 -12.89 42.40
CA VAL B 613 -3.92 -13.40 43.72
C VAL B 613 -4.95 -14.43 44.24
N LYS B 614 -6.24 -14.21 44.02
CA LYS B 614 -7.28 -15.21 44.40
C LYS B 614 -7.03 -16.52 43.65
N SER B 615 -6.74 -16.48 42.35
CA SER B 615 -6.45 -17.69 41.54
C SER B 615 -5.19 -18.39 42.07
N LEU B 616 -4.15 -17.62 42.40
CA LEU B 616 -2.87 -18.20 42.91
C LEU B 616 -3.14 -18.88 44.27
N ILE B 617 -4.04 -18.32 45.09
CA ILE B 617 -4.41 -18.98 46.39
C ILE B 617 -5.09 -20.32 46.08
N SER B 618 -6.08 -20.35 45.18
CA SER B 618 -6.80 -21.60 44.79
C SER B 618 -5.80 -22.62 44.25
N ILE B 619 -5.01 -22.21 43.26
CA ILE B 619 -4.11 -23.14 42.52
C ILE B 619 -3.02 -23.59 43.49
N GLY B 620 -2.37 -22.65 44.19
CA GLY B 620 -1.42 -22.96 45.28
C GLY B 620 -2.02 -23.98 46.24
N SER B 621 -3.21 -23.72 46.78
CA SER B 621 -3.85 -24.65 47.74
C SER B 621 -3.90 -26.05 47.11
N LEU B 622 -4.39 -26.14 45.87
CA LEU B 622 -4.53 -27.41 45.10
C LEU B 622 -3.20 -28.16 44.98
N LEU B 623 -2.08 -27.46 44.90
CA LEU B 623 -0.76 -28.07 44.57
C LEU B 623 -0.01 -28.37 45.85
N GLY B 624 -0.52 -27.88 46.99
CA GLY B 624 0.13 -27.95 48.31
C GLY B 624 1.27 -26.94 48.48
N ALA B 625 1.26 -25.81 47.78
CA ALA B 625 2.31 -24.76 47.84
C ALA B 625 2.05 -23.82 49.03
N THR B 626 2.19 -24.33 50.26
CA THR B 626 1.68 -23.70 51.52
C THR B 626 2.35 -22.34 51.74
N GLU B 627 3.66 -22.24 51.47
CA GLU B 627 4.45 -20.98 51.58
C GLU B 627 3.85 -19.90 50.67
N ASP B 628 3.64 -20.23 49.41
CA ASP B 628 2.99 -19.34 48.42
C ASP B 628 1.60 -18.91 48.94
N VAL B 629 0.73 -19.86 49.30
CA VAL B 629 -0.68 -19.55 49.72
C VAL B 629 -0.63 -18.60 50.94
N GLU B 630 0.39 -18.70 51.81
CA GLU B 630 0.61 -17.73 52.94
C GLU B 630 0.80 -16.31 52.38
N PHE B 631 1.80 -16.10 51.52
CA PHE B 631 2.19 -14.76 51.02
C PHE B 631 1.01 -14.15 50.23
N TYR B 632 0.34 -14.93 49.37
CA TYR B 632 -0.79 -14.47 48.51
C TYR B 632 -1.94 -14.02 49.39
N THR B 633 -2.18 -14.73 50.49
CA THR B 633 -3.24 -14.43 51.48
C THR B 633 -2.98 -13.04 52.07
N LYS B 634 -1.74 -12.72 52.40
CA LYS B 634 -1.34 -11.37 52.90
C LYS B 634 -1.54 -10.32 51.80
N VAL B 635 -1.23 -10.62 50.54
CA VAL B 635 -1.34 -9.62 49.43
C VAL B 635 -2.83 -9.29 49.25
N LEU B 636 -3.66 -10.32 49.22
CA LEU B 636 -5.11 -10.17 48.98
C LEU B 636 -5.69 -9.27 50.07
N ASP B 637 -5.31 -9.49 51.31
CA ASP B 637 -5.74 -8.65 52.45
C ASP B 637 -5.27 -7.19 52.25
N ALA B 638 -4.07 -6.96 51.75
CA ALA B 638 -3.53 -5.60 51.55
C ALA B 638 -4.35 -4.92 50.44
N ILE B 639 -4.74 -5.66 49.42
CA ILE B 639 -5.51 -5.12 48.26
C ILE B 639 -6.93 -4.77 48.70
N GLU B 640 -7.59 -5.66 49.45
CA GLU B 640 -8.95 -5.44 50.00
C GLU B 640 -8.96 -4.10 50.74
N HIS B 641 -7.97 -3.84 51.59
CA HIS B 641 -7.94 -2.58 52.36
C HIS B 641 -7.61 -1.39 51.44
N ASN B 642 -6.64 -1.53 50.54
CA ASN B 642 -6.09 -0.38 49.77
C ASN B 642 -7.11 0.10 48.74
N LEU B 643 -7.90 -0.82 48.16
CA LEU B 643 -9.04 -0.48 47.29
C LEU B 643 -9.91 0.57 47.98
N ASP B 644 -10.21 0.39 49.28
CA ASP B 644 -11.04 1.32 50.07
C ASP B 644 -10.24 2.59 50.37
N ASP B 645 -9.01 2.45 50.87
CA ASP B 645 -8.15 3.59 51.28
C ASP B 645 -7.83 4.49 50.09
N LEU B 646 -7.50 3.93 48.92
CA LEU B 646 -6.99 4.74 47.78
C LEU B 646 -8.07 5.05 46.77
N HIS B 647 -9.19 4.31 46.72
CA HIS B 647 -10.10 4.33 45.53
C HIS B 647 -11.56 4.57 45.87
N TRP B 648 -12.00 4.37 47.11
CA TRP B 648 -13.43 4.51 47.42
C TRP B 648 -13.74 5.98 47.66
N SER B 649 -14.85 6.47 47.10
CA SER B 649 -15.36 7.85 47.25
C SER B 649 -16.73 7.74 47.92
N GLU B 650 -16.81 8.05 49.23
CA GLU B 650 -18.11 7.99 49.96
C GLU B 650 -19.02 9.08 49.35
N LYS B 651 -18.45 10.24 49.01
CA LYS B 651 -19.17 11.32 48.28
C LYS B 651 -19.93 10.72 47.10
N GLU B 652 -19.25 9.99 46.20
CA GLU B 652 -19.82 9.58 44.89
C GLU B 652 -20.55 8.23 44.99
N GLY B 653 -20.33 7.46 46.05
CA GLY B 653 -20.91 6.10 46.24
C GLY B 653 -20.34 5.09 45.25
N CYS B 654 -19.06 5.19 44.89
CA CYS B 654 -18.42 4.27 43.93
C CYS B 654 -16.90 4.35 44.08
N TYR B 655 -16.19 3.43 43.43
CA TYR B 655 -14.71 3.45 43.33
C TYR B 655 -14.29 4.38 42.18
N CYS B 656 -13.07 4.91 42.29
CA CYS B 656 -12.51 5.99 41.42
C CYS B 656 -11.02 5.74 41.23
N ASP B 657 -10.51 6.01 40.02
CA ASP B 657 -9.05 6.19 39.79
C ASP B 657 -8.63 7.37 40.69
N ALA B 658 -7.35 7.46 41.04
CA ALA B 658 -6.79 8.59 41.80
C ALA B 658 -5.62 9.18 41.03
N THR B 659 -5.28 10.42 41.35
CA THR B 659 -4.05 11.07 40.85
C THR B 659 -3.40 11.84 41.98
N ILE B 660 -2.25 12.43 41.67
CA ILE B 660 -1.70 13.62 42.34
C ILE B 660 -2.09 14.84 41.50
N ASP B 661 -2.78 15.82 42.10
CA ASP B 661 -3.29 17.00 41.35
C ASP B 661 -2.16 18.04 41.27
N GLU B 662 -2.48 19.22 40.75
CA GLU B 662 -1.49 20.30 40.47
C GLU B 662 -0.95 20.86 41.79
N PHE B 663 -1.64 20.62 42.92
CA PHE B 663 -1.27 21.06 44.29
C PHE B 663 -0.52 19.95 45.06
N GLU B 664 -0.03 18.91 44.36
CA GLU B 664 0.69 17.73 44.92
C GLU B 664 -0.23 16.93 45.87
N GLU B 665 -1.54 16.97 45.70
CA GLU B 665 -2.51 16.28 46.62
C GLU B 665 -3.08 15.01 45.95
N HIS B 666 -3.16 13.91 46.71
CA HIS B 666 -4.00 12.73 46.40
C HIS B 666 -5.42 13.22 46.12
N LYS B 667 -5.95 12.87 44.94
CA LYS B 667 -7.30 13.31 44.49
C LYS B 667 -7.96 12.14 43.75
N LEU B 668 -9.22 11.86 44.10
CA LEU B 668 -10.02 10.85 43.37
C LEU B 668 -10.59 11.56 42.14
N VAL B 669 -10.57 10.88 41.00
CA VAL B 669 -11.17 11.39 39.75
C VAL B 669 -12.29 10.42 39.40
N CYS B 670 -13.53 10.79 39.72
CA CYS B 670 -14.71 9.90 39.60
C CYS B 670 -15.35 10.13 38.23
N HIS B 671 -15.54 9.04 37.50
CA HIS B 671 -16.29 8.97 36.21
C HIS B 671 -17.13 7.72 36.27
N LYS B 672 -18.39 7.88 36.65
CA LYS B 672 -19.33 6.79 36.93
C LYS B 672 -19.55 5.98 35.64
N GLY B 673 -19.27 4.68 35.71
CA GLY B 673 -19.26 3.74 34.58
C GLY B 673 -18.55 2.47 34.97
N TYR B 674 -18.09 1.70 33.99
CA TYR B 674 -17.57 0.33 34.21
C TYR B 674 -16.44 0.37 35.25
N ILE B 675 -15.52 1.34 35.13
CA ILE B 675 -14.32 1.41 36.00
C ILE B 675 -14.76 1.55 37.46
N SER B 676 -15.86 2.27 37.67
CA SER B 676 -16.43 2.59 39.01
C SER B 676 -16.88 1.30 39.71
N LEU B 677 -17.12 0.23 38.94
CA LEU B 677 -17.73 -1.02 39.41
C LEU B 677 -16.67 -2.10 39.56
N PHE B 678 -15.39 -1.81 39.34
CA PHE B 678 -14.44 -2.88 38.97
C PHE B 678 -14.31 -3.90 40.11
N PRO B 679 -14.09 -3.48 41.39
CA PRO B 679 -14.00 -4.43 42.49
C PRO B 679 -15.18 -5.42 42.55
N PHE B 680 -16.39 -4.94 42.20
CA PHE B 680 -17.62 -5.78 42.09
C PHE B 680 -17.47 -6.76 40.92
N LEU B 681 -17.13 -6.25 39.72
CA LEU B 681 -17.12 -7.03 38.45
C LEU B 681 -16.14 -8.21 38.55
N THR B 682 -15.07 -8.06 39.35
CA THR B 682 -13.97 -9.05 39.48
C THR B 682 -14.15 -9.91 40.73
N GLY B 683 -15.26 -9.73 41.45
CA GLY B 683 -15.65 -10.63 42.54
C GLY B 683 -14.87 -10.40 43.81
N LEU B 684 -14.44 -9.16 44.11
CA LEU B 684 -13.60 -8.86 45.32
C LEU B 684 -14.45 -8.46 46.53
N LEU B 685 -15.75 -8.15 46.38
CA LEU B 685 -16.58 -7.66 47.51
C LEU B 685 -17.33 -8.83 48.17
N LYS B 686 -17.39 -8.84 49.51
CA LYS B 686 -18.21 -9.82 50.28
C LYS B 686 -19.68 -9.44 50.07
N PRO B 687 -20.64 -10.40 50.03
CA PRO B 687 -22.07 -10.09 49.84
C PRO B 687 -22.70 -9.12 50.86
N ASP B 688 -22.09 -9.02 52.03
CA ASP B 688 -22.52 -8.13 53.12
C ASP B 688 -21.84 -6.74 53.01
N SER B 689 -21.06 -6.46 51.97
CA SER B 689 -20.31 -5.18 51.89
C SER B 689 -21.29 -4.03 51.72
N PRO B 690 -21.23 -2.99 52.56
CA PRO B 690 -22.06 -1.80 52.35
C PRO B 690 -21.65 -1.08 51.07
N LYS B 691 -20.40 -1.25 50.63
CA LYS B 691 -19.95 -0.64 49.36
C LYS B 691 -20.70 -1.31 48.21
N LEU B 692 -20.93 -2.61 48.33
CA LEU B 692 -21.60 -3.42 47.28
C LEU B 692 -23.03 -2.90 47.06
N GLY B 693 -23.75 -2.57 48.13
CA GLY B 693 -25.10 -1.96 48.04
C GLY B 693 -25.10 -0.66 47.26
N LYS B 694 -24.09 0.19 47.45
CA LYS B 694 -24.01 1.51 46.76
C LYS B 694 -23.78 1.27 45.27
N LEU B 695 -23.01 0.26 44.91
CA LEU B 695 -22.73 -0.07 43.49
C LEU B 695 -23.96 -0.71 42.86
N LEU B 696 -24.72 -1.52 43.61
CA LEU B 696 -25.97 -2.13 43.11
C LEU B 696 -26.97 -1.02 42.78
N ALA B 697 -26.95 0.07 43.55
CA ALA B 697 -27.89 1.20 43.38
C ALA B 697 -27.51 1.96 42.09
N LEU B 698 -26.23 2.24 41.91
CA LEU B 698 -25.68 2.90 40.69
C LEU B 698 -25.95 2.03 39.43
N ILE B 699 -25.70 0.72 39.52
CA ILE B 699 -25.92 -0.24 38.40
C ILE B 699 -27.39 -0.15 37.98
N GLY B 700 -28.30 -0.17 38.95
CA GLY B 700 -29.77 -0.25 38.72
C GLY B 700 -30.35 1.09 38.32
N ASP B 701 -29.55 2.15 38.33
CA ASP B 701 -30.01 3.55 38.16
C ASP B 701 -30.18 3.88 36.67
N GLU B 702 -31.43 3.85 36.19
CA GLU B 702 -31.91 4.26 34.84
C GLU B 702 -31.21 5.55 34.39
N SER B 703 -30.89 6.48 35.30
CA SER B 703 -30.37 7.83 34.96
C SER B 703 -28.84 7.83 34.80
N GLU B 704 -28.17 6.76 35.21
CA GLU B 704 -26.68 6.66 35.16
C GLU B 704 -26.32 5.58 34.14
N LEU B 705 -26.41 4.30 34.56
CA LEU B 705 -25.82 3.14 33.86
C LEU B 705 -26.92 2.26 33.25
N TRP B 706 -28.11 2.17 33.85
CA TRP B 706 -29.14 1.17 33.45
C TRP B 706 -29.89 1.64 32.19
N SER B 707 -29.51 1.11 31.03
CA SER B 707 -30.21 1.28 29.73
C SER B 707 -31.19 0.13 29.55
N PRO B 708 -32.18 0.27 28.64
CA PRO B 708 -33.06 -0.84 28.27
C PRO B 708 -32.30 -2.01 27.61
N TYR B 709 -31.05 -1.77 27.20
CA TYR B 709 -30.26 -2.72 26.38
C TYR B 709 -29.08 -3.27 27.17
N GLY B 710 -28.89 -2.83 28.41
CA GLY B 710 -27.78 -3.29 29.27
C GLY B 710 -27.07 -2.12 29.92
N LEU B 711 -25.96 -2.38 30.60
CA LEU B 711 -25.24 -1.34 31.36
C LEU B 711 -24.44 -0.49 30.39
N ARG B 712 -24.61 0.84 30.44
CA ARG B 712 -23.83 1.85 29.68
C ARG B 712 -22.40 1.85 30.24
N SER B 713 -21.38 1.96 29.37
CA SER B 713 -19.93 1.95 29.75
C SER B 713 -19.60 3.20 30.55
N LEU B 714 -20.29 4.31 30.26
CA LEU B 714 -20.12 5.60 30.98
C LEU B 714 -21.51 6.15 31.26
N SER B 715 -21.67 6.80 32.43
CA SER B 715 -22.94 7.36 32.95
C SER B 715 -23.46 8.47 32.03
N LYS B 716 -24.77 8.52 31.79
CA LYS B 716 -25.47 9.62 31.09
C LYS B 716 -25.11 10.97 31.73
N LYS B 717 -24.84 10.99 33.04
CA LYS B 717 -24.56 12.24 33.80
C LYS B 717 -23.07 12.59 33.72
N ASP B 718 -22.20 11.73 33.20
CA ASP B 718 -20.76 12.06 33.18
C ASP B 718 -20.53 13.14 32.13
N GLU B 719 -19.55 14.00 32.35
CA GLU B 719 -19.28 15.15 31.46
C GLU B 719 -18.75 14.64 30.11
N PHE B 720 -18.28 13.39 30.03
CA PHE B 720 -17.67 12.84 28.80
C PHE B 720 -18.62 11.85 28.13
N TYR B 721 -19.86 11.73 28.56
CA TYR B 721 -20.83 10.79 27.94
C TYR B 721 -20.98 11.12 26.45
N GLY B 722 -20.87 10.12 25.58
CA GLY B 722 -21.00 10.25 24.10
C GLY B 722 -19.92 11.10 23.43
N THR B 723 -18.86 11.52 24.12
CA THR B 723 -17.83 12.44 23.55
C THR B 723 -16.79 11.66 22.75
N ALA B 724 -15.93 12.40 22.03
CA ALA B 724 -14.78 11.95 21.21
C ALA B 724 -15.19 10.79 20.29
N GLU B 725 -14.39 9.71 20.24
CA GLU B 725 -14.69 8.48 19.49
C GLU B 725 -15.85 7.74 20.16
N ASN B 726 -16.14 8.03 21.43
CA ASN B 726 -17.31 7.46 22.15
C ASN B 726 -17.27 5.93 22.05
N TYR B 727 -16.10 5.35 22.28
CA TYR B 727 -15.85 3.88 22.20
C TYR B 727 -16.31 3.21 23.49
N TRP B 728 -15.77 3.68 24.62
CA TRP B 728 -16.14 3.23 25.99
C TRP B 728 -16.69 4.41 26.79
N ARG B 729 -17.47 5.29 26.15
CA ARG B 729 -18.00 6.52 26.78
C ARG B 729 -19.53 6.57 26.70
N SER B 730 -20.21 5.42 26.63
CA SER B 730 -21.69 5.30 26.63
C SER B 730 -22.13 3.91 26.17
N PRO B 731 -21.56 3.32 25.09
CA PRO B 731 -22.13 2.12 24.49
C PRO B 731 -22.11 0.90 25.41
N VAL B 732 -22.88 -0.12 25.05
CA VAL B 732 -23.07 -1.35 25.85
C VAL B 732 -22.10 -2.40 25.30
N TRP B 733 -21.17 -2.85 26.14
CA TRP B 733 -20.18 -3.90 25.80
C TRP B 733 -20.55 -5.19 26.52
N ILE B 734 -20.52 -6.32 25.82
CA ILE B 734 -21.08 -7.60 26.31
C ILE B 734 -20.15 -8.25 27.33
N ASN B 735 -18.83 -8.01 27.25
CA ASN B 735 -17.85 -8.65 28.14
C ASN B 735 -18.05 -8.09 29.57
N ILE B 736 -18.24 -6.79 29.74
CA ILE B 736 -18.37 -6.18 31.10
C ILE B 736 -19.77 -6.49 31.61
N ASN B 737 -20.76 -6.51 30.73
CA ASN B 737 -22.13 -6.87 31.13
C ASN B 737 -22.13 -8.32 31.60
N TYR B 738 -21.30 -9.17 31.00
CA TYR B 738 -21.17 -10.61 31.39
C TYR B 738 -20.63 -10.69 32.83
N LEU B 739 -19.55 -9.97 33.14
CA LEU B 739 -18.95 -9.95 34.51
C LEU B 739 -20.00 -9.51 35.54
N ALA B 740 -20.76 -8.45 35.23
CA ALA B 740 -21.87 -7.92 36.06
C ALA B 740 -22.93 -9.01 36.32
N ILE B 741 -23.39 -9.66 35.26
CA ILE B 741 -24.44 -10.71 35.30
C ILE B 741 -23.97 -11.83 36.23
N VAL B 742 -22.72 -12.24 36.08
CA VAL B 742 -22.15 -13.38 36.85
C VAL B 742 -22.09 -12.95 38.32
N GLN B 743 -21.64 -11.74 38.61
CA GLN B 743 -21.47 -11.29 40.01
C GLN B 743 -22.86 -11.00 40.63
N LEU B 744 -23.83 -10.49 39.85
CA LEU B 744 -25.21 -10.33 40.36
C LEU B 744 -25.75 -11.72 40.74
N TYR B 745 -25.55 -12.72 39.88
CA TYR B 745 -25.98 -14.11 40.11
C TYR B 745 -25.40 -14.64 41.42
N ASN B 746 -24.12 -14.36 41.66
CA ASN B 746 -23.39 -14.79 42.89
C ASN B 746 -24.07 -14.19 44.14
N ILE B 747 -24.50 -12.93 44.10
CA ILE B 747 -25.15 -12.25 45.26
C ILE B 747 -26.57 -12.82 45.39
N ALA B 748 -27.23 -13.14 44.28
CA ALA B 748 -28.65 -13.58 44.28
C ALA B 748 -28.79 -14.95 44.96
N THR B 749 -27.71 -15.72 45.11
CA THR B 749 -27.74 -17.14 45.49
C THR B 749 -27.08 -17.35 46.85
N GLN B 750 -26.94 -16.30 47.64
CA GLN B 750 -26.52 -16.46 49.05
C GLN B 750 -27.20 -15.41 49.92
N ASP B 751 -27.21 -15.69 51.23
CA ASP B 751 -27.83 -14.85 52.26
C ASP B 751 -27.11 -13.50 52.31
N GLY B 752 -27.89 -12.44 52.44
CA GLY B 752 -27.39 -11.10 52.76
C GLY B 752 -28.44 -10.06 52.45
N PRO B 753 -28.18 -8.79 52.83
CA PRO B 753 -29.18 -7.74 52.68
C PRO B 753 -29.48 -7.45 51.22
N TYR B 754 -28.57 -7.78 50.29
CA TYR B 754 -28.68 -7.39 48.85
C TYR B 754 -29.12 -8.57 47.98
N LYS B 755 -29.43 -9.72 48.57
CA LYS B 755 -29.86 -10.92 47.81
C LYS B 755 -30.98 -10.59 46.81
N GLU B 756 -32.07 -9.95 47.28
CA GLU B 756 -33.27 -9.71 46.44
C GLU B 756 -32.93 -8.64 45.41
N THR B 757 -32.23 -7.58 45.80
CA THR B 757 -31.77 -6.51 44.87
C THR B 757 -30.98 -7.17 43.73
N ALA B 758 -30.18 -8.18 44.04
CA ALA B 758 -29.29 -8.81 43.04
C ALA B 758 -30.14 -9.78 42.18
N ARG B 759 -31.11 -10.49 42.77
CA ARG B 759 -32.03 -11.42 42.03
C ARG B 759 -32.76 -10.60 40.96
N ASP B 760 -33.34 -9.48 41.35
CA ASP B 760 -34.05 -8.53 40.44
C ASP B 760 -33.08 -8.06 39.34
N LEU B 761 -31.95 -7.47 39.70
CA LEU B 761 -30.99 -6.89 38.71
C LEU B 761 -30.49 -8.00 37.77
N TYR B 762 -30.24 -9.21 38.27
CA TYR B 762 -29.70 -10.33 37.45
C TYR B 762 -30.72 -10.69 36.38
N THR B 763 -31.92 -11.02 36.82
CA THR B 763 -33.07 -11.37 35.94
C THR B 763 -33.24 -10.34 34.82
N ARG B 764 -33.25 -9.06 35.16
CA ARG B 764 -33.55 -7.99 34.19
C ARG B 764 -32.35 -7.76 33.26
N LEU B 765 -31.12 -7.72 33.78
CA LEU B 765 -29.93 -7.46 32.92
C LEU B 765 -29.73 -8.65 31.95
N ARG B 766 -29.80 -9.88 32.43
CA ARG B 766 -29.81 -11.09 31.57
C ARG B 766 -30.82 -10.87 30.45
N LYS B 767 -32.11 -10.67 30.77
CA LYS B 767 -33.20 -10.55 29.76
C LYS B 767 -32.78 -9.43 28.80
N ASN B 768 -32.35 -8.26 29.29
CA ASN B 768 -32.02 -7.10 28.43
C ASN B 768 -30.84 -7.40 27.51
N ILE B 769 -29.74 -7.96 28.03
CA ILE B 769 -28.51 -8.29 27.24
C ILE B 769 -28.86 -9.33 26.18
N VAL B 770 -29.48 -10.43 26.57
CA VAL B 770 -29.72 -11.54 25.61
C VAL B 770 -30.60 -11.00 24.48
N GLU B 771 -31.56 -10.14 24.83
CA GLU B 771 -32.58 -9.60 23.89
C GLU B 771 -31.90 -8.67 22.88
N THR B 772 -31.01 -7.79 23.30
CA THR B 772 -30.42 -6.82 22.36
C THR B 772 -29.48 -7.57 21.40
N VAL B 773 -28.79 -8.61 21.88
CA VAL B 773 -27.84 -9.36 21.01
C VAL B 773 -28.69 -10.23 20.08
N TYR B 774 -29.72 -10.87 20.61
CA TYR B 774 -30.66 -11.72 19.81
C TYR B 774 -31.28 -10.87 18.70
N ARG B 775 -31.93 -9.75 19.05
CA ARG B 775 -32.77 -8.97 18.12
C ARG B 775 -31.88 -8.45 16.98
N ASN B 776 -30.65 -8.03 17.26
CA ASN B 776 -29.70 -7.49 16.24
C ASN B 776 -29.25 -8.61 15.28
N TRP B 777 -28.98 -9.80 15.80
CA TRP B 777 -28.59 -11.00 15.01
C TRP B 777 -29.73 -11.44 14.09
N GLU B 778 -30.99 -11.33 14.56
CA GLU B 778 -32.22 -11.58 13.75
C GLU B 778 -32.30 -10.57 12.61
N GLU B 779 -32.07 -9.29 12.91
CA GLU B 779 -32.21 -8.17 11.94
C GLU B 779 -31.01 -8.15 10.95
N THR B 780 -29.77 -8.43 11.37
CA THR B 780 -28.55 -8.15 10.55
C THR B 780 -27.71 -9.39 10.25
N GLY B 781 -27.97 -10.53 10.90
CA GLY B 781 -27.15 -11.75 10.83
C GLY B 781 -25.82 -11.63 11.59
N PHE B 782 -25.56 -10.52 12.28
CA PHE B 782 -24.24 -10.22 12.90
C PHE B 782 -24.34 -10.13 14.44
N ALA B 783 -23.33 -10.71 15.11
CA ALA B 783 -22.77 -10.25 16.39
C ALA B 783 -22.02 -8.92 16.18
N TRP B 784 -22.24 -7.95 17.06
CA TRP B 784 -21.57 -6.62 16.95
C TRP B 784 -20.60 -6.43 18.10
N GLU B 785 -19.64 -5.53 17.90
CA GLU B 785 -18.58 -5.18 18.87
C GLU B 785 -19.21 -4.50 20.11
N GLN B 786 -20.21 -3.65 19.90
CA GLN B 786 -20.96 -2.96 20.97
C GLN B 786 -22.39 -2.67 20.50
N TYR B 787 -23.20 -2.10 21.40
CA TYR B 787 -24.64 -1.85 21.17
C TYR B 787 -24.98 -0.45 21.69
N ASN B 788 -25.74 0.30 20.90
CA ASN B 788 -26.21 1.68 21.20
C ASN B 788 -27.06 1.61 22.46
N PRO B 789 -26.77 2.47 23.47
CA PRO B 789 -27.54 2.50 24.71
C PRO B 789 -28.92 3.16 24.57
N GLU B 790 -29.15 3.93 23.50
CA GLU B 790 -30.40 4.69 23.21
C GLU B 790 -31.34 3.87 22.34
N THR B 791 -30.83 3.20 21.30
CA THR B 791 -31.64 2.45 20.29
C THR B 791 -31.48 0.96 20.52
N GLY B 792 -30.31 0.53 21.01
CA GLY B 792 -29.95 -0.90 21.12
C GLY B 792 -29.41 -1.47 19.81
N LYS B 793 -29.18 -0.65 18.78
CA LYS B 793 -28.67 -1.10 17.45
C LYS B 793 -27.20 -1.49 17.59
N GLY B 794 -26.81 -2.64 17.01
CA GLY B 794 -25.40 -3.06 16.84
C GLY B 794 -24.60 -1.99 16.12
N GLN B 795 -23.43 -1.65 16.65
CA GLN B 795 -22.60 -0.46 16.30
C GLN B 795 -21.14 -0.93 16.18
N ARG B 796 -20.25 -0.12 15.64
CA ARG B 796 -18.84 -0.52 15.35
C ARG B 796 -18.82 -1.82 14.54
N THR B 797 -17.83 -2.70 14.74
CA THR B 797 -17.53 -3.78 13.75
C THR B 797 -18.49 -4.98 13.92
N GLN B 798 -18.84 -5.57 12.78
CA GLN B 798 -19.63 -6.81 12.65
C GLN B 798 -18.69 -7.99 12.82
N HIS B 799 -19.26 -9.19 12.90
CA HIS B 799 -18.53 -10.49 13.07
C HIS B 799 -17.66 -10.48 14.33
N PHE B 800 -18.13 -9.88 15.43
CA PHE B 800 -17.36 -9.82 16.71
C PHE B 800 -17.70 -11.05 17.57
N THR B 801 -17.10 -12.17 17.21
CA THR B 801 -17.21 -13.45 17.94
C THR B 801 -15.80 -13.97 18.21
N GLY B 802 -15.02 -13.29 19.06
CA GLY B 802 -15.40 -12.10 19.80
C GLY B 802 -16.24 -12.42 21.05
N TRP B 803 -16.06 -11.61 22.09
CA TRP B 803 -16.63 -11.88 23.44
C TRP B 803 -18.15 -11.64 23.45
N THR B 804 -18.73 -11.05 22.41
CA THR B 804 -20.20 -10.94 22.25
C THR B 804 -20.84 -12.33 22.30
N SER B 805 -20.10 -13.36 21.91
CA SER B 805 -20.57 -14.77 21.99
C SER B 805 -20.71 -15.26 23.44
N LEU B 806 -20.36 -14.46 24.44
CA LEU B 806 -20.64 -14.76 25.86
C LEU B 806 -22.16 -14.90 26.08
N VAL B 807 -22.96 -14.29 25.23
CA VAL B 807 -24.44 -14.35 25.29
C VAL B 807 -24.89 -15.81 25.40
N VAL B 808 -24.11 -16.76 24.85
CA VAL B 808 -24.41 -18.22 24.95
C VAL B 808 -24.42 -18.64 26.42
N LYS B 809 -23.44 -18.21 27.22
CA LYS B 809 -23.35 -18.61 28.65
C LYS B 809 -24.43 -17.85 29.42
N ILE B 810 -24.66 -16.59 29.06
CA ILE B 810 -25.70 -15.76 29.72
C ILE B 810 -27.05 -16.47 29.62
N MET B 811 -27.34 -17.11 28.49
CA MET B 811 -28.62 -17.86 28.27
C MET B 811 -28.61 -19.17 29.06
N SER B 812 -27.44 -19.73 29.35
CA SER B 812 -27.28 -21.07 29.95
C SER B 812 -27.41 -21.03 31.47
N GLY B 813 -27.20 -19.86 32.11
CA GLY B 813 -27.20 -19.72 33.60
C GLY B 813 -25.91 -20.23 34.22
N HIS B 814 -25.74 -20.11 35.55
CA HIS B 814 -24.46 -20.41 36.27
C HIS B 814 -24.74 -21.45 37.37
#